data_6KAL
#
_entry.id   6KAL
#
_cell.length_a   77.583
_cell.length_b   118.674
_cell.length_c   252.695
_cell.angle_alpha   90.00
_cell.angle_beta   90.00
_cell.angle_gamma   90.00
#
_symmetry.space_group_name_H-M   'P 21 21 21'
#
loop_
_entity.id
_entity.type
_entity.pdbx_description
1 polymer 'Fukutin-related protein'
2 non-polymer 'ZINC ION'
3 non-polymer 2-acetamido-2-deoxy-beta-D-glucopyranose
4 non-polymer "CYTIDINE-5'-MONOPHOSPHATE"
5 non-polymer 'MAGNESIUM ION'
6 water water
#
_entity_poly.entity_id   1
_entity_poly.type   'polypeptide(L)'
_entity_poly.pdbx_seq_one_letter_code
;GGRPAGPRVTVLVREFEAFDNAVPELVDSFLQQDPAQPVVVAADTLPYPPLALPRIPNVRLALLQPALDRPAAASRPETY
VATEFVALVPDGARAEAPGLLERMVEALRAGSARLVAAPVATANPARCLALNVSLREWTARYGAAPAAPRCDALDGDAVV
LLRARDLFNLSAPLARPVGTSLFLQTALRGWAVQLLDLTFAAARQPPLATAHARWKAEREGRARRAALLRALGIRLVSWE
GGRLEWFGCNKETTRCFGTVVGDTPAYLYEERWTPPCCLRALRETARYVVGVLEAAGVRYWLEGGSLLGAARHGDIIPWD
YDVDLGIYLEDVGNCEQLRGAEAGSVVDERGFVWEKAVEGDFFRVQYSESNHLHVDLWPFYPRNGVMTKDTWLDHRQDVE
FPEHFLQPLVPLPFAGFVAQAPNNYRRFLELKFGPGVIENPQYPNPALLSLTGSG
;
_entity_poly.pdbx_strand_id   A,B,C,D
#
# COMPACT_ATOMS: atom_id res chain seq x y z
N GLY A 6 20.50 -4.48 36.75
CA GLY A 6 19.39 -3.63 36.37
C GLY A 6 18.19 -4.43 35.90
N PRO A 7 16.99 -4.01 36.31
CA PRO A 7 15.79 -4.79 35.94
C PRO A 7 15.54 -4.75 34.45
N ARG A 8 15.15 -5.89 33.89
CA ARG A 8 14.91 -6.01 32.47
C ARG A 8 13.43 -6.17 32.13
N VAL A 9 12.53 -6.12 33.12
CA VAL A 9 11.09 -6.29 32.92
C VAL A 9 10.36 -5.10 33.53
N THR A 10 9.42 -4.53 32.78
CA THR A 10 8.52 -3.52 33.32
C THR A 10 7.14 -4.13 33.53
N VAL A 11 6.69 -4.20 34.78
CA VAL A 11 5.34 -4.65 35.07
C VAL A 11 4.36 -3.59 34.58
N LEU A 12 3.33 -4.03 33.84
CA LEU A 12 2.33 -3.12 33.29
C LEU A 12 0.96 -3.63 33.69
N VAL A 13 0.17 -2.77 34.33
CA VAL A 13 -1.16 -3.10 34.85
C VAL A 13 -2.18 -2.29 34.06
N ARG A 14 -3.11 -2.99 33.39
CA ARG A 14 -4.13 -2.32 32.59
C ARG A 14 -5.53 -2.76 32.97
N GLU A 15 -5.70 -4.01 33.40
CA GLU A 15 -7.02 -4.54 33.72
C GLU A 15 -7.25 -4.42 35.21
N PHE A 16 -7.93 -3.35 35.59
CA PHE A 16 -8.45 -3.16 36.94
C PHE A 16 -9.65 -2.23 36.82
N GLU A 17 -10.41 -2.13 37.90
CA GLU A 17 -11.52 -1.21 37.98
C GLU A 17 -11.18 -0.11 38.98
N ALA A 18 -11.45 1.15 38.60
CA ALA A 18 -11.17 2.26 39.51
C ALA A 18 -12.03 2.18 40.77
N PHE A 19 -13.28 1.70 40.66
CA PHE A 19 -14.14 1.66 41.84
C PHE A 19 -13.80 0.52 42.80
N ASP A 20 -13.00 -0.46 42.38
CA ASP A 20 -12.66 -1.60 43.22
C ASP A 20 -11.47 -2.34 42.61
N ASN A 21 -10.33 -2.35 43.29
CA ASN A 21 -9.13 -2.96 42.75
C ASN A 21 -8.17 -3.28 43.89
N ALA A 22 -7.19 -4.12 43.57
CA ALA A 22 -6.09 -4.40 44.47
C ALA A 22 -4.76 -3.98 43.85
N VAL A 23 -4.82 -2.92 43.02
CA VAL A 23 -3.59 -2.43 42.39
C VAL A 23 -2.58 -1.94 43.40
N PRO A 24 -2.95 -1.18 44.44
CA PRO A 24 -1.94 -0.82 45.45
C PRO A 24 -1.23 -2.03 46.03
N GLU A 25 -1.94 -3.14 46.28
CA GLU A 25 -1.28 -4.32 46.81
C GLU A 25 -0.38 -4.98 45.78
N LEU A 26 -0.87 -5.10 44.54
CA LEU A 26 -0.06 -5.59 43.43
C LEU A 26 1.27 -4.85 43.39
N VAL A 27 1.20 -3.52 43.33
CA VAL A 27 2.41 -2.72 43.17
C VAL A 27 3.34 -2.93 44.36
N ASP A 28 2.79 -2.91 45.57
CA ASP A 28 3.63 -3.08 46.76
C ASP A 28 4.33 -4.44 46.76
N SER A 29 3.65 -5.47 46.25
CA SER A 29 4.25 -6.81 46.25
C SER A 29 5.46 -6.88 45.33
N PHE A 30 5.41 -6.22 44.18
CA PHE A 30 6.53 -6.27 43.25
C PHE A 30 7.68 -5.40 43.74
N LEU A 31 7.37 -4.25 44.34
CA LEU A 31 8.40 -3.45 44.97
C LEU A 31 8.97 -4.15 46.21
N GLN A 32 8.18 -5.00 46.86
CA GLN A 32 8.66 -5.74 48.03
C GLN A 32 9.79 -6.70 47.66
N GLN A 33 9.93 -7.07 46.39
CA GLN A 33 11.00 -7.96 45.97
C GLN A 33 12.15 -7.25 45.27
N ASP A 34 11.92 -6.06 44.71
CA ASP A 34 12.95 -5.22 44.12
C ASP A 34 12.46 -3.78 44.19
N PRO A 35 12.90 -3.00 45.18
CA PRO A 35 12.37 -1.64 45.34
C PRO A 35 12.62 -0.71 44.16
N ALA A 36 13.42 -1.13 43.17
CA ALA A 36 13.62 -0.37 41.96
C ALA A 36 12.89 -0.95 40.77
N GLN A 37 12.11 -2.01 40.96
CA GLN A 37 11.34 -2.62 39.90
C GLN A 37 10.51 -1.57 39.16
N PRO A 38 10.61 -1.46 37.84
CA PRO A 38 9.71 -0.56 37.10
C PRO A 38 8.31 -1.14 37.08
N VAL A 39 7.33 -0.33 37.47
CA VAL A 39 5.92 -0.69 37.40
C VAL A 39 5.17 0.46 36.77
N VAL A 40 4.34 0.15 35.77
CA VAL A 40 3.49 1.13 35.11
C VAL A 40 2.04 0.69 35.27
N VAL A 41 1.19 1.62 35.71
CA VAL A 41 -0.25 1.45 35.74
C VAL A 41 -0.84 2.32 34.66
N ALA A 42 -1.57 1.71 33.72
CA ALA A 42 -2.15 2.43 32.59
C ALA A 42 -3.66 2.58 32.77
N ALA A 43 -4.18 3.72 32.38
CA ALA A 43 -5.62 3.95 32.50
C ALA A 43 -6.03 4.99 31.47
N ASP A 44 -7.32 4.97 31.11
CA ASP A 44 -7.81 5.97 30.16
C ASP A 44 -7.93 7.33 30.83
N THR A 45 -8.39 7.38 32.07
CA THR A 45 -8.45 8.61 32.83
C THR A 45 -7.78 8.37 34.18
N LEU A 46 -7.59 9.43 34.93
CA LEU A 46 -6.95 9.29 36.24
C LEU A 46 -7.84 8.46 37.16
N PRO A 47 -7.39 7.30 37.64
CA PRO A 47 -8.27 6.42 38.42
C PRO A 47 -8.71 7.09 39.72
N TYR A 48 -10.04 7.08 39.95
CA TYR A 48 -10.65 7.63 41.16
C TYR A 48 -11.59 6.58 41.74
N PRO A 49 -11.55 6.32 43.06
CA PRO A 49 -10.72 6.91 44.12
C PRO A 49 -9.24 6.74 43.87
N PRO A 50 -8.42 7.60 44.49
CA PRO A 50 -6.99 7.61 44.17
C PRO A 50 -6.33 6.27 44.46
N LEU A 51 -5.36 5.92 43.61
CA LEU A 51 -4.58 4.72 43.85
C LEU A 51 -3.53 4.92 44.92
N ALA A 52 -3.06 6.17 45.08
CA ALA A 52 -1.96 6.47 45.99
C ALA A 52 -0.88 5.41 45.87
N LEU A 53 -0.21 5.39 44.73
CA LEU A 53 0.95 4.55 44.54
C LEU A 53 2.16 5.22 45.17
N PRO A 54 3.19 4.46 45.52
CA PRO A 54 4.41 5.08 46.04
C PRO A 54 4.95 6.16 45.11
N ARG A 55 5.10 7.39 45.61
CA ARG A 55 5.61 8.50 44.81
C ARG A 55 7.11 8.32 44.55
N ILE A 56 7.43 7.32 43.73
CA ILE A 56 8.80 6.87 43.48
C ILE A 56 9.01 6.94 41.96
N PRO A 57 10.22 7.16 41.46
CA PRO A 57 10.37 7.35 40.02
C PRO A 57 10.09 6.12 39.17
N ASN A 58 10.27 4.90 39.68
CA ASN A 58 10.01 3.72 38.85
C ASN A 58 8.57 3.26 38.86
N VAL A 59 7.69 3.94 39.61
CA VAL A 59 6.25 3.71 39.54
C VAL A 59 5.64 4.93 38.86
N ARG A 60 4.92 4.71 37.75
CA ARG A 60 4.32 5.82 37.04
CA ARG A 60 4.35 5.79 36.97
C ARG A 60 2.94 5.44 36.54
N LEU A 61 2.06 6.44 36.52
CA LEU A 61 0.71 6.29 36.01
C LEU A 61 0.71 6.78 34.57
N ALA A 62 0.37 5.88 33.63
CA ALA A 62 0.33 6.23 32.22
C ALA A 62 -1.13 6.45 31.84
N LEU A 63 -1.51 7.74 31.68
CA LEU A 63 -2.86 8.10 31.25
C LEU A 63 -2.88 8.18 29.74
N LEU A 64 -3.72 7.36 29.11
CA LEU A 64 -3.61 7.08 27.69
C LEU A 64 -4.60 7.87 26.84
N GLN A 65 -5.18 8.94 27.35
CA GLN A 65 -6.12 9.69 26.54
C GLN A 65 -5.54 11.04 26.16
N PRO A 66 -6.01 11.64 25.08
CA PRO A 66 -5.50 12.95 24.68
C PRO A 66 -5.78 14.02 25.72
N ALA A 67 -4.88 14.99 25.81
CA ALA A 67 -4.93 16.02 26.83
C ALA A 67 -4.40 17.31 26.25
N LEU A 68 -5.08 18.41 26.57
CA LEU A 68 -4.76 19.68 25.94
C LEU A 68 -3.37 20.20 26.31
N ASP A 69 -2.78 19.70 27.40
CA ASP A 69 -1.52 20.22 27.93
C ASP A 69 -0.41 19.18 27.96
N ARG A 70 -0.54 18.10 27.19
CA ARG A 70 0.47 17.05 27.22
C ARG A 70 0.99 16.77 25.81
N PRO A 71 2.23 16.35 25.67
CA PRO A 71 2.76 16.03 24.34
C PRO A 71 2.23 14.68 23.87
N ALA A 72 2.39 14.45 22.57
CA ALA A 72 1.95 13.19 21.97
C ALA A 72 2.48 11.98 22.72
N ALA A 73 3.74 12.04 23.16
CA ALA A 73 4.38 10.91 23.83
C ALA A 73 3.66 10.50 25.12
N ALA A 74 2.81 11.36 25.69
CA ALA A 74 2.25 11.07 27.01
C ALA A 74 1.18 10.00 26.95
N SER A 75 0.42 9.94 25.87
CA SER A 75 -0.61 8.92 25.70
C SER A 75 -0.09 7.67 24.99
N ARG A 76 1.20 7.60 24.72
CA ARG A 76 1.78 6.42 24.09
C ARG A 76 2.46 5.56 25.14
N PRO A 77 1.99 4.33 25.36
CA PRO A 77 2.52 3.53 26.48
C PRO A 77 4.00 3.19 26.41
N GLU A 78 4.59 3.11 25.21
CA GLU A 78 6.02 2.75 25.14
C GLU A 78 6.91 3.82 25.77
N THR A 79 6.45 5.07 25.77
CA THR A 79 7.11 6.13 26.53
C THR A 79 7.47 5.69 27.95
N TYR A 80 6.60 4.92 28.60
CA TYR A 80 6.72 4.63 30.02
C TYR A 80 7.53 3.38 30.31
N VAL A 81 8.12 2.75 29.30
CA VAL A 81 8.83 1.49 29.42
C VAL A 81 10.24 1.66 28.87
N ALA A 82 11.23 1.45 29.72
CA ALA A 82 12.64 1.53 29.34
C ALA A 82 13.28 0.16 29.18
N THR A 83 12.55 -0.91 29.45
CA THR A 83 13.09 -2.26 29.47
C THR A 83 12.80 -2.98 28.17
N GLU A 84 13.53 -4.08 27.94
CA GLU A 84 13.27 -4.91 26.77
C GLU A 84 11.94 -5.63 26.88
N PHE A 85 11.57 -6.06 28.09
CA PHE A 85 10.39 -6.89 28.29
C PHE A 85 9.33 -6.14 29.10
N VAL A 86 8.07 -6.49 28.85
CA VAL A 86 6.92 -5.99 29.59
C VAL A 86 6.15 -7.19 30.12
N ALA A 87 5.72 -7.11 31.39
CA ALA A 87 4.89 -8.13 32.02
C ALA A 87 3.51 -7.51 32.28
N LEU A 88 2.55 -7.85 31.42
CA LEU A 88 1.17 -7.51 31.69
C LEU A 88 0.69 -8.29 32.90
N VAL A 89 0.33 -7.59 33.98
CA VAL A 89 -0.11 -8.22 35.22
C VAL A 89 -1.56 -7.81 35.45
N PRO A 90 -2.46 -8.76 35.68
CA PRO A 90 -3.86 -8.40 35.94
C PRO A 90 -4.10 -8.10 37.41
N ASP A 91 -5.09 -7.25 37.66
CA ASP A 91 -5.47 -6.96 39.03
C ASP A 91 -5.93 -8.24 39.72
N GLY A 92 -5.55 -8.39 40.98
CA GLY A 92 -5.74 -9.63 41.70
C GLY A 92 -4.49 -10.46 41.84
N ALA A 93 -3.45 -10.14 41.08
CA ALA A 93 -2.19 -10.86 41.17
C ALA A 93 -1.32 -10.25 42.25
N ARG A 94 -0.32 -11.02 42.66
CA ARG A 94 0.59 -10.60 43.72
C ARG A 94 1.92 -11.30 43.52
N ALA A 95 3.01 -10.59 43.80
CA ALA A 95 4.35 -11.15 43.71
C ALA A 95 4.76 -11.60 45.10
N GLU A 96 4.52 -12.89 45.38
CA GLU A 96 4.93 -13.46 46.66
C GLU A 96 6.29 -14.13 46.56
N ALA A 97 6.58 -14.75 45.41
CA ALA A 97 7.83 -15.47 45.22
C ALA A 97 8.79 -14.60 44.43
N PRO A 98 9.89 -14.15 45.02
CA PRO A 98 10.88 -13.38 44.27
C PRO A 98 11.47 -14.20 43.14
N GLY A 99 11.68 -13.56 42.00
CA GLY A 99 12.44 -14.15 40.92
C GLY A 99 11.65 -14.70 39.77
N LEU A 100 10.32 -14.76 39.88
CA LEU A 100 9.54 -15.37 38.79
C LEU A 100 9.57 -14.53 37.53
N LEU A 101 9.70 -13.20 37.67
CA LEU A 101 9.68 -12.33 36.49
C LEU A 101 10.78 -12.70 35.50
N GLU A 102 11.97 -13.02 36.00
CA GLU A 102 13.11 -13.35 35.15
C GLU A 102 13.13 -14.82 34.73
N ARG A 103 12.49 -15.72 35.48
CA ARG A 103 12.27 -17.07 34.97
C ARG A 103 11.37 -17.05 33.76
N MET A 104 10.41 -16.12 33.72
CA MET A 104 9.64 -15.91 32.50
C MET A 104 10.49 -15.33 31.39
N VAL A 105 11.53 -14.55 31.73
CA VAL A 105 12.40 -13.98 30.72
C VAL A 105 13.35 -15.04 30.16
N GLU A 106 13.96 -15.83 31.06
CA GLU A 106 14.80 -16.94 30.60
C GLU A 106 13.99 -17.95 29.81
N ALA A 107 12.76 -18.23 30.25
CA ALA A 107 11.88 -19.12 29.49
C ALA A 107 11.58 -18.56 28.12
N LEU A 108 11.29 -17.26 28.04
CA LEU A 108 10.97 -16.65 26.75
C LEU A 108 12.16 -16.69 25.81
N ARG A 109 13.35 -16.43 26.34
CA ARG A 109 14.54 -16.43 25.51
C ARG A 109 14.88 -17.84 25.04
N ALA A 110 14.73 -18.82 25.93
CA ALA A 110 15.09 -20.21 25.63
C ALA A 110 14.02 -20.96 24.86
N GLY A 111 12.84 -20.37 24.64
CA GLY A 111 11.77 -21.01 23.90
C GLY A 111 11.58 -20.41 22.53
N SER A 112 10.47 -20.81 21.89
CA SER A 112 10.15 -20.38 20.53
C SER A 112 8.83 -19.65 20.40
N ALA A 113 8.15 -19.31 21.49
CA ALA A 113 6.90 -18.55 21.45
C ALA A 113 7.20 -17.09 21.75
N ARG A 114 6.55 -16.19 21.01
CA ARG A 114 6.84 -14.78 21.23
C ARG A 114 6.22 -14.23 22.51
N LEU A 115 5.31 -14.96 23.14
CA LEU A 115 4.74 -14.59 24.42
C LEU A 115 4.85 -15.78 25.38
N VAL A 116 5.12 -15.49 26.66
CA VAL A 116 4.98 -16.51 27.69
C VAL A 116 4.07 -15.98 28.78
N ALA A 117 3.44 -16.89 29.51
CA ALA A 117 2.45 -16.51 30.50
C ALA A 117 2.52 -17.45 31.69
N ALA A 118 2.12 -16.93 32.85
CA ALA A 118 2.00 -17.73 34.05
C ALA A 118 0.62 -17.47 34.64
N PRO A 119 -0.12 -18.52 35.01
CA PRO A 119 -1.43 -18.29 35.63
C PRO A 119 -1.28 -17.62 36.99
N VAL A 120 -2.21 -16.71 37.28
CA VAL A 120 -2.39 -16.19 38.63
C VAL A 120 -3.37 -17.10 39.35
N ALA A 121 -3.08 -17.43 40.60
CA ALA A 121 -3.86 -18.43 41.32
C ALA A 121 -5.14 -17.83 41.91
N THR A 122 -5.97 -17.28 41.03
CA THR A 122 -7.25 -16.72 41.44
C THR A 122 -8.33 -17.79 41.32
N ALA A 123 -9.60 -17.39 41.34
CA ALA A 123 -10.69 -18.30 41.06
C ALA A 123 -10.80 -18.60 39.57
N ASN A 124 -10.16 -17.79 38.73
CA ASN A 124 -10.22 -17.93 37.27
C ASN A 124 -8.81 -18.07 36.69
N PRO A 125 -8.08 -19.13 37.04
CA PRO A 125 -6.70 -19.25 36.56
C PRO A 125 -6.66 -19.51 35.06
N ALA A 126 -5.63 -18.96 34.42
CA ALA A 126 -5.60 -18.90 32.96
C ALA A 126 -5.61 -20.30 32.34
N ARG A 127 -6.43 -20.46 31.31
CA ARG A 127 -6.54 -21.70 30.58
C ARG A 127 -6.08 -21.50 29.14
N CYS A 128 -5.44 -22.53 28.61
CA CYS A 128 -4.87 -22.52 27.27
C CYS A 128 -5.97 -22.69 26.22
N LEU A 129 -5.94 -21.86 25.17
CA LEU A 129 -6.95 -21.93 24.12
C LEU A 129 -6.32 -21.84 22.74
N ALA A 130 -7.00 -22.45 21.76
CA ALA A 130 -6.76 -22.16 20.35
C ALA A 130 -7.63 -20.98 19.89
N LEU A 131 -7.16 -20.29 18.84
CA LEU A 131 -7.87 -19.14 18.28
C LEU A 131 -7.33 -18.86 16.88
N ASN A 132 -8.16 -18.94 15.84
CA ASN A 132 -7.78 -18.54 14.48
C ASN A 132 -8.69 -17.32 14.30
N VAL A 133 -8.15 -16.15 13.94
CA VAL A 133 -8.94 -14.97 13.58
C VAL A 133 -9.05 -14.92 12.07
N SER A 134 -10.20 -14.50 11.55
CA SER A 134 -10.35 -14.29 10.12
C SER A 134 -10.98 -12.93 9.88
N LEU A 135 -10.18 -11.96 9.44
CA LEU A 135 -10.75 -10.66 9.18
C LEU A 135 -11.67 -10.68 7.97
N ARG A 136 -11.41 -11.55 6.99
CA ARG A 136 -12.30 -11.61 5.85
C ARG A 136 -13.69 -12.08 6.24
N GLU A 137 -13.79 -12.96 7.24
CA GLU A 137 -15.07 -13.48 7.69
C GLU A 137 -15.51 -12.85 9.02
N TRP A 138 -14.78 -11.84 9.48
CA TRP A 138 -15.13 -11.11 10.71
C TRP A 138 -15.40 -12.05 11.88
N THR A 139 -14.60 -13.11 12.00
CA THR A 139 -14.83 -14.14 12.99
C THR A 139 -13.57 -14.41 13.80
N ALA A 140 -13.75 -14.57 15.10
CA ALA A 140 -12.77 -15.21 15.96
C ALA A 140 -13.30 -16.58 16.38
N ARG A 141 -12.52 -17.62 16.14
CA ARG A 141 -12.94 -18.99 16.44
C ARG A 141 -12.05 -19.54 17.55
N TYR A 142 -12.60 -19.66 18.75
CA TYR A 142 -11.87 -20.23 19.87
C TYR A 142 -12.15 -21.73 19.99
N GLY A 143 -11.22 -22.42 20.63
CA GLY A 143 -11.42 -23.83 20.94
C GLY A 143 -10.41 -24.32 21.95
N ALA A 144 -10.55 -25.59 22.32
CA ALA A 144 -9.54 -26.22 23.16
C ALA A 144 -8.21 -26.23 22.42
N ALA A 145 -7.13 -26.02 23.17
CA ALA A 145 -5.79 -25.91 22.61
C ALA A 145 -5.17 -27.27 22.36
N PRO A 146 -5.02 -27.68 21.10
CA PRO A 146 -4.52 -29.04 20.84
C PRO A 146 -3.07 -29.25 21.24
N ALA A 147 -2.25 -28.20 21.21
CA ALA A 147 -0.82 -28.32 21.48
C ALA A 147 -0.42 -27.64 22.79
N ALA A 148 -1.33 -27.57 23.75
CA ALA A 148 -0.99 -27.07 25.07
C ALA A 148 0.24 -27.79 25.60
N PRO A 149 1.11 -27.12 26.37
CA PRO A 149 1.01 -25.75 26.89
C PRO A 149 1.27 -24.63 25.86
N ARG A 150 1.26 -24.93 24.57
CA ARG A 150 1.41 -23.91 23.54
C ARG A 150 0.03 -23.50 23.01
N CYS A 151 -0.32 -22.23 23.22
CA CYS A 151 -1.64 -21.69 22.93
C CYS A 151 -1.58 -20.60 21.88
N ASP A 152 -2.73 -20.28 21.31
CA ASP A 152 -2.93 -19.03 20.60
C ASP A 152 -3.50 -17.94 21.49
N ALA A 153 -4.22 -18.32 22.54
CA ALA A 153 -4.90 -17.36 23.39
C ALA A 153 -5.04 -17.93 24.79
N LEU A 154 -5.29 -17.05 25.76
CA LEU A 154 -5.57 -17.46 27.13
C LEU A 154 -6.96 -17.00 27.51
N ASP A 155 -7.54 -17.73 28.46
CA ASP A 155 -8.81 -17.38 29.10
C ASP A 155 -8.60 -17.47 30.60
N GLY A 156 -8.81 -16.38 31.30
CA GLY A 156 -8.53 -16.34 32.71
C GLY A 156 -7.34 -15.46 33.00
N ASP A 157 -6.88 -15.53 34.26
CA ASP A 157 -5.93 -14.57 34.80
C ASP A 157 -4.52 -15.07 34.58
N ALA A 158 -3.72 -14.29 33.86
CA ALA A 158 -2.36 -14.69 33.58
C ALA A 158 -1.49 -13.45 33.52
N VAL A 159 -0.33 -13.53 34.16
CA VAL A 159 0.74 -12.59 33.87
C VAL A 159 1.34 -12.98 32.53
N VAL A 160 1.27 -12.06 31.56
CA VAL A 160 1.75 -12.31 30.20
C VAL A 160 2.97 -11.42 29.95
N LEU A 161 4.06 -12.04 29.52
CA LEU A 161 5.31 -11.32 29.31
C LEU A 161 5.74 -11.48 27.85
N LEU A 162 6.07 -10.36 27.21
CA LEU A 162 6.59 -10.33 25.85
C LEU A 162 7.53 -9.15 25.74
N ARG A 163 8.23 -9.07 24.62
CA ARG A 163 9.14 -7.96 24.38
C ARG A 163 8.34 -6.68 24.22
N ALA A 164 8.86 -5.60 24.81
CA ALA A 164 8.27 -4.28 24.63
C ALA A 164 8.10 -3.97 23.14
N ARG A 165 9.16 -4.19 22.35
CA ARG A 165 9.12 -3.96 20.91
C ARG A 165 7.99 -4.75 20.24
N ASP A 166 7.69 -5.96 20.73
CA ASP A 166 6.59 -6.72 20.16
C ASP A 166 5.24 -6.13 20.55
N LEU A 167 5.05 -5.85 21.85
CA LEU A 167 3.74 -5.43 22.35
C LEU A 167 3.34 -4.07 21.80
N PHE A 168 4.23 -3.08 21.88
CA PHE A 168 3.87 -1.70 21.54
C PHE A 168 3.91 -1.42 20.04
N ASN A 169 4.22 -2.42 19.22
CA ASN A 169 4.09 -2.23 17.78
C ASN A 169 2.75 -2.74 17.25
N LEU A 170 1.99 -3.48 18.06
CA LEU A 170 0.61 -3.75 17.71
C LEU A 170 -0.20 -2.46 17.71
N SER A 171 -1.34 -2.51 17.01
CA SER A 171 -2.14 -1.31 16.83
C SER A 171 -2.86 -0.91 18.11
N ALA A 172 -3.29 -1.90 18.89
CA ALA A 172 -4.09 -1.67 20.09
C ALA A 172 -3.52 -2.48 21.25
N PRO A 173 -2.29 -2.17 21.66
CA PRO A 173 -1.60 -3.05 22.62
C PRO A 173 -2.30 -3.14 23.96
N LEU A 174 -2.92 -2.05 24.43
CA LEU A 174 -3.56 -2.03 25.75
C LEU A 174 -5.06 -1.89 25.66
N ALA A 175 -5.66 -2.22 24.52
CA ALA A 175 -7.12 -2.08 24.40
C ALA A 175 -7.83 -3.07 25.31
N ARG A 176 -8.97 -2.66 25.80
CA ARG A 176 -9.58 -3.50 26.82
C ARG A 176 -10.77 -4.26 26.26
N PRO A 177 -11.04 -5.49 26.75
CA PRO A 177 -10.26 -6.22 27.76
C PRO A 177 -8.98 -6.81 27.18
N VAL A 178 -7.85 -6.61 27.85
CA VAL A 178 -6.57 -7.01 27.29
C VAL A 178 -6.55 -8.50 26.96
N GLY A 179 -7.25 -9.31 27.76
CA GLY A 179 -7.35 -10.75 27.51
C GLY A 179 -8.04 -11.09 26.21
N THR A 180 -8.87 -10.20 25.69
CA THR A 180 -9.40 -10.38 24.34
C THR A 180 -8.52 -9.70 23.30
N SER A 181 -8.19 -8.42 23.51
CA SER A 181 -7.56 -7.63 22.44
C SER A 181 -6.16 -8.13 22.14
N LEU A 182 -5.37 -8.47 23.16
CA LEU A 182 -3.99 -8.89 22.93
C LEU A 182 -3.92 -10.10 22.02
N PHE A 183 -4.67 -11.15 22.37
CA PHE A 183 -4.55 -12.41 21.67
C PHE A 183 -5.24 -12.41 20.31
N LEU A 184 -6.26 -11.56 20.11
CA LEU A 184 -6.77 -11.36 18.76
C LEU A 184 -5.68 -10.84 17.85
N GLN A 185 -4.82 -9.96 18.36
CA GLN A 185 -3.76 -9.40 17.55
C GLN A 185 -2.59 -10.37 17.38
N THR A 186 -2.22 -11.06 18.46
CA THR A 186 -1.07 -11.96 18.39
C THR A 186 -1.41 -13.25 17.65
N ALA A 187 -2.62 -13.79 17.86
CA ALA A 187 -3.00 -14.99 17.12
C ALA A 187 -3.12 -14.69 15.64
N LEU A 188 -3.59 -13.49 15.28
CA LEU A 188 -3.68 -13.15 13.87
C LEU A 188 -2.32 -13.19 13.20
N ARG A 189 -1.27 -12.79 13.93
CA ARG A 189 0.09 -12.78 13.41
C ARG A 189 0.73 -14.16 13.43
N GLY A 190 0.04 -15.17 13.92
CA GLY A 190 0.65 -16.47 14.04
C GLY A 190 1.57 -16.60 15.24
N TRP A 191 1.50 -15.67 16.18
CA TRP A 191 2.31 -15.77 17.37
C TRP A 191 1.72 -16.78 18.34
N ALA A 192 2.57 -17.32 19.19
CA ALA A 192 2.18 -18.32 20.16
C ALA A 192 2.45 -17.80 21.56
N VAL A 193 1.64 -18.23 22.51
CA VAL A 193 1.86 -17.95 23.92
C VAL A 193 2.04 -19.29 24.62
N GLN A 194 3.14 -19.44 25.33
CA GLN A 194 3.42 -20.67 26.07
C GLN A 194 3.07 -20.46 27.54
N LEU A 195 2.09 -21.21 28.02
CA LEU A 195 1.64 -21.11 29.40
C LEU A 195 2.62 -21.89 30.27
N LEU A 196 3.49 -21.17 30.98
CA LEU A 196 4.52 -21.82 31.77
C LEU A 196 3.92 -22.49 32.99
N ASP A 197 4.73 -23.35 33.63
CA ASP A 197 4.37 -24.00 34.88
C ASP A 197 4.86 -23.19 36.09
N LEU A 198 4.63 -21.89 36.04
CA LEU A 198 4.83 -21.03 37.20
C LEU A 198 3.49 -20.41 37.58
N THR A 199 3.34 -20.07 38.86
CA THR A 199 2.09 -19.55 39.36
C THR A 199 2.35 -18.30 40.19
N PHE A 200 1.58 -17.25 39.92
CA PHE A 200 1.57 -16.07 40.76
C PHE A 200 0.50 -16.22 41.82
N ALA A 201 0.77 -15.65 42.99
CA ALA A 201 -0.19 -15.69 44.08
C ALA A 201 -1.29 -14.65 43.85
N ALA A 202 -2.47 -14.96 44.39
CA ALA A 202 -3.54 -13.97 44.35
C ALA A 202 -3.33 -12.93 45.44
N ALA A 203 -3.93 -11.76 45.24
CA ALA A 203 -3.88 -10.71 46.24
C ALA A 203 -4.43 -11.21 47.56
N ARG A 204 -3.78 -10.83 48.67
CA ARG A 204 -4.23 -11.27 49.98
C ARG A 204 -5.60 -10.72 50.33
N GLN A 205 -5.93 -9.52 49.86
CA GLN A 205 -7.29 -8.99 49.93
C GLN A 205 -7.72 -8.75 48.48
N PRO A 206 -8.36 -9.72 47.86
CA PRO A 206 -8.58 -9.67 46.41
C PRO A 206 -9.66 -8.69 46.04
N PRO A 207 -9.63 -8.16 44.82
CA PRO A 207 -10.63 -7.17 44.42
C PRO A 207 -11.95 -7.82 44.06
N LEU A 208 -13.01 -7.01 44.11
CA LEU A 208 -14.34 -7.43 43.67
C LEU A 208 -14.80 -8.68 44.43
N ALA A 209 -14.73 -8.62 45.76
CA ALA A 209 -14.98 -9.78 46.60
C ALA A 209 -16.46 -9.98 46.91
N THR A 210 -17.34 -9.05 46.55
CA THR A 210 -18.77 -9.22 46.72
C THR A 210 -19.43 -9.46 45.37
N ALA A 211 -20.63 -10.02 45.41
CA ALA A 211 -21.35 -10.27 44.16
C ALA A 211 -21.70 -8.96 43.46
N HIS A 212 -22.07 -7.94 44.23
CA HIS A 212 -22.43 -6.66 43.63
C HIS A 212 -21.23 -6.03 42.93
N ALA A 213 -20.07 -6.02 43.60
CA ALA A 213 -18.85 -5.53 42.95
C ALA A 213 -18.56 -6.31 41.67
N ARG A 214 -18.63 -7.64 41.74
CA ARG A 214 -18.40 -8.45 40.55
C ARG A 214 -19.40 -8.12 39.45
N TRP A 215 -20.67 -7.96 39.82
CA TRP A 215 -21.69 -7.67 38.82
C TRP A 215 -21.39 -6.37 38.09
N LYS A 216 -20.96 -5.33 38.81
CA LYS A 216 -20.60 -4.07 38.19
C LYS A 216 -19.39 -4.24 37.26
N ALA A 217 -18.39 -4.99 37.70
CA ALA A 217 -17.19 -5.18 36.88
C ALA A 217 -17.50 -6.02 35.64
N GLU A 218 -18.34 -7.04 35.78
CA GLU A 218 -18.64 -7.87 34.61
C GLU A 218 -19.52 -7.12 33.63
N ARG A 219 -20.31 -6.15 34.09
CA ARG A 219 -21.13 -5.40 33.14
C ARG A 219 -20.30 -4.40 32.35
N GLU A 220 -19.34 -3.74 33.02
CA GLU A 220 -18.44 -2.85 32.30
C GLU A 220 -17.54 -3.63 31.36
N GLY A 221 -17.04 -4.78 31.81
CA GLY A 221 -16.16 -5.57 30.97
C GLY A 221 -16.84 -6.01 29.69
N ARG A 222 -18.07 -6.54 29.81
CA ARG A 222 -18.82 -6.98 28.63
C ARG A 222 -19.06 -5.82 27.68
N ALA A 223 -19.26 -4.62 28.22
CA ALA A 223 -19.48 -3.46 27.37
C ALA A 223 -18.19 -3.06 26.68
N ARG A 224 -17.06 -3.13 27.40
CA ARG A 224 -15.78 -2.88 26.75
C ARG A 224 -15.50 -3.95 25.70
N ARG A 225 -15.84 -5.21 25.99
CA ARG A 225 -15.58 -6.28 25.04
C ARG A 225 -16.40 -6.10 23.78
N ALA A 226 -17.69 -5.79 23.93
CA ALA A 226 -18.56 -5.63 22.77
C ALA A 226 -18.14 -4.42 21.94
N ALA A 227 -17.72 -3.35 22.59
CA ALA A 227 -17.18 -2.21 21.87
C ALA A 227 -15.87 -2.58 21.18
N LEU A 228 -15.03 -3.37 21.86
CA LEU A 228 -13.75 -3.78 21.30
C LEU A 228 -13.94 -4.59 20.01
N LEU A 229 -14.87 -5.55 20.05
CA LEU A 229 -15.11 -6.39 18.88
C LEU A 229 -15.72 -5.59 17.74
N ARG A 230 -16.65 -4.69 18.04
CA ARG A 230 -17.21 -3.85 16.98
C ARG A 230 -16.13 -2.99 16.34
N ALA A 231 -15.32 -2.31 17.15
CA ALA A 231 -14.27 -1.45 16.62
C ALA A 231 -13.29 -2.24 15.77
N LEU A 232 -12.99 -3.46 16.18
CA LEU A 232 -11.98 -4.26 15.53
C LEU A 232 -12.52 -5.14 14.39
N GLY A 233 -13.81 -5.07 14.08
CA GLY A 233 -14.32 -5.85 12.97
C GLY A 233 -14.44 -7.33 13.25
N ILE A 234 -14.70 -7.71 14.50
CA ILE A 234 -15.02 -9.08 14.86
C ILE A 234 -16.53 -9.14 15.10
N ARG A 235 -17.27 -9.74 14.15
CA ARG A 235 -18.72 -9.80 14.25
C ARG A 235 -19.23 -11.07 14.87
N LEU A 236 -18.37 -12.07 15.07
CA LEU A 236 -18.87 -13.35 15.55
C LEU A 236 -17.74 -14.06 16.29
N VAL A 237 -18.00 -14.42 17.54
CA VAL A 237 -17.10 -15.28 18.29
C VAL A 237 -17.77 -16.65 18.43
N SER A 238 -17.01 -17.70 18.17
CA SER A 238 -17.53 -19.04 18.26
C SER A 238 -16.58 -19.85 19.14
N TRP A 239 -17.15 -20.79 19.89
CA TRP A 239 -16.37 -21.70 20.74
C TRP A 239 -16.64 -23.11 20.26
N GLU A 240 -15.59 -23.77 19.79
CA GLU A 240 -15.69 -25.11 19.22
C GLU A 240 -16.77 -25.13 18.13
N GLY A 241 -16.69 -24.14 17.24
CA GLY A 241 -17.61 -24.00 16.13
C GLY A 241 -19.00 -23.53 16.50
N GLY A 242 -19.41 -23.68 17.76
CA GLY A 242 -20.74 -23.28 18.15
C GLY A 242 -20.73 -22.24 19.25
N ARG A 243 -21.79 -22.20 20.04
CA ARG A 243 -21.93 -21.24 21.12
C ARG A 243 -21.68 -19.82 20.55
N LEU A 244 -22.43 -19.51 19.50
CA LEU A 244 -22.19 -18.29 18.75
C LEU A 244 -22.45 -17.06 19.61
N GLU A 245 -21.52 -16.11 19.56
CA GLU A 245 -21.70 -14.79 20.15
C GLU A 245 -21.60 -13.77 19.03
N TRP A 246 -22.66 -12.98 18.86
CA TRP A 246 -22.76 -12.06 17.73
C TRP A 246 -22.53 -10.63 18.17
N PHE A 247 -21.94 -9.85 17.27
CA PHE A 247 -21.65 -8.45 17.53
C PHE A 247 -21.84 -7.64 16.26
N GLY A 248 -22.91 -7.96 15.53
CA GLY A 248 -23.16 -7.29 14.26
C GLY A 248 -24.55 -6.72 14.14
N CYS A 249 -25.20 -7.01 13.01
CA CYS A 249 -26.56 -6.57 12.74
C CYS A 249 -27.54 -7.67 13.10
N ASN A 250 -28.83 -7.32 13.08
CA ASN A 250 -29.88 -8.27 13.41
C ASN A 250 -31.20 -7.73 12.87
N LYS A 251 -32.31 -8.27 13.35
CA LYS A 251 -33.61 -7.92 12.79
C LYS A 251 -33.97 -6.46 13.06
N GLU A 252 -33.53 -5.89 14.17
CA GLU A 252 -33.93 -4.52 14.53
C GLU A 252 -32.84 -3.48 14.28
N THR A 253 -31.70 -3.86 13.73
CA THR A 253 -30.71 -2.84 13.40
C THR A 253 -30.70 -2.59 11.90
N THR A 254 -29.90 -1.61 11.51
CA THR A 254 -29.49 -1.51 10.13
C THR A 254 -28.62 -2.71 9.76
N ARG A 255 -28.45 -2.95 8.46
CA ARG A 255 -27.48 -3.96 8.07
C ARG A 255 -26.08 -3.36 8.07
N CYS A 256 -25.07 -4.22 8.24
CA CYS A 256 -23.72 -3.74 8.56
C CYS A 256 -23.20 -2.76 7.51
N PHE A 257 -23.29 -3.13 6.25
CA PHE A 257 -22.98 -2.14 5.22
C PHE A 257 -24.21 -1.31 4.93
N GLY A 258 -23.97 -0.10 4.47
CA GLY A 258 -25.08 0.79 4.18
C GLY A 258 -25.65 0.54 2.81
N THR A 259 -26.21 1.58 2.21
CA THR A 259 -26.64 1.47 0.83
C THR A 259 -25.41 1.25 -0.04
N VAL A 260 -25.50 0.27 -0.93
CA VAL A 260 -24.37 -0.14 -1.76
C VAL A 260 -24.29 0.80 -2.96
N VAL A 261 -23.08 1.28 -3.26
CA VAL A 261 -22.83 2.13 -4.43
C VAL A 261 -22.07 1.30 -5.45
N GLY A 262 -22.38 1.50 -6.73
CA GLY A 262 -21.85 0.59 -7.73
C GLY A 262 -22.43 -0.78 -7.48
N ASP A 263 -21.63 -1.82 -7.73
CA ASP A 263 -22.01 -3.16 -7.30
C ASP A 263 -21.07 -3.62 -6.20
N THR A 264 -20.51 -2.68 -5.45
CA THR A 264 -19.45 -2.98 -4.49
C THR A 264 -19.80 -2.49 -3.10
N PRO A 265 -20.14 -3.40 -2.19
CA PRO A 265 -20.42 -3.01 -0.81
C PRO A 265 -19.15 -2.59 -0.09
N ALA A 266 -19.34 -1.83 0.99
CA ALA A 266 -18.22 -1.24 1.70
C ALA A 266 -17.22 -2.28 2.18
N TYR A 267 -17.67 -3.48 2.54
CA TYR A 267 -16.76 -4.45 3.13
C TYR A 267 -15.69 -4.90 2.13
N LEU A 268 -15.98 -4.83 0.84
CA LEU A 268 -14.98 -5.20 -0.15
C LEU A 268 -13.79 -4.24 -0.11
N TYR A 269 -14.06 -2.94 -0.05
CA TYR A 269 -12.96 -1.98 -0.04
C TYR A 269 -12.12 -2.08 1.22
N GLU A 270 -12.63 -2.70 2.28
CA GLU A 270 -11.83 -2.97 3.47
C GLU A 270 -11.19 -4.36 3.43
N GLU A 271 -11.16 -4.99 2.25
CA GLU A 271 -10.53 -6.30 2.04
C GLU A 271 -11.07 -7.33 3.02
N ARG A 272 -12.38 -7.33 3.17
CA ARG A 272 -13.09 -8.34 3.92
C ARG A 272 -14.21 -8.87 3.04
N TRP A 273 -14.81 -9.98 3.45
CA TRP A 273 -15.97 -10.51 2.74
C TRP A 273 -17.24 -10.08 3.48
N THR A 274 -18.37 -10.73 3.18
CA THR A 274 -19.62 -10.34 3.81
C THR A 274 -19.60 -10.65 5.30
N PRO A 275 -20.09 -9.75 6.14
CA PRO A 275 -20.16 -10.03 7.58
C PRO A 275 -21.02 -11.26 7.86
N PRO A 276 -20.58 -12.12 8.80
CA PRO A 276 -21.35 -13.33 9.09
C PRO A 276 -22.78 -13.05 9.56
N CYS A 277 -23.00 -11.95 10.27
CA CYS A 277 -24.37 -11.59 10.63
C CYS A 277 -25.19 -11.31 9.38
N CYS A 278 -24.61 -10.62 8.39
CA CYS A 278 -25.32 -10.32 7.15
C CYS A 278 -25.59 -11.60 6.36
N LEU A 279 -24.63 -12.52 6.31
CA LEU A 279 -24.88 -13.81 5.69
C LEU A 279 -25.95 -14.60 6.45
N ARG A 280 -25.87 -14.58 7.79
CA ARG A 280 -26.85 -15.29 8.61
C ARG A 280 -28.27 -14.79 8.34
N ALA A 281 -28.46 -13.47 8.33
CA ALA A 281 -29.79 -12.92 8.05
C ALA A 281 -30.25 -13.28 6.64
N LEU A 282 -29.34 -13.35 5.68
CA LEU A 282 -29.75 -13.68 4.32
C LEU A 282 -30.15 -15.15 4.20
N ARG A 283 -29.44 -16.05 4.88
CA ARG A 283 -29.88 -17.44 4.94
C ARG A 283 -31.23 -17.58 5.61
N GLU A 284 -31.45 -16.84 6.70
CA GLU A 284 -32.75 -16.88 7.36
C GLU A 284 -33.86 -16.39 6.44
N THR A 285 -33.60 -15.31 5.70
CA THR A 285 -34.61 -14.76 4.81
C THR A 285 -34.86 -15.67 3.62
N ALA A 286 -33.79 -16.18 3.01
CA ALA A 286 -33.94 -17.11 1.89
C ALA A 286 -34.81 -18.30 2.29
N ARG A 287 -34.48 -18.94 3.42
CA ARG A 287 -35.29 -20.07 3.88
C ARG A 287 -36.73 -19.64 4.13
N TYR A 288 -36.93 -18.50 4.80
CA TYR A 288 -38.28 -18.00 5.05
C TYR A 288 -39.04 -17.78 3.75
N VAL A 289 -38.41 -17.07 2.81
CA VAL A 289 -39.04 -16.80 1.52
C VAL A 289 -39.39 -18.10 0.82
N VAL A 290 -38.43 -19.04 0.76
CA VAL A 290 -38.68 -20.32 0.10
C VAL A 290 -39.82 -21.07 0.76
N GLY A 291 -39.77 -21.19 2.10
CA GLY A 291 -40.86 -21.82 2.82
C GLY A 291 -42.20 -21.19 2.52
N VAL A 292 -42.24 -19.87 2.32
CA VAL A 292 -43.51 -19.23 2.03
C VAL A 292 -43.96 -19.56 0.61
N LEU A 293 -43.02 -19.56 -0.35
CA LEU A 293 -43.41 -19.84 -1.72
C LEU A 293 -43.79 -21.30 -1.92
N GLU A 294 -43.07 -22.21 -1.26
CA GLU A 294 -43.42 -23.62 -1.34
C GLU A 294 -44.78 -23.88 -0.70
N ALA A 295 -45.09 -23.18 0.39
CA ALA A 295 -46.40 -23.33 1.01
C ALA A 295 -47.49 -22.69 0.16
N ALA A 296 -47.20 -21.55 -0.45
CA ALA A 296 -48.19 -20.91 -1.29
C ALA A 296 -48.27 -21.51 -2.68
N GLY A 297 -47.30 -22.32 -3.10
CA GLY A 297 -47.40 -22.90 -4.42
C GLY A 297 -46.86 -22.01 -5.52
N VAL A 298 -45.80 -21.28 -5.22
CA VAL A 298 -45.07 -20.51 -6.21
C VAL A 298 -43.86 -21.32 -6.66
N ARG A 299 -43.75 -21.53 -7.97
CA ARG A 299 -42.59 -22.22 -8.53
C ARG A 299 -41.40 -21.27 -8.49
N TYR A 300 -40.39 -21.66 -7.76
CA TYR A 300 -39.17 -20.88 -7.61
C TYR A 300 -38.00 -21.78 -7.99
N TRP A 301 -36.85 -21.14 -8.19
CA TRP A 301 -35.58 -21.82 -8.39
C TRP A 301 -34.47 -20.84 -8.07
N LEU A 302 -33.37 -21.36 -7.53
CA LEU A 302 -32.21 -20.50 -7.30
C LEU A 302 -31.74 -19.91 -8.61
N GLU A 303 -31.30 -18.65 -8.55
CA GLU A 303 -30.85 -17.94 -9.75
C GLU A 303 -29.56 -17.19 -9.43
N GLY A 304 -28.85 -16.82 -10.48
CA GLY A 304 -27.68 -15.95 -10.36
C GLY A 304 -26.66 -16.47 -9.37
N GLY A 305 -26.20 -15.60 -8.49
CA GLY A 305 -25.15 -15.96 -7.56
C GLY A 305 -25.61 -16.95 -6.51
N SER A 306 -26.91 -17.00 -6.23
CA SER A 306 -27.40 -17.97 -5.27
C SER A 306 -27.29 -19.37 -5.84
N LEU A 307 -27.78 -19.56 -7.07
CA LEU A 307 -27.62 -20.84 -7.75
C LEU A 307 -26.15 -21.20 -7.88
N LEU A 308 -25.31 -20.19 -8.15
CA LEU A 308 -23.88 -20.43 -8.24
C LEU A 308 -23.30 -20.84 -6.89
N GLY A 309 -23.73 -20.19 -5.81
CA GLY A 309 -23.26 -20.59 -4.49
C GLY A 309 -23.70 -22.00 -4.13
N ALA A 310 -24.94 -22.35 -4.46
CA ALA A 310 -25.43 -23.69 -4.19
C ALA A 310 -24.64 -24.73 -4.96
N ALA A 311 -24.39 -24.48 -6.25
CA ALA A 311 -23.67 -25.44 -7.08
C ALA A 311 -22.25 -25.64 -6.59
N ARG A 312 -21.59 -24.56 -6.18
CA ARG A 312 -20.18 -24.62 -5.82
C ARG A 312 -19.99 -25.28 -4.45
N HIS A 313 -20.61 -24.73 -3.42
CA HIS A 313 -20.40 -25.24 -2.07
C HIS A 313 -21.69 -25.24 -1.23
N GLY A 314 -22.84 -25.08 -1.86
CA GLY A 314 -24.09 -25.22 -1.14
C GLY A 314 -24.39 -24.14 -0.12
N ASP A 315 -23.94 -22.91 -0.35
CA ASP A 315 -24.25 -21.80 0.53
C ASP A 315 -24.06 -20.50 -0.26
N ILE A 316 -24.52 -19.41 0.35
CA ILE A 316 -24.29 -18.09 -0.22
C ILE A 316 -22.79 -17.90 -0.40
N ILE A 317 -22.40 -17.38 -1.57
CA ILE A 317 -20.98 -17.14 -1.82
C ILE A 317 -20.48 -16.17 -0.76
N PRO A 318 -19.31 -16.41 -0.16
CA PRO A 318 -18.93 -15.68 1.07
C PRO A 318 -18.80 -14.18 0.91
N TRP A 319 -18.69 -13.67 -0.31
CA TRP A 319 -18.58 -12.22 -0.52
C TRP A 319 -19.81 -11.65 -1.20
N ASP A 320 -20.90 -12.40 -1.26
CA ASP A 320 -22.16 -11.96 -1.83
C ASP A 320 -23.02 -11.34 -0.72
N TYR A 321 -23.97 -10.48 -1.14
CA TYR A 321 -24.78 -9.74 -0.19
C TYR A 321 -26.28 -9.84 -0.44
N ASP A 322 -26.71 -10.68 -1.37
CA ASP A 322 -28.14 -10.89 -1.57
C ASP A 322 -28.36 -12.31 -2.07
N VAL A 323 -29.63 -12.70 -2.09
CA VAL A 323 -30.06 -13.99 -2.63
C VAL A 323 -31.02 -13.70 -3.77
N ASP A 324 -30.85 -14.40 -4.88
CA ASP A 324 -31.72 -14.24 -6.04
C ASP A 324 -32.50 -15.54 -6.26
N LEU A 325 -33.80 -15.42 -6.49
CA LEU A 325 -34.64 -16.53 -6.88
C LEU A 325 -35.43 -16.13 -8.13
N GLY A 326 -35.62 -17.09 -9.03
CA GLY A 326 -36.53 -16.91 -10.15
C GLY A 326 -37.87 -17.53 -9.82
N ILE A 327 -38.95 -16.89 -10.27
CA ILE A 327 -40.30 -17.40 -10.07
C ILE A 327 -41.07 -17.33 -11.37
N TYR A 328 -42.08 -18.20 -11.49
CA TYR A 328 -43.01 -18.12 -12.60
C TYR A 328 -44.01 -17.00 -12.34
N LEU A 329 -44.11 -16.06 -13.28
CA LEU A 329 -45.03 -14.94 -13.11
C LEU A 329 -46.48 -15.42 -12.99
N GLU A 330 -46.83 -16.48 -13.72
CA GLU A 330 -48.20 -16.99 -13.67
C GLU A 330 -48.56 -17.51 -12.28
N ASP A 331 -47.63 -17.39 -11.32
CA ASP A 331 -47.82 -17.93 -9.99
C ASP A 331 -47.86 -16.88 -8.90
N VAL A 332 -47.65 -15.59 -9.22
CA VAL A 332 -47.54 -14.57 -8.18
C VAL A 332 -48.82 -14.46 -7.38
N GLY A 333 -49.97 -14.69 -8.02
CA GLY A 333 -51.25 -14.54 -7.36
C GLY A 333 -51.49 -15.52 -6.24
N ASN A 334 -50.59 -16.47 -6.02
CA ASN A 334 -50.86 -17.43 -4.96
C ASN A 334 -50.19 -17.06 -3.65
N CYS A 335 -49.29 -16.10 -3.64
CA CYS A 335 -48.65 -15.65 -2.41
C CYS A 335 -49.33 -14.37 -1.95
N GLU A 336 -49.85 -14.38 -0.72
CA GLU A 336 -50.52 -13.19 -0.19
C GLU A 336 -49.55 -12.01 -0.14
N GLN A 337 -48.36 -12.22 0.40
CA GLN A 337 -47.35 -11.16 0.43
C GLN A 337 -47.01 -10.65 -0.96
N LEU A 338 -47.07 -11.51 -1.98
CA LEU A 338 -46.72 -11.07 -3.33
C LEU A 338 -47.81 -10.20 -3.94
N ARG A 339 -49.06 -10.66 -3.89
CA ARG A 339 -50.15 -9.85 -4.42
C ARG A 339 -50.25 -8.51 -3.72
N GLY A 340 -50.03 -8.48 -2.41
CA GLY A 340 -50.03 -7.21 -1.71
C GLY A 340 -48.85 -6.34 -2.12
N ALA A 341 -47.79 -6.97 -2.60
CA ALA A 341 -46.56 -6.23 -2.88
C ALA A 341 -46.74 -5.25 -4.02
N GLU A 342 -47.61 -5.52 -5.00
CA GLU A 342 -47.77 -4.50 -6.02
C GLU A 342 -48.68 -3.36 -5.56
N ALA A 343 -49.66 -3.66 -4.70
CA ALA A 343 -50.42 -2.58 -4.09
C ALA A 343 -49.51 -1.61 -3.34
N GLY A 344 -48.54 -2.13 -2.61
CA GLY A 344 -47.61 -1.32 -1.87
C GLY A 344 -46.73 -2.20 -0.99
N SER A 345 -45.96 -1.55 -0.12
CA SER A 345 -45.09 -2.28 0.79
C SER A 345 -45.91 -3.14 1.74
N VAL A 346 -45.38 -4.31 2.08
CA VAL A 346 -46.07 -5.27 2.91
C VAL A 346 -45.10 -5.80 3.95
N VAL A 347 -45.28 -5.38 5.19
CA VAL A 347 -44.64 -6.02 6.34
C VAL A 347 -45.52 -7.20 6.72
N ASP A 348 -44.97 -8.40 6.71
CA ASP A 348 -45.79 -9.56 7.03
C ASP A 348 -45.73 -9.85 8.52
N GLU A 349 -46.45 -10.90 8.92
CA GLU A 349 -46.59 -11.29 10.31
C GLU A 349 -45.25 -11.51 10.98
N ARG A 350 -44.21 -11.82 10.22
CA ARG A 350 -42.90 -12.14 10.78
C ARG A 350 -41.87 -11.04 10.54
N GLY A 351 -42.31 -9.81 10.28
CA GLY A 351 -41.42 -8.69 10.14
C GLY A 351 -40.78 -8.48 8.79
N PHE A 352 -40.89 -9.46 7.87
CA PHE A 352 -40.28 -9.32 6.55
C PHE A 352 -41.08 -8.33 5.69
N VAL A 353 -40.35 -7.52 4.93
CA VAL A 353 -40.95 -6.52 4.06
C VAL A 353 -40.90 -7.01 2.63
N TRP A 354 -42.08 -7.11 2.00
CA TRP A 354 -42.24 -7.56 0.62
C TRP A 354 -42.63 -6.35 -0.22
N GLU A 355 -41.81 -6.01 -1.22
CA GLU A 355 -42.12 -4.88 -2.06
C GLU A 355 -41.87 -5.22 -3.53
N LYS A 356 -42.68 -4.62 -4.40
CA LYS A 356 -42.53 -4.72 -5.84
C LYS A 356 -41.45 -3.76 -6.32
N ALA A 357 -40.91 -4.03 -7.50
CA ALA A 357 -39.77 -3.26 -7.98
C ALA A 357 -40.17 -1.85 -8.35
N VAL A 358 -39.26 -0.92 -8.07
CA VAL A 358 -39.30 0.47 -8.50
C VAL A 358 -39.80 0.55 -9.94
N GLU A 359 -39.13 -0.18 -10.84
CA GLU A 359 -39.39 -0.17 -12.27
C GLU A 359 -38.71 -1.40 -12.86
N GLY A 360 -37.89 -2.07 -12.05
CA GLY A 360 -37.13 -3.23 -12.45
C GLY A 360 -37.93 -4.49 -12.68
N ASP A 361 -39.20 -4.50 -12.25
CA ASP A 361 -40.12 -5.62 -12.50
C ASP A 361 -39.72 -6.89 -11.75
N PHE A 362 -39.34 -6.75 -10.48
CA PHE A 362 -39.02 -7.90 -9.63
C PHE A 362 -39.52 -7.63 -8.22
N PHE A 363 -39.57 -8.69 -7.40
CA PHE A 363 -40.00 -8.58 -6.01
C PHE A 363 -38.80 -8.66 -5.09
N ARG A 364 -38.85 -7.89 -4.00
CA ARG A 364 -37.77 -7.84 -3.02
C ARG A 364 -38.35 -8.11 -1.64
N VAL A 365 -37.79 -9.10 -0.94
CA VAL A 365 -38.17 -9.41 0.43
C VAL A 365 -37.00 -9.04 1.33
N GLN A 366 -37.20 -8.03 2.18
CA GLN A 366 -36.17 -7.58 3.09
C GLN A 366 -36.34 -8.25 4.44
N TYR A 367 -35.20 -8.53 5.09
CA TYR A 367 -35.20 -9.18 6.40
C TYR A 367 -36.13 -8.44 7.38
N SER A 368 -36.10 -7.11 7.36
CA SER A 368 -36.96 -6.34 8.25
C SER A 368 -37.11 -4.93 7.71
N GLU A 369 -37.96 -4.15 8.38
CA GLU A 369 -38.14 -2.75 7.98
C GLU A 369 -36.82 -2.01 8.05
N SER A 370 -35.97 -2.35 9.01
CA SER A 370 -34.73 -1.62 9.23
C SER A 370 -33.52 -2.29 8.59
N ASN A 371 -33.50 -3.61 8.50
CA ASN A 371 -32.36 -4.35 7.97
C ASN A 371 -32.68 -4.79 6.54
N HIS A 372 -32.03 -4.16 5.56
CA HIS A 372 -32.44 -4.27 4.17
C HIS A 372 -31.69 -5.36 3.40
N LEU A 373 -31.06 -6.29 4.11
CA LEU A 373 -30.65 -7.53 3.47
C LEU A 373 -31.87 -8.19 2.83
N HIS A 374 -31.72 -8.66 1.59
CA HIS A 374 -32.92 -9.01 0.85
C HIS A 374 -32.72 -10.20 -0.08
N VAL A 375 -33.86 -10.82 -0.43
CA VAL A 375 -33.94 -11.84 -1.46
C VAL A 375 -34.73 -11.24 -2.60
N ASP A 376 -34.18 -11.33 -3.82
CA ASP A 376 -34.83 -10.80 -5.02
C ASP A 376 -35.55 -11.94 -5.73
N LEU A 377 -36.82 -11.72 -6.08
CA LEU A 377 -37.62 -12.68 -6.84
C LEU A 377 -37.79 -12.14 -8.26
N TRP A 378 -37.36 -12.92 -9.25
CA TRP A 378 -37.41 -12.49 -10.63
C TRP A 378 -38.45 -13.30 -11.39
N PRO A 379 -39.58 -12.72 -11.79
CA PRO A 379 -40.59 -13.50 -12.51
C PRO A 379 -40.29 -13.62 -14.00
N PHE A 380 -40.53 -14.83 -14.53
CA PHE A 380 -40.42 -15.08 -15.96
C PHE A 380 -41.70 -15.74 -16.47
N TYR A 381 -41.86 -15.72 -17.78
CA TYR A 381 -42.97 -16.37 -18.48
C TYR A 381 -42.41 -17.04 -19.71
N PRO A 382 -43.08 -18.08 -20.21
CA PRO A 382 -42.52 -18.84 -21.35
C PRO A 382 -43.11 -18.48 -22.71
N ARG A 383 -42.45 -17.56 -23.41
CA ARG A 383 -42.74 -17.26 -24.80
C ARG A 383 -42.02 -18.35 -25.60
N ASN A 384 -42.76 -19.22 -26.26
CA ASN A 384 -42.16 -20.22 -27.17
C ASN A 384 -41.12 -21.07 -26.46
N GLY A 385 -41.37 -21.42 -25.21
CA GLY A 385 -40.42 -22.24 -24.48
C GLY A 385 -39.14 -21.57 -24.07
N VAL A 386 -39.11 -20.24 -24.02
CA VAL A 386 -37.95 -19.52 -23.48
C VAL A 386 -38.45 -18.54 -22.43
N MET A 387 -37.67 -18.43 -21.36
CA MET A 387 -38.05 -17.61 -20.22
C MET A 387 -37.63 -16.16 -20.47
N THR A 388 -38.56 -15.24 -20.25
CA THR A 388 -38.35 -13.84 -20.56
C THR A 388 -38.93 -12.99 -19.43
N LYS A 389 -38.34 -11.82 -19.23
CA LYS A 389 -38.94 -10.69 -18.54
C LYS A 389 -38.96 -9.50 -19.49
N ASP A 390 -39.71 -8.46 -19.15
CA ASP A 390 -39.90 -7.41 -20.14
C ASP A 390 -38.88 -6.27 -20.01
N THR A 391 -38.33 -6.02 -18.82
CA THR A 391 -37.22 -5.08 -18.69
C THR A 391 -36.14 -5.68 -17.80
N TRP A 392 -34.89 -5.37 -18.14
CA TRP A 392 -33.73 -5.99 -17.50
C TRP A 392 -32.83 -4.93 -16.85
N GLN A 397 -25.69 -11.36 -16.12
CA GLN A 397 -26.32 -12.61 -15.73
C GLN A 397 -27.77 -12.68 -16.21
N ASP A 398 -28.42 -11.53 -16.30
CA ASP A 398 -29.82 -11.46 -16.73
C ASP A 398 -29.93 -11.76 -18.22
N VAL A 399 -30.55 -12.90 -18.57
CA VAL A 399 -30.65 -13.35 -19.95
C VAL A 399 -31.89 -14.23 -20.12
N GLU A 400 -32.42 -14.25 -21.36
CA GLU A 400 -33.27 -15.32 -21.86
C GLU A 400 -32.70 -16.69 -21.48
N PHE A 401 -33.55 -17.69 -21.25
CA PHE A 401 -33.04 -19.05 -21.15
C PHE A 401 -34.17 -20.04 -21.43
N PRO A 402 -33.86 -21.18 -22.04
CA PRO A 402 -34.91 -22.15 -22.39
C PRO A 402 -35.69 -22.65 -21.18
N GLU A 403 -36.98 -22.88 -21.38
CA GLU A 403 -37.87 -23.30 -20.29
C GLU A 403 -37.61 -24.74 -19.85
N HIS A 404 -37.08 -25.58 -20.73
CA HIS A 404 -36.86 -26.98 -20.36
C HIS A 404 -35.92 -27.13 -19.18
N PHE A 405 -35.07 -26.12 -18.91
CA PHE A 405 -34.24 -26.16 -17.71
C PHE A 405 -35.06 -26.23 -16.44
N LEU A 406 -36.34 -25.82 -16.48
CA LEU A 406 -37.21 -25.89 -15.31
C LEU A 406 -38.12 -27.10 -15.32
N GLN A 407 -38.12 -27.91 -16.38
CA GLN A 407 -38.90 -29.15 -16.43
C GLN A 407 -37.97 -30.35 -16.38
N PRO A 408 -37.73 -30.94 -15.20
CA PRO A 408 -38.26 -30.49 -13.92
C PRO A 408 -37.26 -29.68 -13.10
N LEU A 409 -37.62 -29.35 -11.87
CA LEU A 409 -36.71 -28.71 -10.94
C LEU A 409 -36.05 -29.76 -10.06
N VAL A 410 -34.81 -29.48 -9.67
CA VAL A 410 -33.98 -30.46 -8.97
C VAL A 410 -33.74 -29.97 -7.55
N PRO A 411 -33.72 -30.86 -6.56
CA PRO A 411 -33.30 -30.43 -5.21
C PRO A 411 -31.81 -30.13 -5.16
N LEU A 412 -31.47 -29.07 -4.42
CA LEU A 412 -30.07 -28.66 -4.30
C LEU A 412 -29.81 -28.01 -2.95
N PRO A 413 -28.93 -28.58 -2.13
CA PRO A 413 -28.67 -28.01 -0.81
C PRO A 413 -28.12 -26.60 -0.90
N PHE A 414 -28.62 -25.72 -0.03
CA PHE A 414 -28.26 -24.31 -0.09
C PHE A 414 -28.64 -23.65 1.23
N ALA A 415 -27.65 -23.05 1.90
CA ALA A 415 -27.88 -22.17 3.04
C ALA A 415 -28.55 -22.89 4.20
N GLY A 416 -28.26 -24.17 4.37
CA GLY A 416 -28.79 -24.91 5.50
C GLY A 416 -30.11 -25.59 5.26
N PHE A 417 -30.64 -25.56 4.03
CA PHE A 417 -31.87 -26.25 3.70
C PHE A 417 -31.76 -26.78 2.28
N VAL A 418 -32.87 -27.23 1.72
CA VAL A 418 -32.89 -27.78 0.37
C VAL A 418 -33.75 -26.87 -0.49
N ALA A 419 -33.18 -26.39 -1.58
CA ALA A 419 -33.90 -25.50 -2.48
C ALA A 419 -34.00 -26.11 -3.87
N GLN A 420 -34.95 -25.60 -4.64
CA GLN A 420 -35.13 -26.06 -6.01
CA GLN A 420 -35.15 -26.05 -6.02
C GLN A 420 -34.17 -25.32 -6.95
N ALA A 421 -33.56 -26.07 -7.85
CA ALA A 421 -32.65 -25.55 -8.84
C ALA A 421 -33.11 -25.97 -10.22
N PRO A 422 -32.65 -25.29 -11.28
CA PRO A 422 -32.95 -25.78 -12.63
C PRO A 422 -32.18 -27.06 -12.89
N ASN A 423 -32.81 -27.98 -13.64
CA ASN A 423 -32.13 -29.22 -14.01
C ASN A 423 -30.88 -28.91 -14.83
N ASN A 424 -29.85 -29.73 -14.65
CA ASN A 424 -28.55 -29.50 -15.28
C ASN A 424 -28.07 -28.08 -14.98
N TYR A 425 -28.11 -27.72 -13.69
CA TYR A 425 -27.78 -26.35 -13.30
C TYR A 425 -26.36 -25.96 -13.71
N ARG A 426 -25.49 -26.94 -13.98
CA ARG A 426 -24.14 -26.60 -14.43
C ARG A 426 -24.17 -26.01 -15.84
N ARG A 427 -24.86 -26.68 -16.76
CA ARG A 427 -25.05 -26.10 -18.09
C ARG A 427 -25.78 -24.77 -17.99
N PHE A 428 -26.80 -24.70 -17.13
CA PHE A 428 -27.52 -23.45 -16.91
C PHE A 428 -26.58 -22.34 -16.45
N LEU A 429 -25.77 -22.61 -15.43
CA LEU A 429 -24.88 -21.59 -14.90
C LEU A 429 -23.90 -21.09 -15.95
N GLU A 430 -23.42 -21.98 -16.82
CA GLU A 430 -22.43 -21.57 -17.82
C GLU A 430 -23.07 -20.75 -18.94
N LEU A 431 -24.35 -21.01 -19.26
CA LEU A 431 -25.08 -20.11 -20.14
C LEU A 431 -25.14 -18.71 -19.53
N LYS A 432 -25.31 -18.63 -18.22
CA LYS A 432 -25.53 -17.36 -17.55
C LYS A 432 -24.21 -16.62 -17.28
N PHE A 433 -23.16 -17.35 -16.93
CA PHE A 433 -21.93 -16.75 -16.44
C PHE A 433 -20.70 -17.01 -17.32
N GLY A 434 -20.68 -18.08 -18.09
CA GLY A 434 -19.51 -18.43 -18.86
C GLY A 434 -18.96 -19.77 -18.44
N PRO A 435 -18.13 -20.38 -19.29
CA PRO A 435 -17.71 -21.76 -19.03
C PRO A 435 -16.78 -21.85 -17.82
N GLY A 436 -16.96 -22.92 -17.05
CA GLY A 436 -16.14 -23.14 -15.87
C GLY A 436 -16.38 -22.17 -14.73
N VAL A 437 -17.55 -21.53 -14.67
CA VAL A 437 -17.80 -20.54 -13.62
C VAL A 437 -17.76 -21.20 -12.25
N ILE A 438 -18.25 -22.43 -12.15
CA ILE A 438 -18.36 -23.10 -10.86
C ILE A 438 -16.98 -23.33 -10.26
N GLU A 439 -16.02 -23.71 -11.10
CA GLU A 439 -14.75 -24.24 -10.63
C GLU A 439 -13.70 -23.16 -10.39
N ASN A 440 -13.88 -21.96 -10.95
CA ASN A 440 -12.90 -20.89 -10.78
C ASN A 440 -13.60 -19.69 -10.19
N PRO A 441 -13.53 -19.50 -8.87
CA PRO A 441 -14.28 -18.39 -8.24
C PRO A 441 -13.50 -17.11 -8.13
N GLN A 442 -14.00 -16.09 -8.79
CA GLN A 442 -13.65 -14.70 -8.56
C GLN A 442 -13.71 -14.41 -7.07
N TYR A 443 -12.62 -14.54 -6.30
CA TYR A 443 -12.90 -13.83 -5.06
C TYR A 443 -12.46 -12.39 -5.23
N PRO A 444 -13.06 -11.46 -4.48
CA PRO A 444 -12.85 -10.04 -4.80
C PRO A 444 -11.37 -9.71 -4.85
N ASN A 445 -10.98 -9.00 -5.90
CA ASN A 445 -9.61 -8.52 -6.00
C ASN A 445 -9.58 -7.11 -5.43
N PRO A 446 -9.08 -6.90 -4.19
CA PRO A 446 -9.01 -5.53 -3.64
C PRO A 446 -8.14 -4.61 -4.48
N ALA A 447 -7.01 -5.11 -4.98
CA ALA A 447 -6.13 -4.31 -5.83
C ALA A 447 -6.88 -3.83 -7.07
N LEU A 448 -7.47 -4.76 -7.83
CA LEU A 448 -8.15 -4.41 -9.07
C LEU A 448 -9.27 -3.41 -8.83
N LEU A 449 -10.04 -3.59 -7.76
CA LEU A 449 -11.11 -2.67 -7.43
C LEU A 449 -10.56 -1.30 -7.02
N SER A 450 -9.40 -1.30 -6.33
CA SER A 450 -8.66 -0.07 -6.09
C SER A 450 -8.21 0.58 -7.40
N LEU A 451 -7.65 -0.21 -8.31
CA LEU A 451 -7.40 0.25 -9.68
C LEU A 451 -8.69 0.69 -10.36
N THR A 452 -9.77 -0.06 -10.10
CA THR A 452 -11.19 0.09 -10.51
C THR A 452 -11.56 -0.90 -11.61
N PRO B 7 11.50 23.89 -1.02
CA PRO B 7 10.78 23.56 0.22
C PRO B 7 9.65 22.57 -0.06
N ARG B 8 9.67 21.42 0.62
CA ARG B 8 8.72 20.35 0.37
C ARG B 8 7.65 20.35 1.45
N VAL B 9 6.38 20.38 1.05
CA VAL B 9 5.27 20.47 2.00
C VAL B 9 4.22 19.40 1.70
N THR B 10 3.85 18.64 2.72
CA THR B 10 2.79 17.65 2.59
C THR B 10 1.43 18.29 2.83
N VAL B 11 0.55 18.23 1.84
CA VAL B 11 -0.85 18.58 2.06
C VAL B 11 -1.50 17.49 2.88
N LEU B 12 -2.29 17.88 3.87
CA LEU B 12 -2.90 16.93 4.80
C LEU B 12 -4.38 17.31 4.95
N VAL B 13 -5.26 16.42 4.51
CA VAL B 13 -6.70 16.66 4.50
C VAL B 13 -7.33 15.86 5.63
N ARG B 14 -7.92 16.56 6.60
CA ARG B 14 -8.54 15.93 7.74
C ARG B 14 -10.02 16.26 7.92
N GLU B 15 -10.47 17.43 7.45
CA GLU B 15 -11.85 17.85 7.67
C GLU B 15 -12.66 17.72 6.38
N PHE B 16 -13.51 16.70 6.33
CA PHE B 16 -14.41 16.44 5.22
C PHE B 16 -15.43 15.42 5.68
N GLU B 17 -16.52 15.30 4.93
CA GLU B 17 -17.56 14.32 5.20
C GLU B 17 -17.60 13.28 4.09
N ALA B 18 -17.56 12.00 4.48
CA ALA B 18 -17.54 10.92 3.49
C ALA B 18 -18.78 10.93 2.61
N PHE B 19 -19.92 11.39 3.14
CA PHE B 19 -21.17 11.28 2.40
C PHE B 19 -21.34 12.39 1.37
N ASP B 20 -20.61 13.50 1.49
CA ASP B 20 -20.56 14.51 0.45
C ASP B 20 -19.34 15.40 0.68
N ASN B 21 -18.39 15.38 -0.25
CA ASN B 21 -17.15 16.12 -0.08
C ASN B 21 -16.59 16.47 -1.45
N ALA B 22 -15.56 17.32 -1.44
CA ALA B 22 -14.84 17.73 -2.65
C ALA B 22 -13.37 17.34 -2.58
N VAL B 23 -13.04 16.34 -1.79
CA VAL B 23 -11.64 15.91 -1.63
C VAL B 23 -11.02 15.53 -2.97
N PRO B 24 -11.66 14.72 -3.84
CA PRO B 24 -11.01 14.38 -5.12
C PRO B 24 -10.58 15.61 -5.90
N GLU B 25 -11.44 16.62 -6.00
CA GLU B 25 -11.06 17.86 -6.68
C GLU B 25 -9.95 18.59 -5.92
N LEU B 26 -10.04 18.63 -4.57
CA LEU B 26 -9.01 19.29 -3.78
C LEU B 26 -7.64 18.72 -4.09
N VAL B 27 -7.52 17.39 -3.99
CA VAL B 27 -6.24 16.72 -4.20
C VAL B 27 -5.78 16.89 -5.65
N ASP B 28 -6.69 16.69 -6.60
CA ASP B 28 -6.30 16.81 -8.01
C ASP B 28 -5.84 18.21 -8.34
N SER B 29 -6.40 19.22 -7.68
CA SER B 29 -5.98 20.60 -7.96
C SER B 29 -4.55 20.85 -7.48
N PHE B 30 -4.14 20.19 -6.40
CA PHE B 30 -2.74 20.31 -5.98
C PHE B 30 -1.83 19.50 -6.89
N LEU B 31 -2.32 18.36 -7.40
CA LEU B 31 -1.54 17.55 -8.33
C LEU B 31 -1.32 18.25 -9.66
N GLN B 32 -2.25 19.13 -10.08
CA GLN B 32 -2.07 19.88 -11.32
C GLN B 32 -0.98 20.95 -11.19
N GLN B 33 -0.49 21.23 -9.99
CA GLN B 33 0.64 22.13 -9.82
C GLN B 33 1.96 21.40 -9.59
N ASP B 34 1.91 20.14 -9.15
CA ASP B 34 3.08 19.30 -8.91
C ASP B 34 2.63 17.84 -8.91
N PRO B 35 2.94 17.09 -9.96
CA PRO B 35 2.39 15.72 -10.06
C PRO B 35 2.82 14.80 -8.92
N ALA B 36 3.98 15.05 -8.30
CA ALA B 36 4.47 14.23 -7.20
C ALA B 36 4.21 14.86 -5.83
N GLN B 37 3.28 15.81 -5.77
CA GLN B 37 2.85 16.44 -4.53
C GLN B 37 2.47 15.40 -3.48
N PRO B 38 3.18 15.32 -2.35
CA PRO B 38 2.74 14.45 -1.25
C PRO B 38 1.41 14.93 -0.68
N VAL B 39 0.42 14.06 -0.67
CA VAL B 39 -0.91 14.34 -0.12
C VAL B 39 -1.28 13.21 0.82
N VAL B 40 -1.74 13.56 2.01
CA VAL B 40 -2.22 12.57 2.98
C VAL B 40 -3.66 12.90 3.32
N VAL B 41 -4.58 12.02 2.96
CA VAL B 41 -5.95 12.12 3.44
C VAL B 41 -6.06 11.31 4.73
N ALA B 42 -6.57 11.95 5.77
CA ALA B 42 -6.68 11.32 7.07
C ALA B 42 -8.16 11.13 7.37
N ALA B 43 -8.52 9.90 7.73
CA ALA B 43 -9.88 9.55 8.09
C ALA B 43 -9.84 8.56 9.24
N ASP B 44 -10.88 8.59 10.07
CA ASP B 44 -10.96 7.63 11.17
C ASP B 44 -11.26 6.24 10.64
N THR B 45 -12.15 6.13 9.67
CA THR B 45 -12.44 4.88 9.00
C THR B 45 -12.41 5.11 7.50
N LEU B 46 -12.25 4.03 6.76
CA LEU B 46 -12.24 4.08 5.32
C LEU B 46 -13.53 4.73 4.81
N PRO B 47 -13.44 5.85 4.08
CA PRO B 47 -14.67 6.53 3.64
C PRO B 47 -15.42 5.70 2.61
N TYR B 48 -16.70 5.49 2.85
CA TYR B 48 -17.58 4.92 1.86
C TYR B 48 -18.76 5.86 1.64
N PRO B 49 -19.13 6.17 0.38
CA PRO B 49 -18.61 5.65 -0.89
C PRO B 49 -17.12 5.95 -1.08
N PRO B 50 -16.44 5.20 -1.95
CA PRO B 50 -15.00 5.38 -2.10
C PRO B 50 -14.64 6.82 -2.42
N LEU B 51 -13.56 7.29 -1.79
CA LEU B 51 -13.01 8.59 -2.17
C LEU B 51 -12.50 8.57 -3.61
N ALA B 52 -11.97 7.43 -4.06
CA ALA B 52 -11.39 7.32 -5.39
C ALA B 52 -10.41 8.46 -5.64
N LEU B 53 -9.43 8.55 -4.74
CA LEU B 53 -8.26 9.35 -5.00
C LEU B 53 -7.37 8.62 -6.02
N PRO B 54 -6.50 9.35 -6.70
CA PRO B 54 -5.52 8.68 -7.57
C PRO B 54 -4.69 7.69 -6.76
N ARG B 55 -4.71 6.43 -7.19
CA ARG B 55 -3.97 5.38 -6.48
C ARG B 55 -2.53 5.46 -6.96
N ILE B 56 -1.81 6.47 -6.47
CA ILE B 56 -0.44 6.78 -6.86
C ILE B 56 0.38 6.97 -5.58
N PRO B 57 1.69 6.72 -5.62
CA PRO B 57 2.46 6.67 -4.35
C PRO B 57 2.48 7.98 -3.56
N ASN B 58 2.40 9.14 -4.21
CA ASN B 58 2.50 10.40 -3.45
C ASN B 58 1.19 10.81 -2.78
N VAL B 59 0.09 10.10 -3.01
CA VAL B 59 -1.20 10.39 -2.39
C VAL B 59 -1.58 9.17 -1.56
N ARG B 60 -1.56 9.32 -0.24
CA ARG B 60 -1.86 8.22 0.64
C ARG B 60 -3.05 8.54 1.52
N LEU B 61 -3.65 7.48 2.05
CA LEU B 61 -4.81 7.60 2.91
C LEU B 61 -4.44 7.01 4.27
N ALA B 62 -4.42 7.87 5.29
CA ALA B 62 -4.05 7.47 6.65
C ALA B 62 -5.33 7.14 7.42
N LEU B 63 -5.55 5.85 7.68
CA LEU B 63 -6.65 5.37 8.51
C LEU B 63 -6.19 5.32 9.96
N LEU B 64 -6.73 6.19 10.80
CA LEU B 64 -6.25 6.37 12.16
C LEU B 64 -6.99 5.51 13.17
N GLN B 65 -7.68 4.52 12.72
CA GLN B 65 -8.37 3.54 13.55
C GLN B 65 -7.41 2.42 13.96
N PRO B 66 -7.60 1.85 15.14
CA PRO B 66 -6.93 0.59 15.46
C PRO B 66 -7.43 -0.51 14.53
N ALA B 67 -6.53 -1.44 14.22
CA ALA B 67 -6.89 -2.58 13.39
C ALA B 67 -6.01 -3.75 13.82
N LEU B 68 -6.56 -4.95 13.74
CA LEU B 68 -5.82 -6.11 14.22
C LEU B 68 -4.66 -6.47 13.32
N ASP B 69 -4.67 -6.00 12.08
CA ASP B 69 -3.64 -6.38 11.12
C ASP B 69 -2.77 -5.19 10.71
N ARG B 70 -2.58 -4.22 11.61
CA ARG B 70 -1.72 -3.08 11.32
C ARG B 70 -0.81 -2.77 12.49
N PRO B 71 0.39 -2.30 12.20
CA PRO B 71 1.29 -1.85 13.27
C PRO B 71 0.80 -0.55 13.86
N ALA B 72 1.29 -0.26 15.07
CA ALA B 72 0.98 1.01 15.72
C ALA B 72 1.22 2.18 14.78
N ALA B 73 2.31 2.12 13.99
CA ALA B 73 2.64 3.23 13.10
C ALA B 73 1.52 3.53 12.11
N ALA B 74 0.70 2.53 11.76
CA ALA B 74 -0.29 2.71 10.70
C ALA B 74 -1.28 3.80 11.04
N SER B 75 -1.57 4.00 12.33
CA SER B 75 -2.55 4.98 12.76
C SER B 75 -1.91 6.23 13.37
N ARG B 76 -0.59 6.35 13.30
CA ARG B 76 0.10 7.55 13.74
C ARG B 76 0.44 8.40 12.52
N PRO B 77 -0.19 9.56 12.34
CA PRO B 77 -0.09 10.27 11.05
C PRO B 77 1.30 10.81 10.72
N GLU B 78 2.19 10.97 11.71
CA GLU B 78 3.51 11.51 11.40
C GLU B 78 4.31 10.55 10.52
N THR B 79 3.99 9.26 10.57
CA THR B 79 4.71 8.30 9.73
C THR B 79 4.35 8.46 8.26
N TYR B 80 3.24 9.13 7.94
CA TYR B 80 2.86 9.39 6.57
C TYR B 80 3.41 10.70 6.04
N VAL B 81 4.08 11.48 6.87
CA VAL B 81 4.60 12.78 6.48
C VAL B 81 6.12 12.72 6.60
N ALA B 82 6.82 12.85 5.48
CA ALA B 82 8.26 12.89 5.49
C ALA B 82 8.82 14.30 5.42
N THR B 83 8.00 15.26 5.01
CA THR B 83 8.45 16.62 4.78
C THR B 83 8.63 17.36 6.09
N GLU B 84 9.34 18.48 6.03
CA GLU B 84 9.55 19.29 7.21
C GLU B 84 8.31 20.10 7.57
N PHE B 85 7.58 20.59 6.56
CA PHE B 85 6.35 21.32 6.77
C PHE B 85 5.16 20.49 6.30
N VAL B 86 4.03 20.70 6.95
CA VAL B 86 2.77 20.09 6.56
C VAL B 86 1.73 21.20 6.51
N ALA B 87 0.70 21.02 5.67
CA ALA B 87 -0.33 22.04 5.47
C ALA B 87 -1.71 21.40 5.63
N LEU B 88 -2.41 21.77 6.71
CA LEU B 88 -3.80 21.37 6.89
C LEU B 88 -4.68 22.12 5.90
N VAL B 89 -5.44 21.38 5.11
CA VAL B 89 -6.27 21.96 4.06
C VAL B 89 -7.68 21.46 4.25
N PRO B 90 -8.66 22.32 4.45
CA PRO B 90 -10.03 21.86 4.64
C PRO B 90 -10.68 21.55 3.31
N ASP B 91 -11.65 20.63 3.36
CA ASP B 91 -12.47 20.36 2.19
C ASP B 91 -13.16 21.65 1.74
N GLY B 92 -13.36 21.75 0.42
CA GLY B 92 -13.93 22.95 -0.16
C GLY B 92 -12.93 23.96 -0.66
N ALA B 93 -11.63 23.66 -0.53
CA ALA B 93 -10.56 24.53 -1.00
C ALA B 93 -9.83 23.88 -2.17
N ARG B 94 -9.48 24.69 -3.15
CA ARG B 94 -8.79 24.22 -4.34
C ARG B 94 -7.57 25.09 -4.62
N ALA B 95 -6.48 24.46 -5.01
CA ALA B 95 -5.29 25.19 -5.39
C ALA B 95 -5.41 25.72 -6.80
N GLU B 96 -5.37 27.05 -6.94
CA GLU B 96 -5.37 27.73 -8.23
C GLU B 96 -4.00 28.24 -8.57
N ALA B 97 -3.61 29.31 -7.90
CA ALA B 97 -2.32 29.92 -8.12
C ALA B 97 -1.23 28.89 -7.85
N PRO B 98 -0.34 28.65 -8.81
CA PRO B 98 0.84 27.85 -8.52
C PRO B 98 1.65 28.46 -7.38
N GLY B 99 2.33 27.60 -6.64
CA GLY B 99 3.27 28.02 -5.63
C GLY B 99 2.67 28.73 -4.44
N LEU B 100 1.43 28.41 -4.06
CA LEU B 100 0.80 29.09 -2.94
C LEU B 100 1.39 28.66 -1.61
N LEU B 101 1.81 27.41 -1.53
CA LEU B 101 2.37 26.85 -0.31
C LEU B 101 3.84 27.21 -0.13
N GLU B 102 4.54 27.47 -1.24
CA GLU B 102 5.91 27.96 -1.13
C GLU B 102 5.93 29.37 -0.56
N ARG B 103 4.91 30.19 -0.87
CA ARG B 103 4.90 31.49 -0.24
C ARG B 103 4.54 31.38 1.23
N MET B 104 3.75 30.37 1.61
CA MET B 104 3.41 30.16 3.01
C MET B 104 4.63 29.71 3.81
N VAL B 105 5.50 28.88 3.22
CA VAL B 105 6.63 28.37 3.99
C VAL B 105 7.61 29.49 4.31
N GLU B 106 7.93 30.33 3.33
CA GLU B 106 8.92 31.37 3.57
C GLU B 106 8.37 32.44 4.51
N ALA B 107 7.07 32.73 4.42
CA ALA B 107 6.47 33.63 5.39
C ALA B 107 6.65 33.13 6.81
N LEU B 108 6.47 31.81 7.01
CA LEU B 108 6.60 31.22 8.35
C LEU B 108 8.02 31.32 8.89
N ARG B 109 9.03 31.19 8.02
CA ARG B 109 10.41 31.29 8.46
C ARG B 109 10.85 32.74 8.63
N ALA B 110 10.25 33.65 7.87
CA ALA B 110 10.53 35.07 8.08
C ALA B 110 9.92 35.57 9.39
N GLY B 111 8.69 35.16 9.69
CA GLY B 111 8.00 35.63 10.86
C GLY B 111 8.43 34.91 12.13
N SER B 112 7.67 35.16 13.20
CA SER B 112 7.92 34.55 14.49
C SER B 112 6.81 33.63 14.96
N ALA B 113 5.69 33.56 14.24
CA ALA B 113 4.62 32.64 14.61
C ALA B 113 5.01 31.21 14.23
N ARG B 114 4.58 30.25 15.05
CA ARG B 114 4.85 28.85 14.73
C ARG B 114 3.87 28.27 13.72
N LEU B 115 2.67 28.84 13.61
CA LEU B 115 1.73 28.49 12.54
C LEU B 115 1.46 29.72 11.70
N VAL B 116 1.29 29.52 10.39
CA VAL B 116 0.77 30.58 9.54
C VAL B 116 -0.44 30.02 8.81
N ALA B 117 -1.31 30.93 8.36
CA ALA B 117 -2.61 30.51 7.86
C ALA B 117 -2.99 31.34 6.65
N ALA B 118 -3.71 30.70 5.73
CA ALA B 118 -4.30 31.38 4.59
C ALA B 118 -5.78 31.01 4.57
N PRO B 119 -6.68 31.99 4.55
CA PRO B 119 -8.10 31.67 4.41
C PRO B 119 -8.40 31.17 3.00
N VAL B 120 -9.51 30.45 2.88
CA VAL B 120 -9.98 30.03 1.56
C VAL B 120 -11.27 30.77 1.27
N ALA B 121 -11.50 31.08 -0.01
CA ALA B 121 -12.57 31.97 -0.44
C ALA B 121 -13.93 31.26 -0.45
N THR B 122 -14.28 30.69 0.70
CA THR B 122 -15.59 30.10 0.89
C THR B 122 -16.56 31.18 1.35
N ALA B 123 -17.79 30.76 1.66
CA ALA B 123 -18.75 31.66 2.27
C ALA B 123 -18.43 31.96 3.72
N ASN B 124 -17.32 31.42 4.22
CA ASN B 124 -16.91 31.62 5.62
C ASN B 124 -15.40 31.53 5.72
N PRO B 125 -14.70 32.55 5.20
CA PRO B 125 -13.23 32.56 5.32
C PRO B 125 -12.79 32.72 6.76
N ALA B 126 -11.64 32.14 7.07
CA ALA B 126 -11.10 32.18 8.43
C ALA B 126 -10.84 33.62 8.87
N ARG B 127 -11.17 33.92 10.13
CA ARG B 127 -10.91 35.23 10.70
C ARG B 127 -10.19 35.10 12.03
N CYS B 128 -9.53 36.19 12.40
CA CYS B 128 -8.60 36.22 13.52
C CYS B 128 -9.33 36.22 14.85
N LEU B 129 -8.84 35.42 15.80
CA LEU B 129 -9.48 35.30 17.11
C LEU B 129 -8.43 35.22 18.21
N ALA B 130 -8.77 35.79 19.35
CA ALA B 130 -8.01 35.55 20.57
C ALA B 130 -8.62 34.38 21.33
N LEU B 131 -7.80 33.74 22.15
CA LEU B 131 -8.24 32.53 22.87
C LEU B 131 -7.28 32.25 24.00
N ASN B 132 -7.77 32.27 25.25
CA ASN B 132 -7.06 31.68 26.39
C ASN B 132 -7.85 30.45 26.82
N VAL B 133 -7.13 29.49 27.38
CA VAL B 133 -7.68 28.23 27.81
C VAL B 133 -7.34 28.06 29.28
N SER B 134 -8.34 27.70 30.09
CA SER B 134 -8.16 27.52 31.52
C SER B 134 -8.63 26.10 31.84
N LEU B 135 -7.69 25.16 31.83
CA LEU B 135 -8.04 23.78 32.13
C LEU B 135 -8.58 23.66 33.55
N ARG B 136 -8.03 24.45 34.48
CA ARG B 136 -8.47 24.33 35.87
C ARG B 136 -9.93 24.71 36.02
N GLU B 137 -10.43 25.61 35.17
CA GLU B 137 -11.83 26.02 35.20
C GLU B 137 -12.60 25.47 34.01
N TRP B 138 -12.01 24.54 33.27
CA TRP B 138 -12.66 23.85 32.15
C TRP B 138 -13.23 24.86 31.15
N THR B 139 -12.50 25.93 30.90
CA THR B 139 -13.07 27.03 30.13
C THR B 139 -12.14 27.46 29.01
N ALA B 140 -12.73 27.71 27.85
CA ALA B 140 -12.05 28.33 26.71
C ALA B 140 -12.73 29.65 26.42
N ARG B 141 -11.95 30.72 26.32
CA ARG B 141 -12.48 32.07 26.23
C ARG B 141 -12.00 32.69 24.93
N TYR B 142 -12.91 32.89 23.98
CA TYR B 142 -12.56 33.50 22.71
C TYR B 142 -12.98 34.97 22.68
N GLY B 143 -12.28 35.75 21.87
CA GLY B 143 -12.72 37.10 21.61
C GLY B 143 -12.05 37.61 20.35
N ALA B 144 -12.30 38.88 20.06
CA ALA B 144 -11.65 39.54 18.94
C ALA B 144 -10.14 39.59 19.15
N ALA B 145 -9.40 39.51 18.06
CA ALA B 145 -7.94 39.45 18.12
C ALA B 145 -7.37 40.84 18.35
N PRO B 146 -6.70 41.08 19.49
CA PRO B 146 -6.12 42.41 19.74
C PRO B 146 -5.01 42.79 18.77
N ALA B 147 -4.23 41.82 18.31
CA ALA B 147 -3.06 42.10 17.49
C ALA B 147 -3.12 41.34 16.19
N ALA B 148 -4.29 41.37 15.54
CA ALA B 148 -4.41 40.84 14.19
C ALA B 148 -3.40 41.52 13.27
N PRO B 149 -2.85 40.80 12.28
CA PRO B 149 -3.20 39.46 11.79
C PRO B 149 -2.50 38.31 12.53
N ARG B 150 -2.08 38.56 13.77
CA ARG B 150 -1.51 37.54 14.62
C ARG B 150 -2.57 37.09 15.63
N CYS B 151 -3.00 35.83 15.54
CA CYS B 151 -4.11 35.32 16.35
C CYS B 151 -3.65 34.18 17.25
N ASP B 152 -4.51 33.84 18.21
CA ASP B 152 -4.41 32.59 18.96
C ASP B 152 -5.20 31.47 18.31
N ALA B 153 -6.17 31.81 17.47
CA ALA B 153 -7.07 30.83 16.90
C ALA B 153 -7.76 31.47 15.72
N LEU B 154 -8.32 30.63 14.85
CA LEU B 154 -9.13 31.10 13.73
C LEU B 154 -10.52 30.47 13.80
N ASP B 155 -11.48 31.15 13.19
CA ASP B 155 -12.81 30.62 12.94
C ASP B 155 -13.10 30.72 11.46
N GLY B 156 -13.52 29.61 10.86
CA GLY B 156 -13.71 29.57 9.43
C GLY B 156 -12.60 28.79 8.75
N ASP B 157 -12.66 28.79 7.42
CA ASP B 157 -11.86 27.88 6.61
C ASP B 157 -10.51 28.50 6.30
N ALA B 158 -9.45 27.79 6.67
CA ALA B 158 -8.10 28.22 6.33
C ALA B 158 -7.22 27.02 6.00
N VAL B 159 -6.25 27.25 5.12
CA VAL B 159 -5.08 26.40 5.04
C VAL B 159 -4.12 26.84 6.13
N VAL B 160 -3.75 25.93 7.02
CA VAL B 160 -2.83 26.21 8.11
C VAL B 160 -1.56 25.43 7.87
N LEU B 161 -0.43 26.15 7.77
CA LEU B 161 0.85 25.51 7.58
C LEU B 161 1.69 25.64 8.84
N LEU B 162 2.38 24.55 9.20
CA LEU B 162 3.31 24.53 10.31
C LEU B 162 4.32 23.41 10.07
N ARG B 163 5.27 23.28 10.99
CA ARG B 163 6.23 22.19 10.92
C ARG B 163 5.62 20.91 11.48
N ALA B 164 5.83 19.81 10.75
CA ALA B 164 5.38 18.50 11.20
C ALA B 164 5.81 18.21 12.63
N ARG B 165 7.06 18.56 12.98
CA ARG B 165 7.55 18.34 14.34
C ARG B 165 6.67 19.05 15.37
N ASP B 166 6.18 20.24 15.04
CA ASP B 166 5.28 20.96 15.95
C ASP B 166 3.89 20.36 15.95
N LEU B 167 3.36 20.05 14.76
CA LEU B 167 2.00 19.52 14.68
C LEU B 167 1.89 18.17 15.36
N PHE B 168 2.81 17.25 15.08
CA PHE B 168 2.70 15.87 15.56
C PHE B 168 3.34 15.67 16.92
N ASN B 169 3.84 16.72 17.57
CA ASN B 169 4.08 16.60 19.00
C ASN B 169 2.87 17.02 19.83
N LEU B 170 1.83 17.54 19.19
CA LEU B 170 0.58 17.76 19.88
C LEU B 170 -0.04 16.43 20.29
N SER B 171 -0.83 16.46 21.37
CA SER B 171 -1.42 15.25 21.91
C SER B 171 -2.51 14.69 21.02
N ALA B 172 -3.27 15.56 20.36
CA ALA B 172 -4.36 15.15 19.47
C ALA B 172 -4.26 15.99 18.21
N PRO B 173 -3.25 15.72 17.37
CA PRO B 173 -2.96 16.61 16.24
C PRO B 173 -4.14 16.79 15.30
N LEU B 174 -4.90 15.72 15.05
CA LEU B 174 -5.97 15.76 14.07
C LEU B 174 -7.32 15.40 14.66
N ALA B 175 -7.54 15.69 15.93
CA ALA B 175 -8.87 15.56 16.49
C ALA B 175 -9.81 16.54 15.80
N ARG B 176 -11.10 16.17 15.76
CA ARG B 176 -12.05 16.99 15.02
C ARG B 176 -13.06 17.64 15.94
N PRO B 177 -13.54 18.85 15.60
CA PRO B 177 -13.10 19.62 14.41
C PRO B 177 -11.71 20.25 14.59
N VAL B 178 -10.85 20.05 13.60
CA VAL B 178 -9.49 20.58 13.66
C VAL B 178 -9.51 22.07 13.92
N GLY B 179 -10.48 22.77 13.33
CA GLY B 179 -10.59 24.21 13.56
C GLY B 179 -10.64 24.57 15.03
N THR B 180 -11.35 23.78 15.83
CA THR B 180 -11.39 23.96 17.28
C THR B 180 -10.23 23.25 17.97
N SER B 181 -9.96 22.01 17.56
CA SER B 181 -9.02 21.17 18.28
C SER B 181 -7.61 21.74 18.22
N LEU B 182 -7.18 22.17 17.03
CA LEU B 182 -5.78 22.54 16.86
C LEU B 182 -5.43 23.75 17.72
N PHE B 183 -6.29 24.77 17.68
CA PHE B 183 -5.90 26.02 18.30
C PHE B 183 -6.03 26.00 19.82
N LEU B 184 -6.89 25.14 20.38
CA LEU B 184 -6.87 24.99 21.83
C LEU B 184 -5.53 24.44 22.30
N GLN B 185 -4.91 23.57 21.49
CA GLN B 185 -3.61 23.03 21.86
C GLN B 185 -2.49 24.02 21.60
N THR B 186 -2.56 24.76 20.49
CA THR B 186 -1.48 25.70 20.20
C THR B 186 -1.57 26.93 21.08
N ALA B 187 -2.79 27.41 21.36
CA ALA B 187 -2.93 28.60 22.19
C ALA B 187 -2.55 28.31 23.64
N LEU B 188 -2.90 27.12 24.13
CA LEU B 188 -2.48 26.77 25.47
C LEU B 188 -0.96 26.71 25.59
N ARG B 189 -0.26 26.48 24.48
CA ARG B 189 1.19 26.44 24.46
C ARG B 189 1.82 27.79 24.12
N GLY B 190 1.03 28.86 24.05
CA GLY B 190 1.56 30.16 23.75
C GLY B 190 1.91 30.38 22.29
N TRP B 191 1.49 29.48 21.41
CA TRP B 191 1.85 29.59 20.00
C TRP B 191 0.88 30.53 19.29
N ALA B 192 1.42 31.30 18.34
CA ALA B 192 0.61 32.21 17.53
C ALA B 192 0.43 31.65 16.13
N VAL B 193 -0.69 31.99 15.52
CA VAL B 193 -0.95 31.70 14.12
C VAL B 193 -1.07 33.02 13.39
N GLN B 194 -0.26 33.20 12.34
CA GLN B 194 -0.25 34.44 11.57
C GLN B 194 -1.18 34.28 10.38
N LEU B 195 -2.21 35.12 10.33
CA LEU B 195 -3.17 35.06 9.23
C LEU B 195 -2.62 35.90 8.08
N LEU B 196 -2.33 35.23 6.97
CA LEU B 196 -1.67 35.88 5.85
C LEU B 196 -2.67 36.55 4.92
N ASP B 197 -2.17 37.47 4.10
CA ASP B 197 -2.95 38.04 3.00
C ASP B 197 -2.82 37.18 1.75
N LEU B 198 -3.09 35.88 1.90
CA LEU B 198 -3.10 34.92 0.81
C LEU B 198 -4.42 34.17 0.85
N THR B 199 -5.05 34.01 -0.31
CA THR B 199 -6.35 33.36 -0.38
C THR B 199 -6.28 32.15 -1.30
N PHE B 200 -6.65 30.98 -0.77
CA PHE B 200 -6.92 29.83 -1.61
C PHE B 200 -8.32 29.93 -2.19
N ALA B 201 -8.49 29.40 -3.40
CA ALA B 201 -9.80 29.44 -4.01
C ALA B 201 -10.68 28.32 -3.48
N ALA B 202 -11.99 28.53 -3.59
CA ALA B 202 -12.95 27.50 -3.23
C ALA B 202 -13.10 26.50 -4.37
N ALA B 203 -13.54 25.30 -4.03
CA ALA B 203 -13.77 24.27 -5.03
C ALA B 203 -14.83 24.72 -6.04
N ARG B 204 -14.62 24.38 -7.32
CA ARG B 204 -15.58 24.77 -8.34
C ARG B 204 -16.94 24.11 -8.12
N GLN B 205 -16.95 22.86 -7.66
CA GLN B 205 -18.15 22.21 -7.16
C GLN B 205 -17.96 22.09 -5.65
N PRO B 206 -18.45 23.08 -4.87
CA PRO B 206 -18.23 22.93 -3.42
C PRO B 206 -19.02 21.83 -2.87
N PRO B 207 -18.58 21.16 -1.80
CA PRO B 207 -19.38 20.14 -1.16
C PRO B 207 -20.53 20.80 -0.43
N LEU B 208 -21.49 19.98 0.00
CA LEU B 208 -22.66 20.46 0.76
C LEU B 208 -23.49 21.44 -0.06
N ALA B 209 -23.82 21.03 -1.29
CA ALA B 209 -24.56 21.91 -2.18
C ALA B 209 -26.03 22.00 -1.81
N THR B 210 -26.60 20.93 -1.26
CA THR B 210 -28.02 20.90 -0.91
C THR B 210 -28.21 21.41 0.51
N ALA B 211 -29.41 21.94 0.79
CA ALA B 211 -29.71 22.42 2.14
C ALA B 211 -29.80 21.27 3.13
N HIS B 212 -30.12 20.08 2.63
CA HIS B 212 -30.19 18.90 3.47
C HIS B 212 -28.81 18.43 3.91
N ALA B 213 -27.81 18.51 3.01
CA ALA B 213 -26.47 18.03 3.36
C ALA B 213 -25.80 18.96 4.36
N ARG B 214 -25.89 20.27 4.14
CA ARG B 214 -25.32 21.21 5.10
C ARG B 214 -25.92 21.02 6.48
N TRP B 215 -27.23 20.83 6.55
CA TRP B 215 -27.87 20.53 7.81
C TRP B 215 -27.31 19.23 8.39
N LYS B 216 -27.20 18.18 7.57
CA LYS B 216 -26.57 16.94 8.05
C LYS B 216 -25.11 17.16 8.45
N ALA B 217 -24.38 17.99 7.69
CA ALA B 217 -22.96 18.22 7.98
C ALA B 217 -22.77 19.00 9.28
N GLU B 218 -23.59 20.04 9.51
CA GLU B 218 -23.52 20.83 10.74
C GLU B 218 -23.81 19.98 11.97
N ARG B 219 -24.74 19.04 11.82
CA ARG B 219 -25.15 18.17 12.91
C ARG B 219 -24.00 17.29 13.39
N GLU B 220 -23.31 16.63 12.45
CA GLU B 220 -22.14 15.85 12.81
C GLU B 220 -21.06 16.73 13.39
N GLY B 221 -20.81 17.89 12.77
CA GLY B 221 -19.82 18.81 13.30
C GLY B 221 -20.13 19.21 14.72
N ARG B 222 -21.37 19.62 14.98
CA ARG B 222 -21.75 19.98 16.34
C ARG B 222 -21.61 18.80 17.29
N ALA B 223 -21.98 17.60 16.84
CA ALA B 223 -21.80 16.42 17.69
C ALA B 223 -20.33 16.09 17.86
N ARG B 224 -19.53 16.21 16.79
CA ARG B 224 -18.10 16.00 16.92
C ARG B 224 -17.49 17.05 17.83
N ARG B 225 -17.94 18.30 17.69
CA ARG B 225 -17.40 19.37 18.53
C ARG B 225 -17.70 19.14 20.00
N ALA B 226 -18.95 18.80 20.32
CA ALA B 226 -19.30 18.54 21.71
C ALA B 226 -18.51 17.37 22.27
N ALA B 227 -18.35 16.32 21.46
CA ALA B 227 -17.56 15.19 21.90
C ALA B 227 -16.11 15.60 22.15
N LEU B 228 -15.56 16.46 21.28
CA LEU B 228 -14.19 16.92 21.42
C LEU B 228 -13.98 17.60 22.77
N LEU B 229 -14.76 18.66 23.04
CA LEU B 229 -14.56 19.43 24.25
C LEU B 229 -14.81 18.58 25.51
N ARG B 230 -15.75 17.64 25.46
CA ARG B 230 -15.96 16.79 26.62
C ARG B 230 -14.73 15.94 26.89
N ALA B 231 -14.17 15.36 25.82
CA ALA B 231 -12.96 14.55 25.93
C ALA B 231 -11.77 15.35 26.39
N LEU B 232 -11.76 16.66 26.17
CA LEU B 232 -10.61 17.48 26.50
C LEU B 232 -10.80 18.30 27.77
N GLY B 233 -11.96 18.23 28.42
CA GLY B 233 -12.16 18.97 29.64
C GLY B 233 -12.51 20.43 29.45
N ILE B 234 -13.23 20.75 28.38
CA ILE B 234 -13.71 22.10 28.14
C ILE B 234 -15.22 22.07 28.37
N ARG B 235 -15.65 22.41 29.61
CA ARG B 235 -17.07 22.49 29.96
C ARG B 235 -17.75 23.72 29.39
N LEU B 236 -17.03 24.84 29.27
CA LEU B 236 -17.62 26.12 28.96
C LEU B 236 -16.80 26.84 27.90
N VAL B 237 -17.45 27.36 26.86
CA VAL B 237 -16.81 28.15 25.83
C VAL B 237 -17.52 29.49 25.79
N SER B 238 -16.78 30.57 26.07
CA SER B 238 -17.34 31.90 26.19
C SER B 238 -16.77 32.78 25.09
N TRP B 239 -17.58 33.73 24.64
CA TRP B 239 -17.22 34.65 23.58
C TRP B 239 -17.44 36.08 24.03
N GLU B 240 -16.56 36.96 23.57
CA GLU B 240 -16.83 38.38 23.70
C GLU B 240 -18.19 38.68 23.07
N GLY B 241 -18.94 39.57 23.71
CA GLY B 241 -20.35 39.68 23.42
C GLY B 241 -21.21 38.80 24.28
N GLY B 242 -20.61 37.97 25.14
CA GLY B 242 -21.34 37.27 26.17
C GLY B 242 -21.87 35.90 25.81
N ARG B 243 -21.80 35.49 24.54
CA ARG B 243 -22.32 34.19 24.13
C ARG B 243 -21.65 33.07 24.91
N LEU B 244 -22.46 32.15 25.44
CA LEU B 244 -21.98 31.02 26.22
C LEU B 244 -22.44 29.72 25.58
N GLU B 245 -21.51 28.78 25.43
CA GLU B 245 -21.81 27.41 25.01
C GLU B 245 -21.37 26.48 26.12
N TRP B 246 -22.29 25.63 26.58
CA TRP B 246 -21.97 24.70 27.66
C TRP B 246 -21.90 23.27 27.16
N PHE B 247 -21.10 22.47 27.88
CA PHE B 247 -20.85 21.09 27.51
C PHE B 247 -20.70 20.23 28.75
N GLY B 248 -21.23 20.66 29.88
CA GLY B 248 -21.14 19.89 31.09
C GLY B 248 -22.44 19.20 31.46
N CYS B 249 -22.70 19.13 32.77
CA CYS B 249 -23.97 18.64 33.25
C CYS B 249 -25.05 19.71 33.09
N ASN B 250 -26.28 19.29 33.34
CA ASN B 250 -27.41 20.20 33.34
C ASN B 250 -28.51 19.59 34.21
N LYS B 251 -29.73 20.12 34.09
CA LYS B 251 -30.82 19.66 34.94
C LYS B 251 -31.20 18.22 34.64
N GLU B 252 -31.01 17.76 33.41
CA GLU B 252 -31.54 16.47 32.98
C GLU B 252 -30.47 15.41 32.81
N THR B 253 -29.22 15.72 33.12
CA THR B 253 -28.16 14.72 33.13
C THR B 253 -27.66 14.51 34.56
N THR B 254 -26.60 13.73 34.67
CA THR B 254 -25.87 13.51 35.90
C THR B 254 -24.95 14.71 36.15
N ARG B 255 -24.57 14.94 37.40
CA ARG B 255 -23.50 15.88 37.67
C ARG B 255 -22.17 15.33 37.13
N CYS B 256 -21.22 16.24 36.91
CA CYS B 256 -20.01 15.87 36.17
C CYS B 256 -19.18 14.83 36.91
N PHE B 257 -19.07 14.94 38.23
CA PHE B 257 -18.21 14.06 39.02
C PHE B 257 -19.03 13.10 39.87
N GLY B 258 -18.40 11.98 40.25
CA GLY B 258 -19.06 10.94 41.02
C GLY B 258 -19.05 11.19 42.51
N THR B 259 -19.31 10.14 43.26
CA THR B 259 -19.30 10.20 44.72
C THR B 259 -17.93 10.65 45.22
N VAL B 260 -17.92 11.66 46.08
CA VAL B 260 -16.67 12.18 46.61
C VAL B 260 -16.22 11.30 47.77
N VAL B 261 -15.00 10.76 47.67
CA VAL B 261 -14.40 10.00 48.76
C VAL B 261 -13.27 10.86 49.33
N GLY B 262 -12.99 10.68 50.62
CA GLY B 262 -11.97 11.49 51.29
C GLY B 262 -12.22 12.98 51.27
N ASP B 263 -13.45 13.41 51.01
CA ASP B 263 -13.81 14.82 50.95
C ASP B 263 -13.13 15.53 49.79
N THR B 264 -12.33 14.80 49.01
CA THR B 264 -11.62 15.39 47.88
C THR B 264 -12.20 14.90 46.57
N PRO B 265 -12.95 15.72 45.83
CA PRO B 265 -13.57 15.25 44.58
C PRO B 265 -12.52 14.91 43.53
N ALA B 266 -12.94 14.05 42.58
CA ALA B 266 -12.04 13.53 41.56
C ALA B 266 -11.31 14.65 40.80
N TYR B 267 -11.99 15.76 40.53
CA TYR B 267 -11.37 16.77 39.68
C TYR B 267 -10.13 17.39 40.34
N LEU B 268 -10.11 17.47 41.67
CA LEU B 268 -8.95 18.07 42.35
C LEU B 268 -7.69 17.25 42.11
N TYR B 269 -7.80 15.93 42.01
CA TYR B 269 -6.60 15.14 41.74
C TYR B 269 -6.12 15.37 40.30
N GLU B 270 -7.03 15.64 39.38
CA GLU B 270 -6.71 16.03 38.01
C GLU B 270 -6.27 17.48 37.93
N GLU B 271 -6.02 18.10 39.08
CA GLU B 271 -5.57 19.49 39.16
C GLU B 271 -6.52 20.44 38.45
N ARG B 272 -7.81 20.14 38.49
CA ARG B 272 -8.84 21.06 38.04
C ARG B 272 -9.77 21.38 39.21
N TRP B 273 -10.45 22.49 39.09
CA TRP B 273 -11.41 22.88 40.11
C TRP B 273 -12.81 22.45 39.68
N THR B 274 -13.82 22.87 40.42
CA THR B 274 -15.18 22.44 40.15
C THR B 274 -15.57 22.86 38.74
N PRO B 275 -16.23 22.00 37.98
CA PRO B 275 -16.67 22.37 36.64
C PRO B 275 -17.63 23.55 36.67
N PRO B 276 -17.49 24.47 35.72
CA PRO B 276 -18.36 25.67 35.73
C PRO B 276 -19.85 25.36 35.70
N CYS B 277 -20.25 24.22 35.11
CA CYS B 277 -21.67 23.85 35.08
C CYS B 277 -22.17 23.39 36.45
N CYS B 278 -21.34 22.64 37.17
CA CYS B 278 -21.71 22.21 38.50
C CYS B 278 -21.89 23.42 39.42
N LEU B 279 -20.89 24.31 39.46
CA LEU B 279 -21.01 25.53 40.24
C LEU B 279 -22.29 26.27 39.90
N ARG B 280 -22.60 26.40 38.61
CA ARG B 280 -23.77 27.17 38.22
C ARG B 280 -25.04 26.50 38.71
N ALA B 281 -25.10 25.16 38.62
CA ALA B 281 -26.24 24.46 39.19
C ALA B 281 -26.32 24.69 40.70
N LEU B 282 -25.17 24.72 41.38
CA LEU B 282 -25.19 24.91 42.83
C LEU B 282 -25.70 26.30 43.19
N ARG B 283 -25.32 27.32 42.42
CA ARG B 283 -25.80 28.67 42.69
C ARG B 283 -27.30 28.74 42.51
N GLU B 284 -27.81 28.18 41.40
CA GLU B 284 -29.25 28.29 41.18
C GLU B 284 -30.04 27.39 42.12
N THR B 285 -29.43 26.32 42.62
CA THR B 285 -30.07 25.56 43.69
C THR B 285 -30.02 26.34 45.00
N ALA B 286 -28.85 26.91 45.32
CA ALA B 286 -28.74 27.72 46.52
C ALA B 286 -29.72 28.89 46.48
N ARG B 287 -29.82 29.57 45.33
CA ARG B 287 -30.76 30.68 45.22
C ARG B 287 -32.19 30.21 45.41
N TYR B 288 -32.55 29.11 44.76
CA TYR B 288 -33.93 28.66 44.82
C TYR B 288 -34.33 28.21 46.23
N VAL B 289 -33.44 27.47 46.91
CA VAL B 289 -33.73 26.97 48.24
C VAL B 289 -33.88 28.12 49.23
N VAL B 290 -32.97 29.10 49.16
CA VAL B 290 -33.09 30.30 49.98
C VAL B 290 -34.47 30.94 49.78
N GLY B 291 -34.92 31.02 48.53
CA GLY B 291 -36.22 31.63 48.27
C GLY B 291 -37.37 30.82 48.85
N VAL B 292 -37.29 29.49 48.75
CA VAL B 292 -38.31 28.63 49.35
C VAL B 292 -38.33 28.84 50.86
N LEU B 293 -37.15 28.81 51.47
CA LEU B 293 -37.07 28.89 52.91
C LEU B 293 -37.53 30.25 53.42
N GLU B 294 -37.16 31.33 52.72
CA GLU B 294 -37.60 32.66 53.12
C GLU B 294 -39.12 32.78 53.03
N ALA B 295 -39.70 32.33 51.92
CA ALA B 295 -41.15 32.41 51.78
C ALA B 295 -41.86 31.54 52.80
N ALA B 296 -41.26 30.43 53.23
CA ALA B 296 -41.90 29.59 54.22
C ALA B 296 -41.69 30.10 55.64
N GLY B 297 -40.81 31.06 55.84
CA GLY B 297 -40.54 31.53 57.19
C GLY B 297 -39.60 30.63 57.95
N VAL B 298 -38.61 30.06 57.28
CA VAL B 298 -37.60 29.23 57.92
C VAL B 298 -36.35 30.09 58.09
N ARG B 299 -35.94 30.31 59.34
CA ARG B 299 -34.70 31.04 59.59
C ARG B 299 -33.50 30.19 59.14
N TYR B 300 -32.71 30.74 58.21
CA TYR B 300 -31.53 30.06 57.72
C TYR B 300 -30.34 31.01 57.81
N TRP B 301 -29.15 30.43 57.72
CA TRP B 301 -27.90 31.18 57.60
C TRP B 301 -26.94 30.33 56.77
N LEU B 302 -26.02 30.99 56.08
CA LEU B 302 -25.02 30.21 55.35
C LEU B 302 -24.07 29.55 56.34
N GLU B 303 -23.68 28.31 56.03
CA GLU B 303 -22.87 27.49 56.91
C GLU B 303 -21.62 27.02 56.17
N GLY B 304 -20.73 26.38 56.93
CA GLY B 304 -19.51 25.76 56.41
C GLY B 304 -18.84 26.47 55.24
N GLY B 305 -18.59 25.73 54.16
CA GLY B 305 -17.90 26.27 53.01
C GLY B 305 -18.65 27.38 52.30
N SER B 306 -19.97 27.40 52.40
CA SER B 306 -20.73 28.44 51.73
C SER B 306 -20.53 29.79 52.42
N LEU B 307 -20.60 29.80 53.75
CA LEU B 307 -20.32 31.04 54.47
C LEU B 307 -18.88 31.47 54.25
N LEU B 308 -17.94 30.51 54.30
CA LEU B 308 -16.53 30.83 54.09
C LEU B 308 -16.31 31.45 52.71
N GLY B 309 -16.80 30.78 51.66
CA GLY B 309 -16.71 31.37 50.34
C GLY B 309 -17.38 32.74 50.25
N ALA B 310 -18.53 32.90 50.91
CA ALA B 310 -19.22 34.18 50.88
C ALA B 310 -18.37 35.26 51.53
N ALA B 311 -17.79 34.95 52.69
CA ALA B 311 -16.96 35.94 53.38
C ALA B 311 -15.72 36.30 52.59
N ARG B 312 -15.17 35.37 51.80
CA ARG B 312 -13.95 35.63 51.01
C ARG B 312 -14.25 36.46 49.78
N HIS B 313 -15.22 36.02 48.97
CA HIS B 313 -15.48 36.70 47.70
C HIS B 313 -16.95 36.59 47.28
N GLY B 314 -17.88 36.43 48.22
CA GLY B 314 -19.30 36.38 47.88
C GLY B 314 -19.71 35.29 46.92
N ASP B 315 -19.06 34.12 46.96
CA ASP B 315 -19.38 33.05 46.01
C ASP B 315 -18.83 31.71 46.51
N ILE B 316 -19.29 30.65 45.85
CA ILE B 316 -18.84 29.30 46.18
C ILE B 316 -17.34 29.20 46.01
N ILE B 317 -16.70 28.52 46.97
CA ILE B 317 -15.25 28.28 46.85
C ILE B 317 -14.99 27.51 45.57
N PRO B 318 -14.03 27.93 44.74
CA PRO B 318 -13.93 27.38 43.37
C PRO B 318 -13.71 25.87 43.27
N TRP B 319 -13.34 25.17 44.33
CA TRP B 319 -13.25 23.71 44.31
C TRP B 319 -14.34 23.03 45.11
N ASP B 320 -15.28 23.77 45.68
CA ASP B 320 -16.32 23.21 46.53
C ASP B 320 -17.41 22.57 45.67
N TYR B 321 -18.05 21.53 46.23
CA TYR B 321 -19.04 20.76 45.51
C TYR B 321 -20.46 20.83 46.08
N ASP B 322 -20.66 21.44 47.25
CA ASP B 322 -22.02 21.61 47.77
C ASP B 322 -22.21 23.01 48.33
N VAL B 323 -23.45 23.31 48.69
CA VAL B 323 -23.82 24.51 49.45
C VAL B 323 -24.42 24.05 50.77
N ASP B 324 -23.95 24.65 51.87
CA ASP B 324 -24.43 24.30 53.20
C ASP B 324 -25.21 25.47 53.80
N LEU B 325 -26.39 25.16 54.35
CA LEU B 325 -27.18 26.14 55.10
C LEU B 325 -27.53 25.55 56.45
N GLY B 326 -27.51 26.38 57.48
CA GLY B 326 -28.07 26.04 58.78
C GLY B 326 -29.48 26.59 58.89
N ILE B 327 -30.36 25.83 59.55
CA ILE B 327 -31.73 26.27 59.82
C ILE B 327 -32.10 25.93 61.26
N TYR B 328 -33.12 26.63 61.76
CA TYR B 328 -33.67 26.38 63.08
C TYR B 328 -34.57 25.14 63.03
N LEU B 329 -34.28 24.14 63.86
CA LEU B 329 -35.07 22.91 63.83
C LEU B 329 -36.56 23.21 64.05
N GLU B 330 -36.88 24.16 64.92
CA GLU B 330 -38.29 24.45 65.16
C GLU B 330 -38.96 25.13 63.98
N ASP B 331 -38.24 25.36 62.89
CA ASP B 331 -38.83 25.96 61.69
C ASP B 331 -39.11 24.96 60.58
N VAL B 332 -38.62 23.71 60.69
CA VAL B 332 -38.76 22.77 59.57
C VAL B 332 -40.23 22.60 59.20
N GLY B 333 -41.12 22.54 60.20
CA GLY B 333 -42.53 22.36 59.93
C GLY B 333 -43.14 23.48 59.11
N ASN B 334 -42.47 24.62 59.01
CA ASN B 334 -43.04 25.73 58.25
C ASN B 334 -42.99 25.49 56.75
N CYS B 335 -42.09 24.65 56.28
CA CYS B 335 -41.80 24.49 54.85
C CYS B 335 -42.43 23.21 54.33
N GLU B 336 -43.31 23.34 53.33
CA GLU B 336 -43.99 22.17 52.77
C GLU B 336 -43.00 21.09 52.30
N GLN B 337 -41.93 21.48 51.62
CA GLN B 337 -41.02 20.46 51.11
C GLN B 337 -40.31 19.74 52.25
N LEU B 338 -40.01 20.46 53.33
CA LEU B 338 -39.31 19.80 54.44
C LEU B 338 -40.25 18.88 55.19
N ARG B 339 -41.54 19.20 55.20
CA ARG B 339 -42.53 18.33 55.84
C ARG B 339 -42.66 17.02 55.09
N GLY B 340 -42.79 17.08 53.75
CA GLY B 340 -42.84 15.87 52.97
C GLY B 340 -41.54 15.09 52.99
N ALA B 341 -40.41 15.79 53.13
CA ALA B 341 -39.10 15.13 53.08
C ALA B 341 -38.95 14.08 54.16
N GLU B 342 -39.48 14.34 55.36
CA GLU B 342 -39.39 13.37 56.45
C GLU B 342 -40.28 12.16 56.22
N ALA B 343 -41.30 12.28 55.39
CA ALA B 343 -42.10 11.13 55.00
C ALA B 343 -41.52 10.39 53.80
N GLY B 344 -40.55 10.97 53.11
CA GLY B 344 -40.03 10.41 51.88
C GLY B 344 -39.45 11.50 51.01
N SER B 345 -38.83 11.09 49.90
CA SER B 345 -38.22 12.06 49.01
C SER B 345 -39.28 12.74 48.16
N VAL B 346 -39.12 14.05 47.96
CA VAL B 346 -40.14 14.90 47.35
C VAL B 346 -39.54 15.63 46.18
N VAL B 347 -40.24 15.61 45.04
CA VAL B 347 -39.87 16.38 43.87
C VAL B 347 -40.89 17.52 43.75
N ASP B 348 -40.41 18.76 43.81
CA ASP B 348 -41.31 19.90 43.95
C ASP B 348 -41.65 20.52 42.60
N GLU B 349 -42.27 21.71 42.66
CA GLU B 349 -42.78 22.42 41.48
C GLU B 349 -41.71 22.69 40.44
N ARG B 350 -40.43 22.70 40.82
CA ARG B 350 -39.35 23.05 39.93
C ARG B 350 -38.39 21.90 39.66
N GLY B 351 -38.75 20.68 40.03
CA GLY B 351 -37.89 19.54 39.81
C GLY B 351 -36.81 19.32 40.85
N PHE B 352 -36.75 20.14 41.89
CA PHE B 352 -35.79 19.92 42.95
C PHE B 352 -36.23 18.78 43.86
N VAL B 353 -35.27 18.04 44.40
CA VAL B 353 -35.57 16.84 45.18
C VAL B 353 -35.16 17.09 46.62
N TRP B 354 -36.15 17.11 47.52
CA TRP B 354 -35.92 17.32 48.94
C TRP B 354 -36.04 15.98 49.67
N GLU B 355 -35.06 15.67 50.51
CA GLU B 355 -35.11 14.42 51.26
C GLU B 355 -34.33 14.55 52.55
N LYS B 356 -34.70 13.74 53.55
CA LYS B 356 -33.94 13.60 54.77
C LYS B 356 -32.85 12.57 54.54
N ALA B 357 -31.64 12.85 54.98
CA ALA B 357 -30.51 12.04 54.61
C ALA B 357 -30.38 10.80 55.50
N VAL B 358 -29.80 9.74 54.93
CA VAL B 358 -29.41 8.56 55.70
C VAL B 358 -28.59 8.97 56.91
N GLU B 359 -27.46 9.63 56.63
CA GLU B 359 -26.57 10.26 57.60
C GLU B 359 -27.34 11.19 58.53
N GLY B 360 -26.81 11.42 59.73
CA GLY B 360 -27.57 11.99 60.82
C GLY B 360 -28.31 13.30 60.64
N ASP B 361 -29.64 13.22 60.65
CA ASP B 361 -30.55 14.31 60.98
C ASP B 361 -30.23 15.61 60.25
N PHE B 362 -30.24 15.55 58.92
CA PHE B 362 -30.19 16.79 58.14
C PHE B 362 -30.88 16.55 56.81
N PHE B 363 -31.17 17.64 56.12
CA PHE B 363 -31.87 17.61 54.85
C PHE B 363 -30.91 17.89 53.70
N ARG B 364 -31.32 17.49 52.50
CA ARG B 364 -30.50 17.65 51.32
C ARG B 364 -31.43 17.98 50.16
N VAL B 365 -31.07 18.99 49.37
CA VAL B 365 -31.88 19.43 48.25
C VAL B 365 -31.05 19.25 46.99
N GLN B 366 -31.48 18.34 46.12
CA GLN B 366 -30.74 18.05 44.90
C GLN B 366 -31.29 18.86 43.74
N TYR B 367 -30.38 19.31 42.88
CA TYR B 367 -30.74 20.12 41.71
C TYR B 367 -31.88 19.49 40.91
N SER B 368 -31.77 18.19 40.63
CA SER B 368 -32.84 17.48 39.96
C SER B 368 -32.78 16.02 40.36
N GLU B 369 -33.67 15.20 39.76
CA GLU B 369 -33.63 13.77 40.02
C GLU B 369 -32.32 13.15 39.54
N SER B 370 -31.82 13.56 38.38
CA SER B 370 -30.62 12.97 37.81
C SER B 370 -29.32 13.64 38.28
N ASN B 371 -29.32 14.96 38.46
CA ASN B 371 -28.12 15.71 38.82
C ASN B 371 -28.12 15.94 40.34
N HIS B 372 -27.21 15.28 41.04
CA HIS B 372 -27.17 15.29 42.50
C HIS B 372 -26.21 16.32 43.08
N LEU B 373 -26.08 17.48 42.44
CA LEU B 373 -25.52 18.63 43.13
C LEU B 373 -26.56 19.15 44.13
N HIS B 374 -26.12 19.48 45.33
CA HIS B 374 -27.12 19.62 46.39
C HIS B 374 -26.79 20.72 47.38
N VAL B 375 -27.85 21.24 47.98
CA VAL B 375 -27.79 22.09 49.16
C VAL B 375 -28.12 21.23 50.38
N ASP B 376 -27.27 21.28 51.40
CA ASP B 376 -27.55 20.59 52.67
C ASP B 376 -28.13 21.57 53.68
N LEU B 377 -29.21 21.16 54.33
CA LEU B 377 -29.88 21.94 55.35
C LEU B 377 -29.57 21.29 56.70
N TRP B 378 -28.75 21.96 57.51
CA TRP B 378 -28.36 21.44 58.81
C TRP B 378 -29.25 22.05 59.87
N PRO B 379 -30.23 21.33 60.41
CA PRO B 379 -31.12 21.92 61.43
C PRO B 379 -30.41 22.00 62.78
N PHE B 380 -30.51 23.17 63.41
CA PHE B 380 -30.00 23.37 64.76
C PHE B 380 -31.14 23.79 65.67
N TYR B 381 -30.99 23.49 66.96
CA TYR B 381 -31.93 23.99 67.95
C TYR B 381 -31.14 24.54 69.14
N PRO B 382 -31.66 25.56 69.80
CA PRO B 382 -30.94 26.13 70.94
C PRO B 382 -31.21 25.34 72.20
N ARG B 383 -30.19 25.24 73.05
CA ARG B 383 -30.33 24.58 74.35
C ARG B 383 -30.23 25.57 75.50
N ASN B 384 -29.14 26.34 75.59
CA ASN B 384 -28.91 27.31 76.64
C ASN B 384 -28.17 28.46 75.97
N GLY B 385 -28.78 28.96 74.89
CA GLY B 385 -28.08 29.89 74.03
C GLY B 385 -27.00 29.26 73.20
N VAL B 386 -26.88 27.93 73.22
CA VAL B 386 -25.94 27.17 72.40
C VAL B 386 -26.73 26.46 71.32
N MET B 387 -26.40 26.73 70.06
CA MET B 387 -27.01 25.99 68.96
C MET B 387 -26.36 24.62 68.87
N THR B 388 -27.16 23.58 68.78
CA THR B 388 -26.64 22.22 68.78
C THR B 388 -27.52 21.35 67.91
N LYS B 389 -27.03 20.12 67.67
CA LYS B 389 -27.81 19.05 67.04
C LYS B 389 -27.45 17.73 67.70
N ASP B 390 -28.31 16.73 67.51
CA ASP B 390 -28.08 15.44 68.15
C ASP B 390 -27.10 14.55 67.40
N THR B 391 -26.85 14.83 66.12
CA THR B 391 -25.96 14.05 65.29
C THR B 391 -24.79 14.90 64.81
N TRP B 392 -23.61 14.30 64.72
CA TRP B 392 -22.40 15.04 64.38
C TRP B 392 -21.58 14.26 63.36
N LEU B 393 -21.25 14.92 62.25
CA LEU B 393 -20.25 14.39 61.34
C LEU B 393 -18.86 14.55 61.94
N ASP B 394 -17.91 13.77 61.43
CA ASP B 394 -16.53 13.81 61.96
C ASP B 394 -15.68 14.78 61.14
N HIS B 395 -16.05 16.05 61.23
CA HIS B 395 -15.29 17.15 60.65
C HIS B 395 -15.07 18.21 61.72
N ARG B 396 -13.99 18.97 61.56
CA ARG B 396 -13.60 19.88 62.63
C ARG B 396 -14.53 21.09 62.70
N GLN B 397 -15.05 21.53 61.55
CA GLN B 397 -15.95 22.68 61.54
C GLN B 397 -17.38 22.35 61.95
N ASP B 398 -17.68 21.09 62.26
CA ASP B 398 -19.03 20.65 62.64
C ASP B 398 -19.09 20.66 64.17
N VAL B 399 -19.46 21.81 64.72
CA VAL B 399 -19.43 22.04 66.15
C VAL B 399 -20.70 22.80 66.57
N GLU B 400 -20.91 22.86 67.89
CA GLU B 400 -21.86 23.81 68.46
C GLU B 400 -21.28 25.22 68.40
N PHE B 401 -22.16 26.20 68.56
CA PHE B 401 -21.77 27.60 68.52
C PHE B 401 -22.81 28.42 69.25
N PRO B 402 -22.43 29.59 69.76
CA PRO B 402 -23.38 30.40 70.53
C PRO B 402 -24.50 30.93 69.65
N GLU B 403 -25.73 30.90 70.20
CA GLU B 403 -26.89 31.36 69.46
C GLU B 403 -26.82 32.86 69.14
N HIS B 404 -26.12 33.64 69.98
CA HIS B 404 -26.02 35.07 69.73
C HIS B 404 -25.41 35.39 68.36
N PHE B 405 -24.60 34.48 67.80
CA PHE B 405 -24.15 34.64 66.42
C PHE B 405 -25.30 34.71 65.43
N LEU B 406 -26.47 34.21 65.81
CA LEU B 406 -27.66 34.25 64.95
C LEU B 406 -28.62 35.37 65.31
N GLN B 407 -28.24 36.27 66.21
CA GLN B 407 -29.13 37.33 66.70
C GLN B 407 -28.41 38.67 66.64
N PRO B 408 -28.56 39.41 65.53
CA PRO B 408 -29.34 39.01 64.36
C PRO B 408 -28.47 38.43 63.25
N LEU B 409 -29.12 37.97 62.19
CA LEU B 409 -28.40 37.65 60.98
C LEU B 409 -28.07 38.94 60.23
N VAL B 410 -27.03 38.87 59.41
CA VAL B 410 -26.64 40.03 58.60
C VAL B 410 -26.68 39.64 57.11
N PRO B 411 -27.07 40.56 56.24
CA PRO B 411 -27.05 40.25 54.80
C PRO B 411 -25.62 40.10 54.33
N LEU B 412 -25.43 39.20 53.37
CA LEU B 412 -24.10 38.92 52.82
C LEU B 412 -24.23 38.35 51.41
N PRO B 413 -23.62 38.99 50.41
CA PRO B 413 -23.72 38.48 49.05
C PRO B 413 -23.12 37.09 48.91
N PHE B 414 -23.80 36.26 48.12
CA PHE B 414 -23.36 34.88 47.91
C PHE B 414 -24.04 34.36 46.63
N ALA B 415 -23.22 33.89 45.70
CA ALA B 415 -23.69 33.23 44.49
C ALA B 415 -24.68 34.09 43.70
N GLY B 416 -24.50 35.42 43.74
CA GLY B 416 -25.27 36.33 42.91
C GLY B 416 -26.48 36.95 43.59
N PHE B 417 -26.84 36.49 44.78
CA PHE B 417 -27.94 37.07 45.53
C PHE B 417 -27.43 37.41 46.93
N VAL B 418 -28.30 38.06 47.71
CA VAL B 418 -27.97 38.44 49.07
C VAL B 418 -28.47 37.34 49.99
N ALA B 419 -27.56 36.74 50.74
CA ALA B 419 -27.93 35.65 51.65
C ALA B 419 -27.88 36.15 53.09
N GLN B 420 -28.43 35.34 53.98
CA GLN B 420 -28.37 35.61 55.40
C GLN B 420 -27.18 34.88 56.01
N ALA B 421 -26.45 35.59 56.87
CA ALA B 421 -25.24 35.05 57.47
C ALA B 421 -25.22 35.38 58.94
N PRO B 422 -24.51 34.59 59.75
CA PRO B 422 -24.32 34.95 61.16
C PRO B 422 -23.66 36.31 61.26
N ASN B 423 -24.05 37.07 62.29
CA ASN B 423 -23.28 38.27 62.57
C ASN B 423 -21.89 37.88 63.05
N ASN B 424 -20.93 38.77 62.85
CA ASN B 424 -19.53 38.51 63.19
C ASN B 424 -19.05 37.22 62.54
N TYR B 425 -19.45 37.01 61.28
CA TYR B 425 -19.17 35.75 60.61
C TYR B 425 -17.67 35.46 60.52
N ARG B 426 -16.82 36.48 60.58
CA ARG B 426 -15.38 36.23 60.71
C ARG B 426 -15.11 35.41 61.97
N ARG B 427 -15.56 35.92 63.12
CA ARG B 427 -15.37 35.19 64.38
C ARG B 427 -16.07 33.84 64.33
N PHE B 428 -17.26 33.79 63.73
CA PHE B 428 -17.97 32.52 63.54
C PHE B 428 -17.13 31.54 62.73
N LEU B 429 -16.65 31.98 61.55
CA LEU B 429 -15.86 31.12 60.69
C LEU B 429 -14.57 30.66 61.38
N GLU B 430 -13.91 31.57 62.11
CA GLU B 430 -12.67 31.18 62.77
C GLU B 430 -12.96 30.20 63.91
N LEU B 431 -14.11 30.38 64.58
CA LEU B 431 -14.47 29.43 65.63
C LEU B 431 -14.64 28.03 65.06
N LYS B 432 -15.26 27.94 63.89
CA LYS B 432 -15.51 26.62 63.31
C LYS B 432 -14.28 26.06 62.59
N PHE B 433 -13.56 26.89 61.85
CA PHE B 433 -12.47 26.39 61.04
C PHE B 433 -11.09 26.63 61.63
N GLY B 434 -10.96 27.52 62.61
CA GLY B 434 -9.66 27.86 63.14
C GLY B 434 -9.21 29.22 62.66
N PRO B 435 -8.33 29.86 63.43
CA PRO B 435 -7.96 31.25 63.12
C PRO B 435 -7.32 31.37 61.75
N GLY B 436 -7.63 32.49 61.09
CA GLY B 436 -7.08 32.77 59.77
C GLY B 436 -7.71 32.02 58.63
N VAL B 437 -8.84 31.33 58.85
CA VAL B 437 -9.43 30.51 57.81
C VAL B 437 -9.73 31.35 56.58
N ILE B 438 -10.30 32.54 56.79
CA ILE B 438 -10.69 33.38 55.66
C ILE B 438 -9.48 33.67 54.78
N GLU B 439 -8.33 33.94 55.40
CA GLU B 439 -7.14 34.38 54.70
C GLU B 439 -6.30 33.24 54.12
N ASN B 440 -6.53 32.00 54.51
CA ASN B 440 -5.65 30.89 54.13
C ASN B 440 -6.43 29.74 53.48
N PRO B 441 -6.80 29.88 52.21
CA PRO B 441 -7.56 28.82 51.54
C PRO B 441 -6.81 27.49 51.55
N GLN B 442 -7.58 26.41 51.63
CA GLN B 442 -6.99 25.08 51.71
C GLN B 442 -8.03 24.05 51.27
N TYR B 443 -7.53 22.96 50.66
CA TYR B 443 -8.38 21.91 50.16
C TYR B 443 -9.10 21.22 51.32
N PRO B 444 -10.19 20.51 51.02
CA PRO B 444 -11.03 19.97 52.12
C PRO B 444 -10.35 18.89 52.94
N ASN B 445 -9.23 18.36 52.51
CA ASN B 445 -8.48 17.45 53.36
C ASN B 445 -7.02 17.49 52.90
N PRO B 446 -6.18 18.25 53.59
CA PRO B 446 -4.80 18.42 53.10
C PRO B 446 -3.96 17.17 53.23
N ALA B 447 -4.29 16.26 54.15
CA ALA B 447 -3.49 15.06 54.32
C ALA B 447 -3.53 14.17 53.08
N LEU B 448 -4.58 14.31 52.26
CA LEU B 448 -4.68 13.60 50.99
C LEU B 448 -4.25 14.45 49.81
N LEU B 449 -4.72 15.69 49.74
CA LEU B 449 -4.40 16.58 48.63
C LEU B 449 -4.41 18.00 49.16
N SER B 450 -3.26 18.69 49.06
CA SER B 450 -3.11 20.04 49.56
C SER B 450 -2.94 21.03 48.40
N LEU B 451 -3.27 22.29 48.70
CA LEU B 451 -2.98 23.40 47.79
C LEU B 451 -1.48 23.69 47.78
N PRO C 7 -7.08 22.55 -32.77
CA PRO C 7 -6.49 21.21 -32.68
C PRO C 7 -6.59 20.59 -31.28
N ARG C 8 -7.34 19.50 -31.20
CA ARG C 8 -7.55 18.77 -29.96
C ARG C 8 -7.00 17.35 -29.99
N VAL C 9 -6.41 16.91 -31.10
CA VAL C 9 -5.90 15.54 -31.25
C VAL C 9 -4.44 15.60 -31.68
N THR C 10 -3.59 14.82 -31.02
CA THR C 10 -2.20 14.61 -31.44
C THR C 10 -2.07 13.21 -31.99
N VAL C 11 -1.75 13.12 -33.29
CA VAL C 11 -1.45 11.82 -33.88
C VAL C 11 -0.15 11.31 -33.29
N LEU C 12 -0.18 10.09 -32.77
CA LEU C 12 1.00 9.48 -32.18
C LEU C 12 1.20 8.14 -32.87
N VAL C 13 2.30 8.03 -33.60
CA VAL C 13 2.62 6.80 -34.34
C VAL C 13 3.73 6.10 -33.58
N ARG C 14 3.46 4.86 -33.18
CA ARG C 14 4.42 4.08 -32.42
C ARG C 14 4.75 2.75 -33.11
N GLU C 15 3.77 2.13 -33.77
CA GLU C 15 3.99 0.85 -34.41
C GLU C 15 4.43 1.10 -35.84
N PHE C 16 5.74 1.03 -36.07
CA PHE C 16 6.34 1.03 -37.39
C PHE C 16 7.72 0.41 -37.28
N GLU C 17 8.33 0.11 -38.42
CA GLU C 17 9.68 -0.43 -38.47
C GLU C 17 10.63 0.58 -39.14
N ALA C 18 11.81 0.74 -38.55
CA ALA C 18 12.77 1.71 -39.11
C ALA C 18 13.19 1.36 -40.52
N PHE C 19 13.32 0.07 -40.83
CA PHE C 19 13.88 -0.34 -42.11
C PHE C 19 12.90 -0.28 -43.26
N ASP C 20 11.60 -0.39 -42.99
CA ASP C 20 10.59 -0.29 -44.03
C ASP C 20 9.33 0.28 -43.39
N ASN C 21 8.98 1.52 -43.74
CA ASN C 21 7.78 2.15 -43.20
C ASN C 21 7.24 3.15 -44.21
N ALA C 22 5.98 3.55 -43.98
CA ALA C 22 5.32 4.63 -44.70
C ALA C 22 4.92 5.74 -43.73
N VAL C 23 5.73 5.95 -42.69
CA VAL C 23 5.45 7.02 -41.74
C VAL C 23 5.52 8.39 -42.39
N PRO C 24 6.51 8.71 -43.25
CA PRO C 24 6.48 10.01 -43.94
C PRO C 24 5.20 10.24 -44.71
N GLU C 25 4.69 9.24 -45.43
CA GLU C 25 3.38 9.40 -46.06
C GLU C 25 2.29 9.63 -45.03
N LEU C 26 2.31 8.85 -43.94
CA LEU C 26 1.35 9.03 -42.86
C LEU C 26 1.34 10.47 -42.34
N VAL C 27 2.51 10.96 -41.92
CA VAL C 27 2.63 12.32 -41.42
C VAL C 27 2.15 13.33 -42.46
N ASP C 28 2.65 13.20 -43.70
CA ASP C 28 2.28 14.13 -44.76
C ASP C 28 0.77 14.17 -44.96
N SER C 29 0.11 13.02 -44.90
CA SER C 29 -1.32 12.98 -45.16
C SER C 29 -2.10 13.78 -44.14
N PHE C 30 -1.65 13.78 -42.88
CA PHE C 30 -2.35 14.52 -41.84
C PHE C 30 -2.07 16.01 -41.91
N LEU C 31 -0.85 16.39 -42.33
CA LEU C 31 -0.56 17.81 -42.47
C LEU C 31 -1.26 18.39 -43.68
N GLN C 32 -1.49 17.59 -44.72
CA GLN C 32 -2.22 18.08 -45.88
C GLN C 32 -3.64 18.47 -45.51
N GLN C 33 -4.19 17.88 -44.45
CA GLN C 33 -5.51 18.25 -43.96
C GLN C 33 -5.46 19.40 -42.96
N ASP C 34 -4.43 19.44 -42.12
CA ASP C 34 -4.22 20.57 -41.22
C ASP C 34 -2.73 20.79 -41.08
N PRO C 35 -2.21 21.89 -41.62
CA PRO C 35 -0.78 22.21 -41.42
C PRO C 35 -0.36 22.22 -39.95
N ALA C 36 -1.27 22.57 -39.04
CA ALA C 36 -0.95 22.73 -37.63
C ALA C 36 -1.18 21.46 -36.83
N GLN C 37 -1.49 20.35 -37.49
CA GLN C 37 -1.81 19.10 -36.83
C GLN C 37 -0.66 18.61 -35.96
N PRO C 38 -0.83 18.49 -34.64
CA PRO C 38 0.24 17.95 -33.80
C PRO C 38 0.47 16.48 -34.12
N VAL C 39 1.72 16.13 -34.43
CA VAL C 39 2.06 14.75 -34.76
C VAL C 39 3.36 14.39 -34.06
N VAL C 40 3.32 13.27 -33.32
CA VAL C 40 4.48 12.75 -32.60
C VAL C 40 4.75 11.34 -33.13
N VAL C 41 5.94 11.14 -33.67
CA VAL C 41 6.41 9.80 -34.02
C VAL C 41 7.28 9.34 -32.87
N ALA C 42 6.87 8.25 -32.21
CA ALA C 42 7.58 7.73 -31.05
C ALA C 42 8.47 6.58 -31.47
N ALA C 43 9.67 6.51 -30.89
CA ALA C 43 10.59 5.42 -31.20
C ALA C 43 11.50 5.21 -29.99
N ASP C 44 12.04 4.01 -29.87
CA ASP C 44 12.95 3.74 -28.77
C ASP C 44 14.31 4.39 -29.03
N THR C 45 14.81 4.29 -30.26
CA THR C 45 16.01 4.99 -30.71
C THR C 45 15.71 5.69 -32.02
N LEU C 46 16.59 6.62 -32.39
CA LEU C 46 16.43 7.38 -33.62
C LEU C 46 16.25 6.44 -34.81
N PRO C 47 15.14 6.50 -35.53
CA PRO C 47 14.94 5.59 -36.66
C PRO C 47 15.96 5.83 -37.77
N TYR C 48 16.41 4.74 -38.38
CA TYR C 48 17.38 4.78 -39.48
C TYR C 48 16.98 3.76 -40.54
N PRO C 49 16.92 4.14 -41.82
CA PRO C 49 17.28 5.41 -42.46
C PRO C 49 16.45 6.55 -41.92
N PRO C 50 16.97 7.77 -41.94
CA PRO C 50 16.23 8.89 -41.36
C PRO C 50 14.82 9.00 -41.93
N LEU C 51 13.90 9.53 -41.12
CA LEU C 51 12.53 9.71 -41.56
C LEU C 51 12.35 10.98 -42.37
N ALA C 52 13.14 12.02 -42.09
CA ALA C 52 13.08 13.28 -42.81
C ALA C 52 11.66 13.87 -42.84
N LEU C 53 11.03 13.87 -41.67
CA LEU C 53 9.72 14.50 -41.52
C LEU C 53 9.87 16.01 -41.46
N PRO C 54 8.79 16.74 -41.78
CA PRO C 54 8.88 18.21 -41.78
C PRO C 54 9.45 18.75 -40.48
N ARG C 55 10.35 19.73 -40.61
CA ARG C 55 10.99 20.39 -39.47
C ARG C 55 10.14 21.59 -39.04
N ILE C 56 9.02 21.27 -38.41
CA ILE C 56 8.07 22.27 -37.93
C ILE C 56 7.81 22.00 -36.46
N PRO C 57 7.36 23.02 -35.71
CA PRO C 57 7.18 22.82 -34.26
C PRO C 57 6.16 21.74 -33.90
N ASN C 58 5.09 21.59 -34.70
CA ASN C 58 4.03 20.66 -34.36
C ASN C 58 4.36 19.21 -34.72
N VAL C 59 5.46 18.94 -35.42
CA VAL C 59 5.95 17.57 -35.65
C VAL C 59 7.20 17.38 -34.79
N ARG C 60 7.15 16.39 -33.91
CA ARG C 60 8.24 16.10 -32.99
C ARG C 60 8.47 14.59 -32.97
N LEU C 61 9.74 14.21 -32.84
CA LEU C 61 10.15 12.82 -32.74
C LEU C 61 10.50 12.54 -31.28
N ALA C 62 9.72 11.69 -30.63
CA ALA C 62 9.91 11.37 -29.23
C ALA C 62 10.69 10.07 -29.12
N LEU C 63 11.93 10.16 -28.66
CA LEU C 63 12.75 8.98 -28.41
C LEU C 63 12.64 8.62 -26.94
N LEU C 64 12.07 7.45 -26.66
CA LEU C 64 11.68 7.07 -25.30
C LEU C 64 12.74 6.25 -24.59
N GLN C 65 13.96 6.23 -25.09
CA GLN C 65 14.84 5.40 -24.26
C GLN C 65 15.70 6.29 -23.36
N PRO C 66 16.02 5.85 -22.15
CA PRO C 66 16.88 6.65 -21.28
C PRO C 66 18.26 6.87 -21.92
N ALA C 67 18.78 8.08 -21.74
CA ALA C 67 20.03 8.52 -22.34
C ALA C 67 20.83 9.31 -21.31
N LEU C 68 22.16 9.18 -21.38
CA LEU C 68 23.02 9.83 -20.39
C LEU C 68 22.91 11.35 -20.45
N ASP C 69 22.63 11.91 -21.62
CA ASP C 69 22.68 13.35 -21.83
C ASP C 69 21.31 14.03 -21.75
N ARG C 70 20.26 13.31 -21.39
CA ARG C 70 18.92 13.85 -21.52
C ARG C 70 18.19 13.89 -20.18
N PRO C 71 17.25 14.81 -20.02
CA PRO C 71 16.50 14.89 -18.76
C PRO C 71 15.39 13.85 -18.70
N ALA C 72 15.01 13.52 -17.45
CA ALA C 72 14.01 12.49 -17.22
C ALA C 72 12.76 12.67 -18.06
N ALA C 73 12.34 13.93 -18.24
CA ALA C 73 11.12 14.22 -19.01
C ALA C 73 11.23 13.77 -20.45
N ALA C 74 12.44 13.66 -20.99
CA ALA C 74 12.63 13.41 -22.43
C ALA C 74 12.15 12.05 -22.85
N SER C 75 12.19 11.06 -21.95
CA SER C 75 11.71 9.71 -22.25
C SER C 75 10.33 9.43 -21.67
N ARG C 76 9.52 10.46 -21.42
CA ARG C 76 8.13 10.27 -21.01
C ARG C 76 7.19 10.80 -22.08
N PRO C 77 6.36 9.95 -22.69
CA PRO C 77 5.60 10.40 -23.88
C PRO C 77 4.66 11.57 -23.62
N GLU C 78 4.13 11.73 -22.41
CA GLU C 78 3.23 12.86 -22.16
C GLU C 78 3.91 14.20 -22.39
N THR C 79 5.25 14.26 -22.29
CA THR C 79 5.99 15.48 -22.57
C THR C 79 5.72 16.01 -23.97
N TYR C 80 5.52 15.12 -24.95
CA TYR C 80 5.43 15.52 -26.35
C TYR C 80 4.00 15.80 -26.80
N VAL C 81 3.04 15.76 -25.87
CA VAL C 81 1.62 15.90 -26.20
C VAL C 81 1.04 17.01 -25.31
N ALA C 82 0.45 18.01 -25.94
CA ALA C 82 -0.17 19.11 -25.20
C ALA C 82 -1.67 19.18 -25.46
N THR C 83 -2.24 18.11 -26.00
CA THR C 83 -3.63 18.10 -26.42
C THR C 83 -4.45 17.17 -25.52
N GLU C 84 -5.78 17.35 -25.57
CA GLU C 84 -6.67 16.57 -24.72
C GLU C 84 -6.71 15.10 -25.14
N PHE C 85 -6.64 14.84 -26.44
CA PHE C 85 -6.79 13.49 -26.99
C PHE C 85 -5.58 13.10 -27.82
N VAL C 86 -5.24 11.82 -27.77
CA VAL C 86 -4.19 11.26 -28.61
C VAL C 86 -4.82 10.25 -29.55
N ALA C 87 -4.38 10.25 -30.80
CA ALA C 87 -4.84 9.27 -31.79
C ALA C 87 -3.66 8.37 -32.12
N LEU C 88 -3.77 7.10 -31.73
CA LEU C 88 -2.76 6.10 -32.06
C LEU C 88 -2.98 5.61 -33.48
N VAL C 89 -2.10 6.02 -34.38
CA VAL C 89 -2.22 5.72 -35.81
C VAL C 89 -1.12 4.73 -36.18
N PRO C 90 -1.47 3.55 -36.70
CA PRO C 90 -0.44 2.57 -37.05
C PRO C 90 0.13 2.85 -38.43
N ASP C 91 1.35 2.41 -38.63
CA ASP C 91 1.98 2.61 -39.94
C ASP C 91 1.20 1.86 -41.01
N GLY C 92 1.11 2.47 -42.20
CA GLY C 92 0.24 1.97 -43.25
C GLY C 92 -1.08 2.69 -43.35
N ALA C 93 -1.39 3.53 -42.37
CA ALA C 93 -2.60 4.34 -42.40
C ALA C 93 -2.32 5.69 -43.05
N ARG C 94 -3.39 6.33 -43.48
CA ARG C 94 -3.28 7.58 -44.23
C ARG C 94 -4.59 8.35 -44.07
N ALA C 95 -4.48 9.66 -43.88
CA ALA C 95 -5.65 10.53 -43.76
C ALA C 95 -6.02 11.04 -45.14
N GLU C 96 -7.22 10.68 -45.62
CA GLU C 96 -7.64 11.06 -46.96
C GLU C 96 -8.83 12.01 -46.91
N ALA C 97 -9.99 11.56 -46.46
CA ALA C 97 -11.06 12.51 -46.18
C ALA C 97 -10.61 13.46 -45.08
N PRO C 98 -11.06 14.71 -45.11
CA PRO C 98 -10.72 15.63 -44.02
C PRO C 98 -11.71 15.52 -42.86
N GLY C 99 -11.21 15.87 -41.69
CA GLY C 99 -12.02 15.99 -40.50
C GLY C 99 -12.62 14.72 -39.96
N LEU C 100 -11.80 13.68 -39.78
CA LEU C 100 -12.31 12.47 -39.16
C LEU C 100 -11.76 12.21 -37.76
N LEU C 101 -10.64 12.85 -37.39
CA LEU C 101 -10.21 12.77 -36.01
C LEU C 101 -11.20 13.43 -35.06
N GLU C 102 -11.81 14.56 -35.46
CA GLU C 102 -12.79 15.17 -34.57
C GLU C 102 -14.14 14.46 -34.68
N ARG C 103 -14.42 13.80 -35.81
CA ARG C 103 -15.53 12.84 -35.83
C ARG C 103 -15.32 11.76 -34.78
N MET C 104 -14.07 11.29 -34.62
CA MET C 104 -13.77 10.33 -33.57
C MET C 104 -13.86 10.96 -32.18
N VAL C 105 -13.67 12.27 -32.07
CA VAL C 105 -13.82 12.93 -30.78
C VAL C 105 -15.30 13.02 -30.42
N GLU C 106 -16.13 13.52 -31.35
CA GLU C 106 -17.56 13.63 -31.10
C GLU C 106 -18.18 12.27 -30.80
N ALA C 107 -17.58 11.20 -31.33
CA ALA C 107 -18.05 9.86 -31.00
C ALA C 107 -17.67 9.49 -29.57
N LEU C 108 -16.41 9.70 -29.20
CA LEU C 108 -15.96 9.41 -27.85
C LEU C 108 -16.77 10.20 -26.82
N ARG C 109 -16.99 11.49 -27.08
CA ARG C 109 -17.73 12.32 -26.13
C ARG C 109 -19.13 11.75 -25.88
N ALA C 110 -19.83 11.40 -26.96
CA ALA C 110 -21.22 10.99 -26.86
C ALA C 110 -21.38 9.59 -26.26
N GLY C 111 -20.45 8.69 -26.52
CA GLY C 111 -20.59 7.31 -26.08
C GLY C 111 -20.10 7.09 -24.66
N SER C 112 -20.07 5.81 -24.27
CA SER C 112 -19.67 5.41 -22.94
C SER C 112 -18.32 4.71 -22.91
N ALA C 113 -17.71 4.46 -24.06
CA ALA C 113 -16.39 3.87 -24.08
C ALA C 113 -15.32 4.94 -23.92
N ARG C 114 -14.22 4.57 -23.26
CA ARG C 114 -13.08 5.46 -23.12
C ARG C 114 -12.16 5.46 -24.33
N LEU C 115 -12.26 4.45 -25.18
CA LEU C 115 -11.48 4.37 -26.41
C LEU C 115 -12.43 4.27 -27.60
N VAL C 116 -12.12 5.01 -28.66
CA VAL C 116 -12.77 4.83 -29.95
C VAL C 116 -11.71 4.39 -30.95
N ALA C 117 -12.18 3.76 -32.03
CA ALA C 117 -11.24 3.21 -32.99
C ALA C 117 -11.90 3.10 -34.35
N ALA C 118 -11.12 3.35 -35.39
CA ALA C 118 -11.58 3.24 -36.77
C ALA C 118 -10.60 2.34 -37.51
N PRO C 119 -11.07 1.28 -38.15
CA PRO C 119 -10.16 0.39 -38.87
C PRO C 119 -9.50 1.10 -40.04
N VAL C 120 -8.29 0.65 -40.36
CA VAL C 120 -7.54 1.15 -41.50
C VAL C 120 -7.76 0.19 -42.66
N ALA C 121 -8.00 0.74 -43.84
CA ALA C 121 -8.32 -0.08 -45.01
C ALA C 121 -7.10 -0.84 -45.54
N THR C 122 -6.44 -1.59 -44.67
CA THR C 122 -5.32 -2.42 -45.06
C THR C 122 -5.82 -3.84 -45.37
N ALA C 123 -4.89 -4.77 -45.57
CA ALA C 123 -5.24 -6.17 -45.71
C ALA C 123 -5.73 -6.77 -44.39
N ASN C 124 -5.40 -6.13 -43.27
CA ASN C 124 -5.71 -6.66 -41.94
C ASN C 124 -6.47 -5.61 -41.13
N PRO C 125 -7.67 -5.20 -41.57
CA PRO C 125 -8.40 -4.16 -40.84
C PRO C 125 -8.91 -4.67 -39.49
N ALA C 126 -9.08 -3.73 -38.56
CA ALA C 126 -9.32 -4.08 -37.16
C ALA C 126 -10.61 -4.88 -36.98
N ARG C 127 -10.50 -5.95 -36.19
CA ARG C 127 -11.63 -6.79 -35.84
C ARG C 127 -11.91 -6.65 -34.35
N CYS C 128 -13.20 -6.63 -34.01
CA CYS C 128 -13.65 -6.45 -32.65
C CYS C 128 -13.41 -7.72 -31.83
N LEU C 129 -12.82 -7.59 -30.65
CA LEU C 129 -12.41 -8.73 -29.85
C LEU C 129 -12.84 -8.59 -28.40
N ALA C 130 -13.18 -9.73 -27.79
CA ALA C 130 -13.41 -9.80 -26.36
C ALA C 130 -12.11 -10.17 -25.65
N LEU C 131 -11.93 -9.64 -24.45
CA LEU C 131 -10.70 -9.94 -23.73
C LEU C 131 -10.93 -9.77 -22.23
N ASN C 132 -10.51 -10.78 -21.47
CA ASN C 132 -10.42 -10.68 -20.02
C ASN C 132 -9.00 -10.98 -19.60
N VAL C 133 -8.50 -10.23 -18.64
CA VAL C 133 -7.16 -10.43 -18.13
C VAL C 133 -7.28 -10.90 -16.69
N SER C 134 -6.74 -12.07 -16.41
CA SER C 134 -6.60 -12.54 -15.04
C SER C 134 -5.12 -12.56 -14.71
N LEU C 135 -4.69 -11.63 -13.85
CA LEU C 135 -3.28 -11.60 -13.48
C LEU C 135 -2.95 -12.70 -12.50
N ARG C 136 -3.92 -13.09 -11.68
CA ARG C 136 -3.66 -14.16 -10.73
C ARG C 136 -3.48 -15.49 -11.44
N GLU C 137 -4.12 -15.68 -12.59
CA GLU C 137 -3.92 -16.85 -13.43
C GLU C 137 -2.95 -16.62 -14.57
N TRP C 138 -2.37 -15.42 -14.66
CA TRP C 138 -1.35 -15.08 -15.66
C TRP C 138 -1.84 -15.37 -17.08
N THR C 139 -3.13 -15.11 -17.33
CA THR C 139 -3.77 -15.50 -18.58
C THR C 139 -4.46 -14.31 -19.20
N ALA C 140 -4.41 -14.24 -20.53
CA ALA C 140 -5.23 -13.32 -21.31
C ALA C 140 -6.16 -14.17 -22.17
N ARG C 141 -7.45 -14.04 -21.94
CA ARG C 141 -8.45 -14.85 -22.63
C ARG C 141 -9.12 -14.00 -23.70
N TYR C 142 -8.82 -14.31 -24.96
CA TYR C 142 -9.46 -13.64 -26.08
C TYR C 142 -10.62 -14.47 -26.62
N GLY C 143 -11.52 -13.79 -27.32
CA GLY C 143 -12.64 -14.42 -28.02
C GLY C 143 -13.39 -13.39 -28.82
N ALA C 144 -14.30 -13.87 -29.66
CA ALA C 144 -15.16 -12.99 -30.43
C ALA C 144 -15.99 -12.12 -29.50
N ALA C 145 -16.24 -10.88 -29.93
CA ALA C 145 -16.90 -9.89 -29.08
C ALA C 145 -18.42 -10.04 -29.07
N PRO C 146 -19.00 -10.47 -27.94
CA PRO C 146 -20.45 -10.66 -27.91
C PRO C 146 -21.24 -9.36 -28.09
N ALA C 147 -20.69 -8.23 -27.67
CA ALA C 147 -21.38 -6.94 -27.74
C ALA C 147 -20.72 -5.99 -28.75
N ALA C 148 -20.21 -6.54 -29.84
CA ALA C 148 -19.66 -5.70 -30.91
C ALA C 148 -20.75 -4.73 -31.40
N PRO C 149 -20.35 -3.52 -31.84
CA PRO C 149 -19.00 -2.96 -31.96
C PRO C 149 -18.38 -2.43 -30.66
N ARG C 150 -18.88 -2.85 -29.50
CA ARG C 150 -18.24 -2.53 -28.22
C ARG C 150 -17.31 -3.69 -27.85
N CYS C 151 -16.01 -3.43 -27.83
CA CYS C 151 -15.00 -4.47 -27.64
C CYS C 151 -14.20 -4.21 -26.37
N ASP C 152 -13.45 -5.24 -25.97
CA ASP C 152 -12.36 -5.10 -25.00
C ASP C 152 -11.00 -4.97 -25.66
N ALA C 153 -10.90 -5.27 -26.95
CA ALA C 153 -9.61 -5.26 -27.63
C ALA C 153 -9.86 -5.32 -29.13
N LEU C 154 -8.85 -4.93 -29.90
CA LEU C 154 -8.89 -5.01 -31.34
C LEU C 154 -7.80 -5.97 -31.81
N ASP C 155 -7.97 -6.45 -33.04
CA ASP C 155 -6.97 -7.23 -33.74
C ASP C 155 -6.89 -6.65 -35.14
N GLY C 156 -5.74 -6.11 -35.48
CA GLY C 156 -5.55 -5.51 -36.78
C GLY C 156 -5.37 -4.01 -36.69
N ASP C 157 -5.39 -3.38 -37.86
CA ASP C 157 -4.98 -1.99 -38.01
C ASP C 157 -6.16 -1.06 -37.73
N ALA C 158 -5.99 -0.19 -36.75
CA ALA C 158 -7.00 0.81 -36.47
C ALA C 158 -6.32 2.04 -35.90
N VAL C 159 -6.89 3.20 -36.22
CA VAL C 159 -6.61 4.39 -35.45
C VAL C 159 -7.41 4.30 -34.17
N VAL C 160 -6.73 4.43 -33.03
CA VAL C 160 -7.36 4.39 -31.72
C VAL C 160 -7.17 5.76 -31.06
N LEU C 161 -8.28 6.38 -30.64
CA LEU C 161 -8.22 7.68 -29.98
C LEU C 161 -8.76 7.57 -28.56
N LEU C 162 -8.02 8.17 -27.63
CA LEU C 162 -8.43 8.22 -26.24
C LEU C 162 -7.85 9.49 -25.63
N ARG C 163 -8.41 9.90 -24.50
CA ARG C 163 -7.91 11.07 -23.80
C ARG C 163 -6.45 10.85 -23.42
N ALA C 164 -5.60 11.83 -23.74
CA ALA C 164 -4.19 11.78 -23.36
C ALA C 164 -4.01 11.49 -21.87
N ARG C 165 -4.91 12.01 -21.03
CA ARG C 165 -4.83 11.73 -19.61
C ARG C 165 -4.98 10.24 -19.33
N ASP C 166 -5.84 9.54 -20.08
CA ASP C 166 -6.03 8.11 -19.85
C ASP C 166 -4.83 7.31 -20.37
N LEU C 167 -4.35 7.64 -21.56
CA LEU C 167 -3.29 6.85 -22.18
C LEU C 167 -2.01 6.88 -21.35
N PHE C 168 -1.58 8.08 -20.94
CA PHE C 168 -0.29 8.27 -20.31
C PHE C 168 -0.30 8.05 -18.81
N ASN C 169 -1.47 7.76 -18.24
CA ASN C 169 -1.62 7.28 -16.86
C ASN C 169 -1.40 5.78 -16.72
N LEU C 170 -1.37 5.03 -17.81
CA LEU C 170 -1.09 3.60 -17.76
C LEU C 170 0.39 3.37 -17.54
N SER C 171 0.74 2.17 -17.07
CA SER C 171 2.13 1.87 -16.77
C SER C 171 2.97 1.79 -18.04
N ALA C 172 2.45 1.18 -19.10
CA ALA C 172 3.22 0.93 -20.32
C ALA C 172 2.45 1.46 -21.53
N PRO C 173 2.23 2.77 -21.59
CA PRO C 173 1.31 3.31 -22.61
C PRO C 173 1.75 3.07 -24.04
N LEU C 174 3.05 3.03 -24.32
CA LEU C 174 3.52 2.87 -25.69
C LEU C 174 4.35 1.61 -25.86
N ALA C 175 4.20 0.66 -24.95
CA ALA C 175 4.96 -0.58 -25.06
C ALA C 175 4.49 -1.37 -26.27
N ARG C 176 5.41 -2.11 -26.87
CA ARG C 176 5.11 -2.74 -28.15
C ARG C 176 4.96 -4.26 -28.00
N PRO C 177 4.06 -4.88 -28.78
CA PRO C 177 3.19 -4.23 -29.76
C PRO C 177 2.03 -3.50 -29.12
N VAL C 178 1.80 -2.27 -29.58
CA VAL C 178 0.72 -1.45 -29.03
C VAL C 178 -0.61 -2.20 -29.11
N GLY C 179 -0.87 -2.81 -30.26
CA GLY C 179 -2.09 -3.59 -30.44
C GLY C 179 -2.30 -4.67 -29.39
N THR C 180 -1.25 -5.05 -28.67
CA THR C 180 -1.37 -5.99 -27.56
C THR C 180 -1.28 -5.30 -26.21
N SER C 181 -0.30 -4.41 -26.04
CA SER C 181 -0.08 -3.82 -24.72
C SER C 181 -1.22 -2.90 -24.32
N LEU C 182 -1.76 -2.13 -25.26
CA LEU C 182 -2.79 -1.15 -24.92
C LEU C 182 -4.01 -1.82 -24.34
N PHE C 183 -4.54 -2.82 -25.06
CA PHE C 183 -5.80 -3.43 -24.66
C PHE C 183 -5.63 -4.42 -23.53
N LEU C 184 -4.41 -4.88 -23.28
CA LEU C 184 -4.21 -5.62 -22.04
C LEU C 184 -4.37 -4.70 -20.84
N GLN C 185 -3.94 -3.44 -20.98
CA GLN C 185 -4.07 -2.47 -19.91
C GLN C 185 -5.49 -1.95 -19.76
N THR C 186 -6.12 -1.58 -20.88
CA THR C 186 -7.45 -0.98 -20.84
C THR C 186 -8.55 -1.99 -20.55
N ALA C 187 -8.41 -3.23 -21.03
CA ALA C 187 -9.38 -4.25 -20.66
C ALA C 187 -9.33 -4.50 -19.17
N LEU C 188 -8.12 -4.64 -18.62
CA LEU C 188 -7.99 -4.93 -17.19
C LEU C 188 -8.70 -3.87 -16.35
N ARG C 189 -8.65 -2.63 -16.78
CA ARG C 189 -9.35 -1.55 -16.09
C ARG C 189 -10.83 -1.52 -16.40
N GLY C 190 -11.33 -2.52 -17.13
CA GLY C 190 -12.72 -2.54 -17.51
C GLY C 190 -13.13 -1.49 -18.51
N TRP C 191 -12.17 -0.84 -19.16
CA TRP C 191 -12.51 0.14 -20.18
C TRP C 191 -12.90 -0.57 -21.47
N ALA C 192 -13.74 0.09 -22.26
CA ALA C 192 -14.17 -0.47 -23.53
C ALA C 192 -13.62 0.36 -24.67
N VAL C 193 -13.61 -0.25 -25.86
CA VAL C 193 -13.23 0.43 -27.08
C VAL C 193 -14.37 0.25 -28.06
N GLN C 194 -14.85 1.37 -28.60
CA GLN C 194 -15.96 1.38 -29.55
C GLN C 194 -15.40 1.50 -30.95
N LEU C 195 -15.64 0.48 -31.78
CA LEU C 195 -15.15 0.47 -33.15
C LEU C 195 -16.17 1.21 -34.02
N LEU C 196 -15.76 2.35 -34.59
CA LEU C 196 -16.66 3.19 -35.35
C LEU C 196 -16.85 2.66 -36.76
N ASP C 197 -17.97 3.06 -37.36
CA ASP C 197 -18.18 2.86 -38.80
C ASP C 197 -17.50 3.95 -39.60
N LEU C 198 -16.22 4.16 -39.30
CA LEU C 198 -15.37 5.11 -39.99
C LEU C 198 -14.09 4.37 -40.39
N THR C 199 -13.57 4.67 -41.57
CA THR C 199 -12.44 3.92 -42.08
C THR C 199 -11.36 4.87 -42.56
N PHE C 200 -10.13 4.62 -42.11
CA PHE C 200 -8.97 5.35 -42.60
C PHE C 200 -8.43 4.65 -43.83
N ALA C 201 -8.05 5.42 -44.84
CA ALA C 201 -7.45 4.84 -46.02
C ALA C 201 -6.06 4.29 -45.70
N ALA C 202 -5.56 3.43 -46.58
CA ALA C 202 -4.20 2.94 -46.44
C ALA C 202 -3.24 3.86 -47.19
N ALA C 203 -1.96 3.74 -46.84
CA ALA C 203 -0.93 4.46 -47.59
C ALA C 203 -0.91 4.01 -49.04
N ARG C 204 -0.68 4.95 -49.94
CA ARG C 204 -0.62 4.60 -51.35
C ARG C 204 0.67 3.86 -51.69
N GLN C 205 1.69 3.96 -50.84
CA GLN C 205 2.90 3.14 -50.92
C GLN C 205 2.98 2.36 -49.62
N PRO C 206 2.24 1.26 -49.50
CA PRO C 206 2.13 0.59 -48.21
C PRO C 206 3.48 0.01 -47.78
N PRO C 207 3.73 -0.06 -46.47
CA PRO C 207 5.01 -0.57 -46.00
C PRO C 207 5.06 -2.10 -45.99
N LEU C 208 6.29 -2.61 -46.03
CA LEU C 208 6.56 -4.04 -46.02
C LEU C 208 5.77 -4.76 -47.11
N ALA C 209 5.85 -4.22 -48.32
CA ALA C 209 5.12 -4.77 -49.45
C ALA C 209 5.69 -6.12 -49.94
N THR C 210 6.88 -6.51 -49.51
CA THR C 210 7.50 -7.74 -49.97
C THR C 210 7.47 -8.82 -48.89
N ALA C 211 7.51 -10.07 -49.35
CA ALA C 211 7.49 -11.22 -48.44
C ALA C 211 8.68 -11.18 -47.49
N HIS C 212 9.83 -10.69 -47.95
CA HIS C 212 11.00 -10.64 -47.10
C HIS C 212 10.85 -9.56 -46.03
N ALA C 213 10.38 -8.37 -46.42
CA ALA C 213 10.16 -7.31 -45.44
C ALA C 213 9.14 -7.76 -44.40
N ARG C 214 8.06 -8.43 -44.83
CA ARG C 214 7.03 -8.86 -43.90
C ARG C 214 7.58 -9.91 -42.93
N TRP C 215 8.45 -10.79 -43.41
CA TRP C 215 9.07 -11.78 -42.53
C TRP C 215 9.92 -11.11 -41.45
N LYS C 216 10.75 -10.13 -41.85
CA LYS C 216 11.56 -9.40 -40.87
C LYS C 216 10.68 -8.69 -39.86
N ALA C 217 9.60 -8.06 -40.32
CA ALA C 217 8.71 -7.34 -39.42
C ALA C 217 8.05 -8.29 -38.44
N GLU C 218 7.49 -9.40 -38.94
CA GLU C 218 6.82 -10.36 -38.07
C GLU C 218 7.79 -11.06 -37.13
N ARG C 219 9.03 -11.32 -37.57
CA ARG C 219 9.99 -11.92 -36.65
C ARG C 219 10.25 -11.00 -35.48
N GLU C 220 10.48 -9.71 -35.78
CA GLU C 220 10.71 -8.73 -34.73
C GLU C 220 9.45 -8.48 -33.91
N GLY C 221 8.29 -8.39 -34.56
CA GLY C 221 7.06 -8.13 -33.83
C GLY C 221 6.69 -9.26 -32.89
N ARG C 222 6.97 -10.51 -33.29
CA ARG C 222 6.70 -11.64 -32.41
C ARG C 222 7.66 -11.67 -31.24
N ALA C 223 8.90 -11.24 -31.45
CA ALA C 223 9.85 -11.21 -30.35
C ALA C 223 9.49 -10.12 -29.34
N ARG C 224 9.03 -8.96 -29.84
CA ARG C 224 8.55 -7.91 -28.95
C ARG C 224 7.34 -8.39 -28.16
N ARG C 225 6.40 -9.04 -28.83
CA ARG C 225 5.20 -9.52 -28.16
C ARG C 225 5.53 -10.53 -27.07
N ALA C 226 6.47 -11.43 -27.34
CA ALA C 226 6.82 -12.42 -26.34
C ALA C 226 7.53 -11.77 -25.16
N ALA C 227 8.40 -10.78 -25.43
CA ALA C 227 9.05 -10.09 -24.31
C ALA C 227 8.05 -9.28 -23.51
N LEU C 228 7.03 -8.73 -24.17
CA LEU C 228 6.06 -7.91 -23.46
C LEU C 228 5.21 -8.79 -22.54
N LEU C 229 4.70 -9.89 -23.08
CA LEU C 229 3.89 -10.79 -22.28
C LEU C 229 4.65 -11.30 -21.07
N ARG C 230 5.89 -11.75 -21.27
CA ARG C 230 6.70 -12.17 -20.13
C ARG C 230 6.86 -11.04 -19.12
N ALA C 231 7.19 -9.84 -19.62
CA ALA C 231 7.46 -8.71 -18.73
C ALA C 231 6.23 -8.32 -17.93
N LEU C 232 5.03 -8.52 -18.47
CA LEU C 232 3.79 -8.17 -17.80
C LEU C 232 3.10 -9.36 -17.15
N GLY C 233 3.78 -10.50 -17.06
CA GLY C 233 3.21 -11.65 -16.37
C GLY C 233 2.00 -12.29 -17.03
N ILE C 234 1.90 -12.21 -18.35
CA ILE C 234 0.93 -12.99 -19.11
C ILE C 234 1.64 -14.24 -19.59
N ARG C 235 1.38 -15.38 -18.94
CA ARG C 235 2.05 -16.62 -19.29
C ARG C 235 1.29 -17.43 -20.33
N LEU C 236 0.02 -17.13 -20.53
CA LEU C 236 -0.84 -17.91 -21.41
C LEU C 236 -1.76 -16.94 -22.13
N VAL C 237 -1.88 -17.10 -23.44
CA VAL C 237 -2.89 -16.40 -24.21
C VAL C 237 -3.74 -17.45 -24.89
N SER C 238 -5.05 -17.23 -24.90
CA SER C 238 -5.99 -18.20 -25.42
C SER C 238 -6.98 -17.51 -26.33
N TRP C 239 -7.44 -18.25 -27.34
CA TRP C 239 -8.55 -17.84 -28.17
C TRP C 239 -9.68 -18.83 -27.94
N GLU C 240 -10.81 -18.36 -27.41
CA GLU C 240 -11.98 -19.18 -27.16
C GLU C 240 -11.59 -20.46 -26.43
N GLY C 241 -10.66 -20.34 -25.49
CA GLY C 241 -10.20 -21.47 -24.71
C GLY C 241 -9.24 -22.40 -25.41
N GLY C 242 -8.95 -22.18 -26.69
CA GLY C 242 -8.04 -23.03 -27.43
C GLY C 242 -6.91 -22.25 -28.08
N ARG C 243 -6.32 -22.82 -29.14
CA ARG C 243 -5.21 -22.20 -29.87
C ARG C 243 -4.22 -21.54 -28.92
N LEU C 244 -3.89 -22.25 -27.84
CA LEU C 244 -3.12 -21.68 -26.75
C LEU C 244 -1.70 -21.29 -27.18
N GLU C 245 -1.26 -20.12 -26.69
CA GLU C 245 0.10 -19.61 -26.84
C GLU C 245 0.73 -19.50 -25.45
N TRP C 246 1.83 -20.21 -25.25
CA TRP C 246 2.49 -20.22 -23.96
C TRP C 246 3.66 -19.24 -23.93
N PHE C 247 3.91 -18.68 -22.75
CA PHE C 247 4.99 -17.71 -22.59
C PHE C 247 5.68 -17.87 -21.25
N GLY C 248 5.65 -19.08 -20.69
CA GLY C 248 6.18 -19.30 -19.37
C GLY C 248 7.26 -20.37 -19.39
N CYS C 249 7.28 -21.21 -18.37
CA CYS C 249 8.30 -22.25 -18.31
C CYS C 249 7.90 -23.45 -19.16
N ASN C 250 8.84 -24.38 -19.32
CA ASN C 250 8.60 -25.63 -20.03
C ASN C 250 9.65 -26.65 -19.57
N LYS C 251 9.80 -27.73 -20.33
CA LYS C 251 10.69 -28.82 -19.92
C LYS C 251 12.15 -28.39 -19.92
N GLU C 252 12.53 -27.47 -20.81
CA GLU C 252 13.93 -27.11 -20.99
C GLU C 252 14.36 -25.86 -20.21
N THR C 253 13.49 -25.28 -19.40
CA THR C 253 13.82 -24.11 -18.61
C THR C 253 13.67 -24.43 -17.13
N THR C 254 13.87 -23.41 -16.29
CA THR C 254 13.54 -23.55 -14.88
C THR C 254 12.06 -23.25 -14.67
N ARG C 255 11.51 -23.75 -13.57
CA ARG C 255 10.12 -23.40 -13.26
C ARG C 255 10.04 -21.91 -12.92
N CYS C 256 8.84 -21.34 -13.10
CA CYS C 256 8.71 -19.90 -13.06
C CYS C 256 9.12 -19.30 -11.72
N PHE C 257 8.92 -20.02 -10.62
CA PHE C 257 9.05 -19.40 -9.31
C PHE C 257 10.24 -19.86 -8.50
N GLY C 258 11.12 -20.69 -9.07
CA GLY C 258 12.34 -20.92 -8.32
C GLY C 258 12.11 -21.67 -7.01
N THR C 259 13.11 -21.56 -6.15
CA THR C 259 13.07 -22.27 -4.87
C THR C 259 12.03 -21.64 -3.96
N VAL C 260 11.35 -22.48 -3.18
CA VAL C 260 10.29 -22.03 -2.27
C VAL C 260 10.88 -21.93 -0.88
N VAL C 261 10.70 -20.77 -0.24
CA VAL C 261 11.08 -20.58 1.16
C VAL C 261 9.81 -20.42 1.98
N GLY C 262 9.80 -21.02 3.17
CA GLY C 262 8.65 -20.94 4.06
C GLY C 262 7.36 -21.46 3.48
N ASP C 263 7.42 -22.52 2.65
CA ASP C 263 6.27 -23.06 1.92
C ASP C 263 5.36 -21.95 1.35
N THR C 264 5.95 -20.84 0.93
CA THR C 264 5.19 -19.76 0.30
C THR C 264 5.90 -19.36 -0.98
N PRO C 265 5.41 -19.78 -2.13
CA PRO C 265 6.09 -19.49 -3.39
C PRO C 265 5.98 -18.01 -3.72
N ALA C 266 6.86 -17.58 -4.64
CA ALA C 266 6.98 -16.17 -4.95
C ALA C 266 5.67 -15.58 -5.44
N TYR C 267 4.91 -16.33 -6.23
CA TYR C 267 3.75 -15.73 -6.86
C TYR C 267 2.68 -15.30 -5.85
N LEU C 268 2.65 -15.89 -4.66
CA LEU C 268 1.70 -15.43 -3.65
C LEU C 268 2.02 -14.01 -3.19
N TYR C 269 3.30 -13.71 -2.97
CA TYR C 269 3.68 -12.35 -2.57
C TYR C 269 3.36 -11.34 -3.66
N GLU C 270 3.31 -11.78 -4.91
CA GLU C 270 2.94 -10.91 -6.01
C GLU C 270 1.43 -10.90 -6.23
N GLU C 271 0.67 -11.40 -5.26
CA GLU C 271 -0.80 -11.36 -5.27
C GLU C 271 -1.35 -12.06 -6.50
N ARG C 272 -0.81 -13.25 -6.79
CA ARG C 272 -1.22 -14.08 -7.92
C ARG C 272 -1.26 -15.54 -7.48
N TRP C 273 -1.85 -16.37 -8.33
CA TRP C 273 -1.86 -17.81 -8.11
C TRP C 273 -0.74 -18.48 -8.91
N THR C 274 -0.76 -19.79 -8.95
CA THR C 274 0.29 -20.54 -9.66
C THR C 274 0.27 -20.18 -11.15
N PRO C 275 1.43 -19.97 -11.74
CA PRO C 275 1.49 -19.76 -13.19
C PRO C 275 0.86 -20.93 -13.93
N PRO C 276 0.10 -20.67 -14.99
CA PRO C 276 -0.58 -21.77 -15.69
C PRO C 276 0.37 -22.69 -16.43
N CYS C 277 1.54 -22.19 -16.86
CA CYS C 277 2.58 -23.07 -17.40
C CYS C 277 3.12 -24.02 -16.34
N CYS C 278 3.16 -23.57 -15.08
CA CYS C 278 3.60 -24.45 -14.00
C CYS C 278 2.55 -25.50 -13.67
N LEU C 279 1.27 -25.11 -13.63
CA LEU C 279 0.21 -26.09 -13.45
C LEU C 279 0.19 -27.10 -14.60
N ARG C 280 0.36 -26.62 -15.84
CA ARG C 280 0.36 -27.53 -16.99
C ARG C 280 1.44 -28.59 -16.84
N ALA C 281 2.63 -28.18 -16.39
CA ALA C 281 3.70 -29.15 -16.16
C ALA C 281 3.34 -30.11 -15.03
N LEU C 282 2.68 -29.59 -13.98
CA LEU C 282 2.34 -30.44 -12.85
C LEU C 282 1.29 -31.48 -13.24
N ARG C 283 0.32 -31.10 -14.08
CA ARG C 283 -0.64 -32.07 -14.56
C ARG C 283 0.04 -33.12 -15.40
N GLU C 284 0.97 -32.69 -16.26
CA GLU C 284 1.66 -33.65 -17.13
C GLU C 284 2.51 -34.62 -16.33
N THR C 285 3.18 -34.15 -15.27
CA THR C 285 4.00 -35.04 -14.46
C THR C 285 3.14 -35.96 -13.61
N ALA C 286 2.05 -35.44 -13.04
CA ALA C 286 1.12 -36.30 -12.30
C ALA C 286 0.58 -37.42 -13.18
N ARG C 287 0.17 -37.11 -14.40
CA ARG C 287 -0.34 -38.13 -15.29
C ARG C 287 0.78 -39.10 -15.70
N TYR C 288 1.97 -38.58 -16.00
CA TYR C 288 3.08 -39.46 -16.36
C TYR C 288 3.44 -40.39 -15.21
N VAL C 289 3.52 -39.86 -13.98
CA VAL C 289 3.90 -40.68 -12.85
C VAL C 289 2.81 -41.69 -12.53
N VAL C 290 1.56 -41.27 -12.59
CA VAL C 290 0.47 -42.22 -12.36
C VAL C 290 0.48 -43.30 -13.43
N GLY C 291 0.70 -42.91 -14.69
CA GLY C 291 0.81 -43.90 -15.75
C GLY C 291 1.93 -44.89 -15.49
N VAL C 292 3.03 -44.42 -14.89
CA VAL C 292 4.17 -45.29 -14.62
C VAL C 292 3.90 -46.19 -13.42
N LEU C 293 3.24 -45.65 -12.38
CA LEU C 293 2.90 -46.46 -11.22
C LEU C 293 1.85 -47.52 -11.56
N GLU C 294 0.83 -47.15 -12.33
CA GLU C 294 -0.20 -48.11 -12.70
C GLU C 294 0.36 -49.25 -13.53
N ALA C 295 1.30 -48.97 -14.42
CA ALA C 295 1.89 -50.04 -15.23
C ALA C 295 2.84 -50.90 -14.41
N ALA C 296 3.62 -50.28 -13.52
CA ALA C 296 4.51 -51.05 -12.67
C ALA C 296 3.77 -51.82 -11.59
N GLY C 297 2.50 -51.52 -11.37
CA GLY C 297 1.76 -52.25 -10.36
C GLY C 297 2.09 -51.70 -8.98
N VAL C 298 2.00 -50.38 -8.86
CA VAL C 298 2.25 -49.67 -7.61
C VAL C 298 0.92 -49.07 -7.15
N ARG C 299 0.42 -49.53 -6.01
CA ARG C 299 -0.79 -48.94 -5.47
C ARG C 299 -0.51 -47.51 -5.06
N TYR C 300 -1.23 -46.56 -5.66
CA TYR C 300 -1.15 -45.17 -5.29
C TYR C 300 -2.54 -44.64 -4.98
N TRP C 301 -2.57 -43.44 -4.40
CA TRP C 301 -3.80 -42.68 -4.23
C TRP C 301 -3.43 -41.22 -4.13
N LEU C 302 -4.32 -40.35 -4.62
CA LEU C 302 -4.13 -38.91 -4.42
C LEU C 302 -4.06 -38.59 -2.93
N GLU C 303 -3.30 -37.54 -2.62
CA GLU C 303 -2.95 -37.27 -1.23
C GLU C 303 -2.90 -35.76 -1.01
N GLY C 304 -3.10 -35.35 0.26
CA GLY C 304 -2.99 -33.96 0.63
C GLY C 304 -3.80 -33.00 -0.23
N GLY C 305 -3.11 -32.04 -0.85
CA GLY C 305 -3.81 -31.03 -1.62
C GLY C 305 -4.23 -31.48 -3.00
N SER C 306 -3.63 -32.56 -3.51
CA SER C 306 -4.11 -33.08 -4.79
C SER C 306 -5.43 -33.81 -4.61
N LEU C 307 -5.56 -34.62 -3.55
CA LEU C 307 -6.84 -35.24 -3.28
C LEU C 307 -7.89 -34.19 -2.95
N LEU C 308 -7.52 -33.17 -2.16
CA LEU C 308 -8.44 -32.08 -1.88
C LEU C 308 -8.84 -31.35 -3.15
N GLY C 309 -7.86 -31.02 -4.00
CA GLY C 309 -8.17 -30.41 -5.28
C GLY C 309 -9.10 -31.29 -6.11
N ALA C 310 -8.81 -32.60 -6.16
CA ALA C 310 -9.62 -33.50 -6.97
C ALA C 310 -11.05 -33.59 -6.44
N ALA C 311 -11.22 -33.64 -5.11
CA ALA C 311 -12.56 -33.70 -4.53
C ALA C 311 -13.30 -32.38 -4.72
N ARG C 312 -12.59 -31.25 -4.69
CA ARG C 312 -13.27 -29.96 -4.77
C ARG C 312 -13.67 -29.64 -6.21
N HIS C 313 -12.69 -29.60 -7.12
CA HIS C 313 -12.95 -29.23 -8.50
C HIS C 313 -12.33 -30.22 -9.49
N GLY C 314 -11.77 -31.33 -9.02
CA GLY C 314 -11.21 -32.28 -9.94
C GLY C 314 -9.95 -31.83 -10.65
N ASP C 315 -9.26 -30.82 -10.13
CA ASP C 315 -8.02 -30.35 -10.74
C ASP C 315 -7.09 -29.91 -9.61
N ILE C 316 -5.85 -29.56 -10.00
CA ILE C 316 -4.93 -29.00 -9.04
C ILE C 316 -5.51 -27.69 -8.52
N ILE C 317 -5.42 -27.50 -7.20
CA ILE C 317 -5.83 -26.23 -6.61
C ILE C 317 -5.02 -25.10 -7.24
N PRO C 318 -5.67 -24.05 -7.76
CA PRO C 318 -4.98 -23.11 -8.66
C PRO C 318 -3.86 -22.30 -8.03
N TRP C 319 -3.66 -22.36 -6.71
CA TRP C 319 -2.53 -21.70 -6.06
C TRP C 319 -1.54 -22.69 -5.47
N ASP C 320 -1.73 -23.99 -5.67
CA ASP C 320 -0.79 -24.99 -5.19
C ASP C 320 0.34 -25.18 -6.21
N TYR C 321 1.45 -25.76 -5.75
CA TYR C 321 2.64 -25.88 -6.57
C TYR C 321 3.24 -27.28 -6.64
N ASP C 322 2.60 -28.30 -6.07
CA ASP C 322 3.08 -29.65 -6.30
C ASP C 322 1.91 -30.62 -6.21
N VAL C 323 2.15 -31.84 -6.69
CA VAL C 323 1.21 -32.94 -6.57
C VAL C 323 1.76 -33.91 -5.54
N ASP C 324 0.88 -34.43 -4.68
CA ASP C 324 1.25 -35.39 -3.65
C ASP C 324 0.48 -36.70 -3.87
N LEU C 325 1.19 -37.82 -3.85
CA LEU C 325 0.60 -39.14 -3.97
C LEU C 325 1.08 -40.03 -2.85
N GLY C 326 0.16 -40.81 -2.29
CA GLY C 326 0.54 -41.84 -1.35
C GLY C 326 0.72 -43.16 -2.09
N ILE C 327 1.68 -43.95 -1.65
CA ILE C 327 1.91 -45.26 -2.25
C ILE C 327 2.17 -46.25 -1.12
N TYR C 328 1.93 -47.53 -1.42
CA TYR C 328 2.38 -48.60 -0.53
C TYR C 328 3.89 -48.74 -0.61
N LEU C 329 4.53 -48.78 0.55
CA LEU C 329 5.99 -48.93 0.59
C LEU C 329 6.43 -50.27 0.01
N GLU C 330 5.71 -51.34 0.34
CA GLU C 330 6.08 -52.65 -0.19
C GLU C 330 5.97 -52.72 -1.71
N ASP C 331 5.33 -51.74 -2.34
CA ASP C 331 5.12 -51.76 -3.79
C ASP C 331 6.26 -51.09 -4.55
N VAL C 332 7.13 -50.35 -3.87
CA VAL C 332 8.11 -49.53 -4.58
C VAL C 332 9.06 -50.40 -5.38
N GLY C 333 9.35 -51.61 -4.91
CA GLY C 333 10.28 -52.47 -5.61
C GLY C 333 9.84 -52.82 -7.02
N ASN C 334 8.57 -52.60 -7.35
CA ASN C 334 8.04 -53.00 -8.65
C ASN C 334 8.18 -51.93 -9.72
N CYS C 335 8.71 -50.75 -9.39
CA CYS C 335 8.92 -49.67 -10.34
C CYS C 335 10.40 -49.45 -10.53
N GLU C 336 10.86 -49.46 -11.79
CA GLU C 336 12.28 -49.32 -12.08
C GLU C 336 12.83 -48.01 -11.54
N GLN C 337 12.14 -46.89 -11.84
CA GLN C 337 12.61 -45.59 -11.38
C GLN C 337 12.67 -45.50 -9.86
N LEU C 338 11.64 -46.00 -9.17
CA LEU C 338 11.64 -45.95 -7.71
C LEU C 338 12.81 -46.74 -7.13
N ARG C 339 13.05 -47.93 -7.67
CA ARG C 339 14.17 -48.73 -7.18
C ARG C 339 15.49 -48.04 -7.50
N GLY C 340 15.59 -47.40 -8.66
CA GLY C 340 16.81 -46.68 -8.99
C GLY C 340 16.97 -45.41 -8.19
N ALA C 341 15.87 -44.79 -7.79
CA ALA C 341 15.92 -43.53 -7.06
C ALA C 341 16.53 -43.71 -5.68
N GLU C 342 16.39 -44.90 -5.08
CA GLU C 342 16.95 -45.13 -3.75
C GLU C 342 18.46 -45.31 -3.78
N ALA C 343 19.03 -45.59 -4.95
CA ALA C 343 20.48 -45.65 -5.10
C ALA C 343 21.07 -44.37 -5.65
N GLY C 344 20.25 -43.34 -5.85
CA GLY C 344 20.72 -42.11 -6.45
C GLY C 344 19.70 -41.49 -7.39
N SER C 345 20.04 -40.34 -7.98
CA SER C 345 19.12 -39.61 -8.83
C SER C 345 19.01 -40.27 -10.20
N VAL C 346 17.79 -40.33 -10.74
CA VAL C 346 17.50 -41.08 -11.96
C VAL C 346 16.81 -40.16 -12.95
N VAL C 347 17.34 -40.10 -14.17
CA VAL C 347 16.70 -39.38 -15.28
C VAL C 347 16.22 -40.42 -16.26
N ASP C 348 14.90 -40.59 -16.38
CA ASP C 348 14.40 -41.71 -17.16
C ASP C 348 14.31 -41.35 -18.64
N GLU C 349 13.75 -42.27 -19.43
CA GLU C 349 13.80 -42.16 -20.89
C GLU C 349 13.05 -40.93 -21.41
N ARG C 350 12.20 -40.32 -20.60
CA ARG C 350 11.35 -39.21 -21.04
C ARG C 350 11.66 -37.93 -20.30
N GLY C 351 12.79 -37.86 -19.59
CA GLY C 351 13.28 -36.62 -19.03
C GLY C 351 12.86 -36.32 -17.61
N PHE C 352 11.95 -37.11 -17.02
CA PHE C 352 11.57 -36.92 -15.62
C PHE C 352 12.68 -37.42 -14.71
N VAL C 353 12.93 -36.69 -13.61
CA VAL C 353 13.96 -37.11 -12.68
C VAL C 353 13.30 -37.63 -11.41
N TRP C 354 13.60 -38.88 -11.08
CA TRP C 354 13.08 -39.55 -9.89
C TRP C 354 14.18 -39.52 -8.84
N GLU C 355 13.86 -38.97 -7.68
CA GLU C 355 14.84 -38.79 -6.63
C GLU C 355 14.27 -39.30 -5.32
N LYS C 356 15.15 -39.76 -4.44
CA LYS C 356 14.78 -40.18 -3.10
C LYS C 356 15.34 -39.15 -2.12
N ALA C 357 14.52 -38.19 -1.72
CA ALA C 357 14.92 -37.18 -0.76
C ALA C 357 15.47 -37.83 0.51
N VAL C 358 16.78 -37.71 0.72
CA VAL C 358 17.45 -38.24 1.89
C VAL C 358 16.76 -37.76 3.16
N GLU C 359 16.20 -36.55 3.15
CA GLU C 359 15.81 -35.89 4.38
C GLU C 359 14.44 -36.35 4.86
N GLY C 360 13.48 -36.51 3.95
CA GLY C 360 12.12 -36.78 4.34
C GLY C 360 11.70 -38.23 4.27
N ASP C 361 12.52 -39.08 3.66
CA ASP C 361 12.16 -40.49 3.38
C ASP C 361 10.87 -40.56 2.55
N PHE C 362 10.94 -39.96 1.37
CA PHE C 362 9.89 -40.04 0.36
C PHE C 362 10.56 -39.86 -1.00
N PHE C 363 9.78 -40.03 -2.05
CA PHE C 363 10.30 -39.90 -3.41
C PHE C 363 9.75 -38.64 -4.05
N ARG C 364 10.45 -38.18 -5.07
CA ARG C 364 10.06 -36.95 -5.75
C ARG C 364 10.38 -37.09 -7.23
N VAL C 365 9.39 -36.82 -8.08
CA VAL C 365 9.54 -36.90 -9.52
C VAL C 365 9.39 -35.50 -10.09
N GLN C 366 10.47 -34.97 -10.65
CA GLN C 366 10.48 -33.63 -11.22
C GLN C 366 10.23 -33.65 -12.72
N TYR C 367 9.62 -32.57 -13.21
CA TYR C 367 9.30 -32.46 -14.62
C TYR C 367 10.51 -32.73 -15.51
N SER C 368 11.63 -32.08 -15.20
CA SER C 368 12.86 -32.26 -15.97
C SER C 368 14.05 -31.92 -15.08
N GLU C 369 15.26 -32.08 -15.64
CA GLU C 369 16.45 -31.77 -14.87
C GLU C 369 16.51 -30.30 -14.50
N SER C 370 15.98 -29.43 -15.35
CA SER C 370 16.00 -27.99 -15.12
C SER C 370 14.71 -27.46 -14.49
N ASN C 371 13.57 -28.11 -14.71
CA ASN C 371 12.29 -27.60 -14.25
C ASN C 371 11.81 -28.48 -13.10
N HIS C 372 11.87 -27.96 -11.87
CA HIS C 372 11.77 -28.79 -10.69
C HIS C 372 10.35 -28.89 -10.14
N LEU C 373 9.35 -28.52 -10.92
CA LEU C 373 7.97 -28.85 -10.59
C LEU C 373 7.89 -30.36 -10.42
N HIS C 374 7.26 -30.82 -9.34
CA HIS C 374 7.46 -32.20 -8.93
C HIS C 374 6.19 -32.80 -8.33
N VAL C 375 6.07 -34.12 -8.51
CA VAL C 375 5.12 -34.94 -7.78
C VAL C 375 5.86 -35.58 -6.60
N ASP C 376 5.30 -35.45 -5.41
CA ASP C 376 5.85 -36.10 -4.22
C ASP C 376 5.15 -37.43 -4.03
N LEU C 377 5.93 -38.49 -3.77
CA LEU C 377 5.43 -39.84 -3.53
C LEU C 377 5.69 -40.21 -2.07
N TRP C 378 4.62 -40.48 -1.33
CA TRP C 378 4.73 -40.74 0.11
C TRP C 378 4.45 -42.21 0.43
N PRO C 379 5.45 -42.97 0.86
CA PRO C 379 5.23 -44.41 1.12
C PRO C 379 4.66 -44.67 2.52
N PHE C 380 3.58 -45.43 2.55
CA PHE C 380 2.98 -45.94 3.77
C PHE C 380 3.20 -47.44 3.88
N TYR C 381 3.17 -47.94 5.10
CA TYR C 381 3.13 -49.38 5.31
C TYR C 381 2.07 -49.72 6.35
N PRO C 382 1.28 -50.77 6.13
CA PRO C 382 0.27 -51.14 7.10
C PRO C 382 0.89 -51.63 8.40
N ARG C 383 0.45 -51.03 9.51
CA ARG C 383 0.79 -51.49 10.85
C ARG C 383 -0.49 -51.63 11.66
N ASN C 384 -0.71 -52.82 12.21
CA ASN C 384 -1.89 -53.16 13.00
C ASN C 384 -3.16 -52.45 12.55
N GLY C 385 -3.43 -52.44 11.24
CA GLY C 385 -4.62 -51.87 10.66
C GLY C 385 -4.49 -50.43 10.21
N VAL C 386 -3.47 -49.73 10.68
CA VAL C 386 -3.31 -48.30 10.48
C VAL C 386 -2.19 -48.08 9.46
N MET C 387 -2.43 -47.15 8.52
CA MET C 387 -1.37 -46.74 7.61
C MET C 387 -0.42 -45.79 8.31
N THR C 388 0.88 -46.10 8.28
CA THR C 388 1.86 -45.31 9.00
C THR C 388 3.16 -45.24 8.23
N LYS C 389 4.07 -44.40 8.71
CA LYS C 389 5.47 -44.45 8.30
C LYS C 389 6.34 -44.00 9.47
N ASP C 390 7.65 -44.03 9.24
CA ASP C 390 8.66 -43.80 10.26
C ASP C 390 9.13 -42.35 10.36
N THR C 391 8.62 -41.48 9.49
CA THR C 391 9.05 -40.08 9.40
C THR C 391 7.82 -39.19 9.37
N TRP C 392 7.99 -37.95 9.81
CA TRP C 392 6.88 -36.98 9.76
C TRP C 392 7.37 -35.54 9.58
N ASP C 398 -0.46 -34.34 7.48
CA ASP C 398 0.39 -35.53 7.53
C ASP C 398 0.15 -36.30 8.82
N VAL C 399 -0.58 -37.42 8.72
CA VAL C 399 -1.01 -38.20 9.86
C VAL C 399 -1.13 -39.66 9.44
N GLU C 400 -1.22 -40.54 10.42
CA GLU C 400 -1.65 -41.90 10.13
C GLU C 400 -3.15 -41.92 9.89
N PHE C 401 -3.62 -43.01 9.28
CA PHE C 401 -5.04 -43.13 8.95
C PHE C 401 -5.37 -44.60 8.76
N PRO C 402 -6.58 -45.03 9.10
CA PRO C 402 -6.93 -46.45 8.99
C PRO C 402 -6.84 -46.98 7.55
N GLU C 403 -6.45 -48.24 7.43
CA GLU C 403 -6.21 -48.82 6.11
C GLU C 403 -7.49 -49.01 5.31
N HIS C 404 -8.65 -49.14 5.96
CA HIS C 404 -9.88 -49.37 5.22
C HIS C 404 -10.17 -48.27 4.21
N PHE C 405 -9.60 -47.07 4.41
CA PHE C 405 -9.75 -46.01 3.43
C PHE C 405 -9.17 -46.38 2.07
N LEU C 406 -8.29 -47.37 2.03
CA LEU C 406 -7.67 -47.83 0.79
C LEU C 406 -8.23 -49.15 0.29
N GLN C 407 -9.27 -49.69 0.95
CA GLN C 407 -9.88 -50.97 0.60
C GLN C 407 -11.37 -50.78 0.36
N PRO C 408 -11.79 -50.48 -0.88
CA PRO C 408 -10.97 -50.34 -2.09
C PRO C 408 -10.47 -48.92 -2.26
N LEU C 409 -9.92 -48.63 -3.44
CA LEU C 409 -9.64 -47.28 -3.88
C LEU C 409 -10.63 -46.92 -4.98
N VAL C 410 -10.81 -45.62 -5.19
CA VAL C 410 -11.94 -45.13 -5.98
C VAL C 410 -11.45 -44.28 -7.15
N PRO C 411 -12.00 -44.49 -8.34
CA PRO C 411 -11.76 -43.54 -9.43
C PRO C 411 -12.27 -42.16 -9.04
N LEU C 412 -11.44 -41.15 -9.33
CA LEU C 412 -11.77 -39.75 -9.11
C LEU C 412 -11.08 -38.90 -10.18
N PRO C 413 -11.84 -38.11 -10.93
CA PRO C 413 -11.21 -37.22 -11.92
C PRO C 413 -10.27 -36.23 -11.24
N PHE C 414 -9.15 -35.96 -11.90
CA PHE C 414 -8.10 -35.07 -11.39
C PHE C 414 -7.14 -34.69 -12.50
N ALA C 415 -7.03 -33.39 -12.78
CA ALA C 415 -5.98 -32.86 -13.66
C ALA C 415 -5.97 -33.50 -15.04
N GLY C 416 -7.15 -33.82 -15.57
CA GLY C 416 -7.29 -34.28 -16.93
C GLY C 416 -7.38 -35.78 -17.08
N PHE C 417 -7.09 -36.55 -16.04
CA PHE C 417 -7.16 -38.01 -16.10
C PHE C 417 -7.89 -38.53 -14.87
N VAL C 418 -8.27 -39.80 -14.92
CA VAL C 418 -8.89 -40.44 -13.77
C VAL C 418 -7.80 -41.05 -12.91
N ALA C 419 -7.65 -40.53 -11.70
CA ALA C 419 -6.73 -41.07 -10.70
C ALA C 419 -7.54 -41.78 -9.62
N GLN C 420 -6.84 -42.54 -8.79
CA GLN C 420 -7.47 -43.25 -7.68
C GLN C 420 -7.28 -42.48 -6.38
N ALA C 421 -8.33 -42.48 -5.57
CA ALA C 421 -8.40 -41.78 -4.30
C ALA C 421 -8.87 -42.75 -3.23
N PRO C 422 -8.59 -42.45 -1.97
CA PRO C 422 -9.19 -43.24 -0.89
C PRO C 422 -10.70 -43.25 -1.03
N ASN C 423 -11.32 -44.37 -0.69
CA ASN C 423 -12.76 -44.41 -0.58
C ASN C 423 -13.20 -43.51 0.56
N ASN C 424 -14.45 -43.01 0.46
CA ASN C 424 -14.97 -42.03 1.39
C ASN C 424 -14.02 -40.86 1.54
N TYR C 425 -13.48 -40.42 0.40
CA TYR C 425 -12.41 -39.42 0.43
C TYR C 425 -12.85 -38.14 1.13
N ARG C 426 -14.15 -37.83 1.10
CA ARG C 426 -14.65 -36.66 1.84
C ARG C 426 -14.41 -36.83 3.33
N ARG C 427 -14.69 -38.01 3.88
CA ARG C 427 -14.33 -38.27 5.27
C ARG C 427 -12.82 -38.35 5.44
N PHE C 428 -12.13 -38.93 4.45
CA PHE C 428 -10.67 -38.94 4.46
C PHE C 428 -10.12 -37.52 4.55
N LEU C 429 -10.62 -36.63 3.69
CA LEU C 429 -10.15 -35.26 3.71
C LEU C 429 -10.49 -34.58 5.02
N GLU C 430 -11.69 -34.83 5.54
CA GLU C 430 -12.12 -34.17 6.77
C GLU C 430 -11.24 -34.58 7.95
N LEU C 431 -10.78 -35.82 7.97
CA LEU C 431 -9.95 -36.26 9.08
C LEU C 431 -8.58 -35.58 9.05
N LYS C 432 -8.01 -35.44 7.86
CA LYS C 432 -6.67 -34.87 7.77
C LYS C 432 -6.69 -33.34 7.76
N PHE C 433 -7.71 -32.72 7.16
CA PHE C 433 -7.76 -31.28 7.03
C PHE C 433 -8.78 -30.61 7.94
N GLY C 434 -9.80 -31.33 8.39
CA GLY C 434 -10.87 -30.74 9.16
C GLY C 434 -12.20 -30.80 8.43
N PRO C 435 -13.30 -30.71 9.17
CA PRO C 435 -14.61 -30.74 8.53
C PRO C 435 -14.84 -29.49 7.69
N GLY C 436 -15.62 -29.67 6.62
CA GLY C 436 -15.93 -28.59 5.70
C GLY C 436 -14.80 -28.17 4.76
N VAL C 437 -13.66 -28.87 4.79
CA VAL C 437 -12.46 -28.39 4.10
C VAL C 437 -12.70 -28.26 2.60
N ILE C 438 -13.47 -29.17 2.03
CA ILE C 438 -13.72 -29.12 0.60
C ILE C 438 -14.51 -27.87 0.22
N GLU C 439 -15.37 -27.39 1.12
CA GLU C 439 -16.26 -26.27 0.85
C GLU C 439 -15.70 -24.92 1.25
N ASN C 440 -14.58 -24.89 1.97
CA ASN C 440 -13.99 -23.63 2.44
C ASN C 440 -12.53 -23.58 2.02
N PRO C 441 -12.28 -23.21 0.76
CA PRO C 441 -10.90 -23.06 0.33
C PRO C 441 -10.21 -21.96 1.11
N GLN C 442 -9.01 -22.27 1.59
CA GLN C 442 -8.09 -21.23 2.00
C GLN C 442 -7.72 -20.40 0.80
N TYR C 443 -8.48 -19.37 0.49
CA TYR C 443 -8.07 -18.50 -0.60
C TYR C 443 -6.80 -17.76 -0.20
N PRO C 444 -5.85 -17.56 -1.12
CA PRO C 444 -4.66 -16.78 -0.80
C PRO C 444 -5.06 -15.46 -0.17
N ASN C 445 -4.31 -15.06 0.86
CA ASN C 445 -4.62 -13.88 1.64
C ASN C 445 -3.42 -12.93 1.56
N PRO C 446 -3.34 -12.11 0.52
CA PRO C 446 -2.22 -11.15 0.44
C PRO C 446 -2.15 -10.21 1.63
N ALA C 447 -3.30 -9.72 2.10
CA ALA C 447 -3.30 -8.88 3.30
C ALA C 447 -2.65 -9.60 4.48
N LEU C 448 -3.11 -10.82 4.77
CA LEU C 448 -2.57 -11.56 5.91
C LEU C 448 -1.12 -12.00 5.67
N LEU C 449 -0.76 -12.30 4.43
CA LEU C 449 0.62 -12.69 4.12
C LEU C 449 1.58 -11.54 4.43
N SER C 450 1.14 -10.29 4.24
CA SER C 450 1.96 -9.15 4.60
C SER C 450 2.24 -9.13 6.10
N LEU C 451 1.24 -9.44 6.90
CA LEU C 451 1.38 -9.46 8.36
C LEU C 451 2.08 -10.71 8.85
N THR C 452 1.87 -11.83 8.14
CA THR C 452 2.45 -13.17 8.31
C THR C 452 1.43 -14.11 8.93
N PRO D 7 15.47 19.55 6.64
CA PRO D 7 16.51 18.69 7.24
C PRO D 7 16.09 17.21 7.26
N ARG D 8 15.21 16.82 6.35
CA ARG D 8 14.66 15.48 6.29
C ARG D 8 15.22 14.76 5.07
N VAL D 9 15.71 13.54 5.28
CA VAL D 9 16.48 12.82 4.26
C VAL D 9 15.89 11.42 4.10
N THR D 10 15.50 11.08 2.88
CA THR D 10 15.00 9.74 2.56
C THR D 10 16.18 8.82 2.27
N VAL D 11 16.31 7.75 3.05
CA VAL D 11 17.25 6.69 2.72
C VAL D 11 16.65 5.86 1.59
N LEU D 12 17.40 5.69 0.50
CA LEU D 12 16.87 5.00 -0.66
C LEU D 12 17.84 3.89 -1.05
N VAL D 13 17.36 2.65 -1.03
CA VAL D 13 18.19 1.47 -1.21
C VAL D 13 17.87 0.84 -2.56
N ARG D 14 18.91 0.65 -3.37
CA ARG D 14 18.74 0.11 -4.71
C ARG D 14 19.74 -1.00 -5.05
N GLU D 15 20.95 -0.97 -4.50
CA GLU D 15 21.97 -1.95 -4.84
C GLU D 15 21.96 -3.07 -3.80
N PHE D 16 21.27 -4.16 -4.12
CA PHE D 16 21.25 -5.34 -3.27
C PHE D 16 20.83 -6.53 -4.13
N GLU D 17 21.26 -7.72 -3.71
CA GLU D 17 20.85 -8.94 -4.39
C GLU D 17 19.73 -9.59 -3.61
N ALA D 18 18.68 -10.01 -4.32
CA ALA D 18 17.54 -10.62 -3.64
C ALA D 18 17.91 -11.96 -2.99
N PHE D 19 18.81 -12.73 -3.62
CA PHE D 19 19.15 -14.04 -3.08
C PHE D 19 20.01 -13.97 -1.83
N ASP D 20 20.58 -12.81 -1.52
CA ASP D 20 21.52 -12.68 -0.42
C ASP D 20 21.74 -11.19 -0.15
N ASN D 21 21.05 -10.65 0.85
CA ASN D 21 21.23 -9.25 1.20
C ASN D 21 21.19 -9.08 2.70
N ALA D 22 21.52 -7.87 3.13
CA ALA D 22 21.37 -7.44 4.52
C ALA D 22 20.51 -6.20 4.58
N VAL D 23 19.56 -6.09 3.64
CA VAL D 23 18.64 -4.94 3.64
C VAL D 23 17.79 -4.90 4.90
N PRO D 24 17.28 -6.00 5.45
CA PRO D 24 16.57 -5.91 6.74
C PRO D 24 17.39 -5.24 7.84
N GLU D 25 18.67 -5.62 7.99
CA GLU D 25 19.51 -4.96 8.99
C GLU D 25 19.72 -3.49 8.65
N LEU D 26 19.95 -3.19 7.37
CA LEU D 26 20.13 -1.80 6.94
C LEU D 26 18.97 -0.93 7.38
N VAL D 27 17.74 -1.32 7.02
CA VAL D 27 16.57 -0.49 7.29
C VAL D 27 16.28 -0.42 8.78
N ASP D 28 16.38 -1.54 9.49
CA ASP D 28 16.16 -1.49 10.93
C ASP D 28 17.18 -0.60 11.62
N SER D 29 18.41 -0.53 11.11
CA SER D 29 19.43 0.28 11.77
C SER D 29 19.11 1.77 11.67
N PHE D 30 18.60 2.21 10.53
CA PHE D 30 18.15 3.60 10.43
C PHE D 30 16.92 3.83 11.28
N LEU D 31 16.01 2.85 11.32
CA LEU D 31 14.79 2.97 12.12
C LEU D 31 15.11 3.11 13.60
N GLN D 32 16.24 2.57 14.07
CA GLN D 32 16.57 2.72 15.49
C GLN D 32 17.00 4.14 15.81
N GLN D 33 17.54 4.87 14.84
CA GLN D 33 17.88 6.27 15.07
C GLN D 33 16.71 7.21 14.90
N ASP D 34 15.70 6.80 14.14
CA ASP D 34 14.47 7.58 13.93
C ASP D 34 13.37 6.63 13.50
N PRO D 35 12.41 6.33 14.38
CA PRO D 35 11.33 5.39 14.01
C PRO D 35 10.47 5.85 12.85
N ALA D 36 10.44 7.15 12.57
CA ALA D 36 9.68 7.68 11.45
C ALA D 36 10.55 7.98 10.23
N GLN D 37 11.77 7.46 10.20
CA GLN D 37 12.71 7.67 9.11
C GLN D 37 12.12 7.20 7.78
N PRO D 38 11.97 8.09 6.79
CA PRO D 38 11.49 7.65 5.47
C PRO D 38 12.53 6.78 4.79
N VAL D 39 12.11 5.60 4.35
CA VAL D 39 12.99 4.63 3.70
C VAL D 39 12.28 4.06 2.50
N VAL D 40 12.96 4.06 1.36
CA VAL D 40 12.43 3.54 0.11
C VAL D 40 13.39 2.46 -0.39
N VAL D 41 12.92 1.21 -0.40
CA VAL D 41 13.64 0.13 -1.04
C VAL D 41 13.14 0.02 -2.48
N ALA D 42 14.05 0.10 -3.44
CA ALA D 42 13.68 0.09 -4.84
C ALA D 42 14.14 -1.21 -5.48
N ALA D 43 13.31 -1.76 -6.36
CA ALA D 43 13.61 -3.00 -7.03
C ALA D 43 12.87 -3.01 -8.36
N ASP D 44 13.36 -3.85 -9.28
CA ASP D 44 12.66 -3.98 -10.55
C ASP D 44 11.42 -4.83 -10.39
N THR D 45 11.56 -5.99 -9.76
CA THR D 45 10.43 -6.83 -9.42
C THR D 45 10.45 -7.10 -7.92
N LEU D 46 9.36 -7.66 -7.43
CA LEU D 46 9.25 -7.99 -6.02
C LEU D 46 10.38 -8.92 -5.59
N PRO D 47 11.27 -8.50 -4.69
CA PRO D 47 12.34 -9.39 -4.26
C PRO D 47 11.80 -10.66 -3.60
N TYR D 48 12.44 -11.79 -3.90
CA TYR D 48 12.09 -13.06 -3.30
C TYR D 48 13.42 -13.80 -3.09
N PRO D 49 13.65 -14.39 -1.91
CA PRO D 49 12.75 -14.51 -0.75
C PRO D 49 12.38 -13.16 -0.17
N PRO D 50 11.24 -13.08 0.52
CA PRO D 50 10.72 -11.77 0.92
C PRO D 50 11.70 -11.00 1.79
N LEU D 51 11.75 -9.68 1.57
CA LEU D 51 12.60 -8.82 2.38
C LEU D 51 12.12 -8.73 3.82
N ALA D 52 10.80 -8.83 4.03
CA ALA D 52 10.22 -8.79 5.37
C ALA D 52 10.56 -7.49 6.08
N LEU D 53 10.53 -6.40 5.32
CA LEU D 53 10.65 -5.08 5.89
C LEU D 53 9.49 -4.81 6.86
N PRO D 54 9.67 -3.85 7.78
CA PRO D 54 8.53 -3.41 8.59
C PRO D 54 7.45 -2.79 7.70
N ARG D 55 6.20 -3.18 7.93
CA ARG D 55 5.10 -2.65 7.13
C ARG D 55 4.50 -1.45 7.85
N ILE D 56 5.30 -0.39 7.86
CA ILE D 56 4.91 0.86 8.49
C ILE D 56 4.86 1.91 7.36
N PRO D 57 4.08 2.98 7.51
CA PRO D 57 3.91 3.91 6.38
C PRO D 57 5.21 4.53 5.88
N ASN D 58 6.20 4.73 6.74
CA ASN D 58 7.43 5.40 6.32
C ASN D 58 8.44 4.47 5.65
N VAL D 59 8.14 3.19 5.52
CA VAL D 59 9.02 2.24 4.84
C VAL D 59 8.24 1.68 3.66
N ARG D 60 8.68 1.99 2.44
CA ARG D 60 7.95 1.60 1.25
C ARG D 60 8.87 0.91 0.26
N LEU D 61 8.29 -0.08 -0.44
CA LEU D 61 8.97 -0.81 -1.50
C LEU D 61 8.49 -0.28 -2.84
N ALA D 62 9.41 0.26 -3.64
CA ALA D 62 9.08 0.87 -4.92
C ALA D 62 9.53 -0.06 -6.04
N LEU D 63 8.57 -0.63 -6.75
CA LEU D 63 8.83 -1.53 -7.87
C LEU D 63 8.78 -0.75 -9.18
N LEU D 64 9.90 -0.72 -9.90
CA LEU D 64 10.05 0.18 -11.03
C LEU D 64 9.73 -0.45 -12.39
N GLN D 65 9.36 -1.72 -12.42
CA GLN D 65 8.99 -2.25 -13.72
C GLN D 65 7.53 -1.94 -14.05
N PRO D 66 7.21 -1.79 -15.34
CA PRO D 66 5.81 -1.63 -15.72
C PRO D 66 4.97 -2.84 -15.33
N ALA D 67 3.69 -2.59 -15.09
CA ALA D 67 2.75 -3.59 -14.63
C ALA D 67 1.36 -3.21 -15.11
N LEU D 68 0.58 -4.21 -15.51
CA LEU D 68 -0.71 -3.92 -16.12
C LEU D 68 -1.71 -3.35 -15.13
N ASP D 69 -1.49 -3.54 -13.83
CA ASP D 69 -2.45 -3.12 -12.81
C ASP D 69 -1.91 -1.96 -11.97
N ARG D 70 -1.07 -1.11 -12.55
CA ARG D 70 -0.41 -0.05 -11.81
C ARG D 70 -0.35 1.18 -12.69
N PRO D 71 -0.54 2.36 -12.12
CA PRO D 71 -0.45 3.60 -12.91
C PRO D 71 1.00 3.95 -13.23
N ALA D 72 1.14 4.89 -14.17
CA ALA D 72 2.47 5.35 -14.56
C ALA D 72 3.26 5.80 -13.34
N ALA D 73 2.61 6.53 -12.45
CA ALA D 73 3.26 7.02 -11.23
C ALA D 73 3.93 5.90 -10.44
N ALA D 74 3.38 4.67 -10.50
CA ALA D 74 3.79 3.62 -9.59
C ALA D 74 5.26 3.26 -9.76
N SER D 75 5.82 3.45 -10.95
CA SER D 75 7.21 3.13 -11.20
C SER D 75 8.13 4.35 -11.25
N ARG D 76 7.59 5.57 -11.14
CA ARG D 76 8.42 6.76 -11.14
C ARG D 76 8.94 7.02 -9.73
N PRO D 77 10.24 6.86 -9.48
CA PRO D 77 10.71 6.79 -8.09
C PRO D 77 10.57 8.08 -7.31
N GLU D 78 10.67 9.24 -7.98
CA GLU D 78 10.52 10.52 -7.25
C GLU D 78 9.20 10.60 -6.52
N THR D 79 8.20 9.86 -6.97
CA THR D 79 6.88 9.94 -6.37
C THR D 79 6.79 9.22 -5.03
N TYR D 80 7.78 8.39 -4.69
CA TYR D 80 7.91 7.80 -3.37
C TYR D 80 8.76 8.62 -2.42
N VAL D 81 9.24 9.78 -2.87
CA VAL D 81 10.21 10.59 -2.12
C VAL D 81 9.61 11.97 -1.98
N ALA D 82 9.36 12.38 -0.74
CA ALA D 82 8.81 13.70 -0.49
C ALA D 82 9.84 14.69 0.01
N THR D 83 10.97 14.20 0.52
CA THR D 83 11.95 15.06 1.19
C THR D 83 12.82 15.81 0.18
N GLU D 84 13.62 16.73 0.71
CA GLU D 84 14.47 17.54 -0.16
C GLU D 84 15.72 16.78 -0.58
N PHE D 85 16.24 15.92 0.29
CA PHE D 85 17.49 15.20 0.06
C PHE D 85 17.24 13.70 0.11
N VAL D 86 18.01 12.97 -0.70
CA VAL D 86 17.92 11.51 -0.82
C VAL D 86 19.32 10.94 -0.62
N ALA D 87 19.42 9.89 0.17
CA ALA D 87 20.71 9.25 0.44
C ALA D 87 20.68 7.84 -0.13
N LEU D 88 21.40 7.62 -1.23
CA LEU D 88 21.56 6.29 -1.80
C LEU D 88 22.44 5.47 -0.88
N VAL D 89 21.93 4.36 -0.37
CA VAL D 89 22.65 3.54 0.59
C VAL D 89 22.88 2.16 0.00
N PRO D 90 24.12 1.69 -0.10
CA PRO D 90 24.35 0.34 -0.61
C PRO D 90 23.98 -0.68 0.45
N ASP D 91 23.68 -1.88 -0.02
CA ASP D 91 23.54 -2.99 0.92
C ASP D 91 24.90 -3.31 1.54
N GLY D 92 24.87 -3.76 2.79
CA GLY D 92 26.08 -3.97 3.54
C GLY D 92 26.47 -2.80 4.41
N ALA D 93 25.77 -1.67 4.27
CA ALA D 93 25.95 -0.51 5.13
C ALA D 93 25.02 -0.62 6.33
N ARG D 94 25.35 0.16 7.36
CA ARG D 94 24.63 0.12 8.62
C ARG D 94 24.66 1.51 9.25
N ALA D 95 23.54 1.94 9.82
CA ALA D 95 23.47 3.21 10.52
C ALA D 95 23.66 2.96 12.01
N GLU D 96 24.73 3.51 12.58
CA GLU D 96 24.97 3.37 14.01
C GLU D 96 24.99 4.72 14.71
N ALA D 97 26.05 5.49 14.59
CA ALA D 97 26.06 6.82 15.18
C ALA D 97 24.90 7.63 14.61
N PRO D 98 24.11 8.30 15.45
CA PRO D 98 22.97 9.05 14.93
C PRO D 98 23.40 10.39 14.35
N GLY D 99 22.57 10.88 13.43
CA GLY D 99 22.79 12.17 12.82
C GLY D 99 23.73 12.20 11.64
N LEU D 100 24.17 11.03 11.14
CA LEU D 100 25.16 11.05 10.07
C LEU D 100 24.61 11.67 8.79
N LEU D 101 23.31 11.49 8.51
CA LEU D 101 22.77 12.09 7.31
C LEU D 101 22.55 13.59 7.47
N GLU D 102 22.19 14.03 8.68
CA GLU D 102 22.10 15.47 8.94
C GLU D 102 23.39 16.18 8.57
N ARG D 103 24.53 15.54 8.85
CA ARG D 103 25.81 16.20 8.65
C ARG D 103 26.26 16.17 7.20
N MET D 104 25.96 15.08 6.49
CA MET D 104 26.14 15.07 5.05
C MET D 104 25.31 16.17 4.39
N VAL D 105 24.10 16.42 4.91
CA VAL D 105 23.25 17.46 4.35
C VAL D 105 23.89 18.83 4.51
N GLU D 106 24.39 19.15 5.71
CA GLU D 106 25.03 20.44 5.88
C GLU D 106 26.43 20.47 5.31
N ALA D 107 27.05 19.31 5.08
CA ALA D 107 28.23 19.28 4.23
C ALA D 107 27.88 19.72 2.82
N LEU D 108 26.74 19.25 2.29
CA LEU D 108 26.34 19.60 0.94
C LEU D 108 26.06 21.09 0.80
N ARG D 109 25.30 21.66 1.74
CA ARG D 109 24.96 23.08 1.67
C ARG D 109 26.19 23.96 1.86
N ALA D 110 27.17 23.52 2.65
CA ALA D 110 28.40 24.28 2.80
C ALA D 110 29.27 24.20 1.56
N GLY D 111 29.46 23.00 1.03
CA GLY D 111 30.35 22.80 -0.09
C GLY D 111 29.76 23.34 -1.39
N SER D 112 30.44 22.99 -2.48
CA SER D 112 30.01 23.37 -3.81
C SER D 112 29.70 22.19 -4.72
N ALA D 113 29.99 20.97 -4.28
CA ALA D 113 29.67 19.79 -5.05
C ALA D 113 28.19 19.48 -4.90
N ARG D 114 27.56 19.05 -6.00
CA ARG D 114 26.14 18.76 -5.93
C ARG D 114 25.84 17.36 -5.40
N LEU D 115 26.87 16.56 -5.11
CA LEU D 115 26.71 15.28 -4.43
C LEU D 115 27.80 15.16 -3.37
N VAL D 116 27.43 14.74 -2.16
CA VAL D 116 28.41 14.34 -1.16
C VAL D 116 28.27 12.85 -0.94
N ALA D 117 29.34 12.24 -0.42
CA ALA D 117 29.38 10.80 -0.29
C ALA D 117 30.24 10.45 0.91
N ALA D 118 29.85 9.38 1.60
CA ALA D 118 30.56 8.90 2.77
C ALA D 118 30.82 7.42 2.56
N PRO D 119 32.07 6.98 2.67
CA PRO D 119 32.36 5.56 2.46
C PRO D 119 31.67 4.68 3.48
N VAL D 120 31.40 3.44 3.09
CA VAL D 120 30.96 2.41 4.02
C VAL D 120 32.17 1.54 4.36
N ALA D 121 32.37 1.29 5.66
CA ALA D 121 33.55 0.55 6.12
C ALA D 121 33.46 -0.93 5.75
N THR D 122 33.33 -1.22 4.47
CA THR D 122 33.30 -2.58 3.97
C THR D 122 34.70 -2.99 3.53
N ALA D 123 34.79 -4.13 2.84
CA ALA D 123 36.04 -4.54 2.24
C ALA D 123 36.41 -3.72 1.01
N ASN D 124 35.46 -2.95 0.47
CA ASN D 124 35.72 -2.07 -0.66
C ASN D 124 35.09 -0.70 -0.40
N PRO D 125 35.66 0.08 0.51
CA PRO D 125 35.14 1.43 0.74
C PRO D 125 35.41 2.32 -0.46
N ALA D 126 34.51 3.27 -0.69
CA ALA D 126 34.56 4.08 -1.90
C ALA D 126 35.86 4.87 -2.01
N ARG D 127 36.61 4.60 -3.06
CA ARG D 127 37.73 5.42 -3.49
C ARG D 127 37.27 6.38 -4.58
N CYS D 128 38.07 7.42 -4.80
CA CYS D 128 37.74 8.53 -5.67
C CYS D 128 38.33 8.42 -7.06
N LEU D 129 37.55 8.77 -8.08
CA LEU D 129 37.91 8.58 -9.47
C LEU D 129 37.65 9.82 -10.30
N ALA D 130 38.57 10.10 -11.22
CA ALA D 130 38.31 10.99 -12.34
C ALA D 130 37.50 10.25 -13.40
N LEU D 131 36.77 11.02 -14.21
CA LEU D 131 35.89 10.38 -15.20
C LEU D 131 35.51 11.39 -16.27
N ASN D 132 35.88 11.10 -17.52
CA ASN D 132 35.38 11.79 -18.71
C ASN D 132 34.47 10.86 -19.51
N VAL D 133 33.38 11.42 -20.00
CA VAL D 133 32.37 10.70 -20.76
C VAL D 133 32.31 11.31 -22.15
N SER D 134 32.56 10.49 -23.17
CA SER D 134 32.51 10.92 -24.56
C SER D 134 31.39 10.14 -25.24
N LEU D 135 30.18 10.72 -25.28
CA LEU D 135 29.10 10.05 -25.98
C LEU D 135 29.42 9.93 -27.47
N ARG D 136 30.08 10.95 -28.02
CA ARG D 136 30.46 10.94 -29.43
C ARG D 136 31.31 9.72 -29.76
N GLU D 137 32.23 9.36 -28.87
CA GLU D 137 33.12 8.23 -29.07
C GLU D 137 32.70 7.00 -28.28
N TRP D 138 31.47 6.97 -27.76
CA TRP D 138 30.93 5.83 -27.00
C TRP D 138 31.89 5.35 -25.92
N THR D 139 32.61 6.27 -25.27
CA THR D 139 33.66 5.90 -24.33
C THR D 139 33.52 6.64 -23.01
N ALA D 140 33.80 5.94 -21.92
CA ALA D 140 34.00 6.56 -20.62
C ALA D 140 35.39 6.17 -20.12
N ARG D 141 36.15 7.16 -19.65
CA ARG D 141 37.53 6.97 -19.21
C ARG D 141 37.65 7.35 -17.74
N TYR D 142 38.03 6.40 -16.90
CA TYR D 142 38.29 6.67 -15.51
C TYR D 142 39.79 6.80 -15.25
N GLY D 143 40.12 7.40 -14.12
CA GLY D 143 41.49 7.51 -13.67
C GLY D 143 41.51 8.02 -12.25
N ALA D 144 42.71 8.16 -11.70
CA ALA D 144 42.84 8.76 -10.39
C ALA D 144 42.37 10.21 -10.43
N ALA D 145 41.79 10.68 -9.33
CA ALA D 145 41.22 12.02 -9.26
C ALA D 145 42.29 13.01 -8.80
N PRO D 146 42.63 14.01 -9.62
CA PRO D 146 43.63 15.01 -9.17
C PRO D 146 43.15 15.80 -7.96
N ALA D 147 41.90 16.27 -7.99
CA ALA D 147 41.37 17.17 -6.98
C ALA D 147 40.60 16.46 -5.89
N ALA D 148 40.91 15.19 -5.63
CA ALA D 148 40.33 14.50 -4.50
C ALA D 148 40.55 15.31 -3.22
N PRO D 149 39.57 15.34 -2.30
CA PRO D 149 38.31 14.60 -2.26
C PRO D 149 37.20 15.09 -3.19
N ARG D 150 37.47 16.06 -4.07
CA ARG D 150 36.52 16.44 -5.12
C ARG D 150 36.71 15.51 -6.30
N CYS D 151 35.61 14.92 -6.78
CA CYS D 151 35.68 13.76 -7.67
C CYS D 151 34.54 13.78 -8.67
N ASP D 152 34.78 13.15 -9.82
CA ASP D 152 33.75 12.91 -10.82
C ASP D 152 32.96 11.65 -10.54
N ALA D 153 33.58 10.66 -9.91
CA ALA D 153 32.97 9.35 -9.75
C ALA D 153 33.65 8.67 -8.58
N LEU D 154 32.94 7.69 -8.02
CA LEU D 154 33.46 6.86 -6.95
C LEU D 154 33.51 5.42 -7.41
N ASP D 155 34.36 4.64 -6.77
CA ASP D 155 34.38 3.20 -7.00
C ASP D 155 34.45 2.52 -5.64
N GLY D 156 33.46 1.69 -5.35
CA GLY D 156 33.35 1.10 -4.04
C GLY D 156 32.07 1.54 -3.37
N ASP D 157 31.94 1.15 -2.10
CA ASP D 157 30.69 1.32 -1.36
C ASP D 157 30.63 2.68 -0.68
N ALA D 158 29.56 3.41 -0.92
CA ALA D 158 29.38 4.71 -0.28
C ALA D 158 27.91 5.05 -0.21
N VAL D 159 27.54 5.76 0.85
CA VAL D 159 26.26 6.46 0.91
C VAL D 159 26.43 7.77 0.15
N VAL D 160 25.57 8.01 -0.82
CA VAL D 160 25.63 9.22 -1.64
C VAL D 160 24.37 10.03 -1.37
N LEU D 161 24.55 11.26 -0.93
CA LEU D 161 23.46 12.17 -0.65
C LEU D 161 23.44 13.29 -1.69
N LEU D 162 22.27 13.55 -2.26
CA LEU D 162 22.07 14.70 -3.12
C LEU D 162 20.60 15.09 -3.01
N ARG D 163 20.20 16.12 -3.75
CA ARG D 163 18.81 16.54 -3.69
C ARG D 163 17.95 15.71 -4.63
N ALA D 164 16.70 15.47 -4.21
CA ALA D 164 15.79 14.68 -5.03
C ALA D 164 15.57 15.32 -6.38
N ARG D 165 15.44 16.64 -6.43
CA ARG D 165 15.28 17.34 -7.70
C ARG D 165 16.47 17.06 -8.63
N ASP D 166 17.67 16.94 -8.07
CA ASP D 166 18.85 16.64 -8.88
C ASP D 166 18.86 15.18 -9.31
N LEU D 167 18.64 14.26 -8.37
CA LEU D 167 18.72 12.85 -8.71
C LEU D 167 17.63 12.46 -9.70
N PHE D 168 16.41 12.91 -9.47
CA PHE D 168 15.29 12.41 -10.24
C PHE D 168 15.03 13.19 -11.51
N ASN D 169 15.80 14.25 -11.77
CA ASN D 169 15.73 14.82 -13.11
C ASN D 169 16.66 14.12 -14.08
N LEU D 170 17.56 13.27 -13.59
CA LEU D 170 18.37 12.44 -14.46
C LEU D 170 17.49 11.50 -15.26
N SER D 171 18.01 11.04 -16.41
CA SER D 171 17.23 10.18 -17.28
C SER D 171 17.14 8.75 -16.75
N ALA D 172 18.13 8.29 -16.00
CA ALA D 172 18.14 6.94 -15.44
C ALA D 172 18.66 7.01 -14.01
N PRO D 173 17.85 7.53 -13.10
CA PRO D 173 18.37 7.82 -11.75
C PRO D 173 18.80 6.58 -10.99
N LEU D 174 18.10 5.44 -11.14
CA LEU D 174 18.42 4.27 -10.34
C LEU D 174 18.75 3.04 -11.20
N ALA D 175 19.33 3.27 -12.38
CA ALA D 175 19.74 2.16 -13.22
C ALA D 175 20.91 1.43 -12.58
N ARG D 176 20.85 0.11 -12.56
CA ARG D 176 21.91 -0.65 -11.91
C ARG D 176 22.99 -1.02 -12.93
N PRO D 177 24.26 -0.99 -12.52
CA PRO D 177 24.73 -0.63 -11.18
C PRO D 177 24.73 0.87 -10.92
N VAL D 178 24.29 1.24 -9.72
CA VAL D 178 24.16 2.65 -9.35
C VAL D 178 25.51 3.33 -9.36
N GLY D 179 26.51 2.69 -8.77
CA GLY D 179 27.85 3.26 -8.73
C GLY D 179 28.41 3.60 -10.11
N THR D 180 27.96 2.90 -11.14
CA THR D 180 28.41 3.24 -12.49
C THR D 180 27.45 4.21 -13.16
N SER D 181 26.15 3.86 -13.14
CA SER D 181 25.15 4.62 -13.89
C SER D 181 25.03 6.05 -13.38
N LEU D 182 25.12 6.27 -12.07
CA LEU D 182 24.86 7.60 -11.53
C LEU D 182 25.95 8.58 -11.93
N PHE D 183 27.21 8.22 -11.68
CA PHE D 183 28.31 9.15 -11.96
C PHE D 183 28.58 9.32 -13.44
N LEU D 184 28.21 8.34 -14.28
CA LEU D 184 28.20 8.59 -15.72
C LEU D 184 27.32 9.78 -16.04
N GLN D 185 26.17 9.89 -15.39
CA GLN D 185 25.23 10.94 -15.69
C GLN D 185 25.61 12.26 -15.04
N THR D 186 26.12 12.20 -13.79
CA THR D 186 26.49 13.43 -13.11
C THR D 186 27.80 13.99 -13.65
N ALA D 187 28.77 13.13 -13.99
CA ALA D 187 30.01 13.65 -14.53
C ALA D 187 29.77 14.29 -15.89
N LEU D 188 28.91 13.67 -16.72
CA LEU D 188 28.57 14.27 -17.99
C LEU D 188 27.95 15.65 -17.79
N ARG D 189 27.12 15.81 -16.76
CA ARG D 189 26.53 17.11 -16.47
C ARG D 189 27.52 18.07 -15.82
N GLY D 190 28.76 17.66 -15.58
CA GLY D 190 29.73 18.51 -14.94
C GLY D 190 29.60 18.59 -13.43
N TRP D 191 28.79 17.74 -12.81
CA TRP D 191 28.66 17.74 -11.37
C TRP D 191 29.84 17.01 -10.73
N ALA D 192 30.16 17.42 -9.52
CA ALA D 192 31.21 16.78 -8.74
C ALA D 192 30.61 16.12 -7.51
N VAL D 193 31.21 15.03 -7.08
CA VAL D 193 30.94 14.42 -5.78
C VAL D 193 32.12 14.72 -4.88
N GLN D 194 31.85 15.17 -3.65
CA GLN D 194 32.92 15.34 -2.68
C GLN D 194 32.83 14.24 -1.64
N LEU D 195 33.91 13.50 -1.50
CA LEU D 195 34.00 12.34 -0.61
C LEU D 195 34.34 12.84 0.77
N LEU D 196 33.33 12.85 1.66
CA LEU D 196 33.50 13.36 3.01
C LEU D 196 34.29 12.36 3.86
N ASP D 197 34.66 12.80 5.06
CA ASP D 197 35.45 11.96 5.95
C ASP D 197 34.58 11.15 6.92
N LEU D 198 33.27 11.32 6.89
CA LEU D 198 32.40 10.42 7.61
C LEU D 198 32.47 9.02 7.00
N THR D 199 32.23 8.00 7.82
CA THR D 199 32.16 6.64 7.32
C THR D 199 31.02 5.91 8.01
N PHE D 200 30.20 5.21 7.22
CA PHE D 200 29.14 4.37 7.76
C PHE D 200 29.70 3.00 8.12
N ALA D 201 29.16 2.42 9.18
CA ALA D 201 29.60 1.10 9.60
C ALA D 201 29.08 0.06 8.62
N ALA D 202 29.76 -1.08 8.59
CA ALA D 202 29.25 -2.22 7.82
C ALA D 202 28.15 -2.92 8.61
N ALA D 203 27.38 -3.73 7.90
CA ALA D 203 26.42 -4.59 8.58
C ALA D 203 27.16 -5.60 9.45
N ARG D 204 26.50 -6.04 10.52
CA ARG D 204 27.16 -6.98 11.43
C ARG D 204 27.15 -8.39 10.86
N GLN D 205 26.05 -8.76 10.19
CA GLN D 205 26.01 -9.99 9.40
C GLN D 205 25.99 -9.57 7.94
N PRO D 206 27.16 -9.37 7.33
CA PRO D 206 27.20 -8.81 5.97
C PRO D 206 26.64 -9.80 4.96
N PRO D 207 26.13 -9.32 3.83
CA PRO D 207 25.67 -10.23 2.79
C PRO D 207 26.83 -10.79 1.98
N LEU D 208 26.54 -11.87 1.26
CA LEU D 208 27.56 -12.55 0.45
C LEU D 208 28.72 -13.02 1.33
N ALA D 209 28.39 -13.80 2.36
CA ALA D 209 29.37 -14.25 3.33
C ALA D 209 30.23 -15.40 2.80
N THR D 210 29.77 -16.13 1.80
CA THR D 210 30.49 -17.26 1.25
C THR D 210 31.11 -16.89 -0.09
N ALA D 211 32.09 -17.69 -0.51
CA ALA D 211 32.70 -17.47 -1.82
C ALA D 211 31.70 -17.71 -2.94
N HIS D 212 30.83 -18.71 -2.79
CA HIS D 212 29.83 -19.00 -3.82
C HIS D 212 28.88 -17.82 -4.00
N ALA D 213 28.38 -17.25 -2.90
CA ALA D 213 27.40 -16.17 -2.99
C ALA D 213 27.99 -14.94 -3.66
N ARG D 214 29.17 -14.50 -3.23
CA ARG D 214 29.76 -13.30 -3.81
C ARG D 214 30.16 -13.53 -5.25
N TRP D 215 30.53 -14.76 -5.59
CA TRP D 215 30.84 -15.07 -6.99
C TRP D 215 29.57 -15.00 -7.85
N LYS D 216 28.44 -15.46 -7.31
CA LYS D 216 27.17 -15.30 -8.04
C LYS D 216 26.77 -13.83 -8.13
N ALA D 217 26.96 -13.06 -7.05
CA ALA D 217 26.67 -11.63 -7.09
C ALA D 217 27.56 -10.93 -8.13
N GLU D 218 28.87 -11.18 -8.12
CA GLU D 218 29.77 -10.54 -9.07
C GLU D 218 29.35 -10.82 -10.51
N ARG D 219 28.96 -12.06 -10.81
CA ARG D 219 28.58 -12.42 -12.16
C ARG D 219 27.30 -11.70 -12.58
N GLU D 220 26.25 -11.81 -11.78
CA GLU D 220 25.03 -11.05 -12.07
C GLU D 220 25.32 -9.56 -12.13
N GLY D 221 26.25 -9.09 -11.30
CA GLY D 221 26.62 -7.69 -11.33
C GLY D 221 27.37 -7.30 -12.60
N ARG D 222 28.28 -8.16 -13.07
CA ARG D 222 28.93 -7.88 -14.33
C ARG D 222 27.91 -7.87 -15.47
N ALA D 223 26.86 -8.69 -15.37
CA ALA D 223 25.85 -8.73 -16.42
C ALA D 223 25.02 -7.45 -16.46
N ARG D 224 24.60 -6.96 -15.28
CA ARG D 224 23.87 -5.70 -15.22
C ARG D 224 24.70 -4.55 -15.78
N ARG D 225 25.98 -4.50 -15.42
CA ARG D 225 26.85 -3.42 -15.89
C ARG D 225 27.00 -3.43 -17.41
N ALA D 226 27.17 -4.61 -18.00
CA ALA D 226 27.26 -4.70 -19.46
C ALA D 226 25.97 -4.24 -20.11
N ALA D 227 24.82 -4.68 -19.57
CA ALA D 227 23.56 -4.29 -20.16
C ALA D 227 23.33 -2.79 -19.99
N LEU D 228 23.79 -2.24 -18.87
CA LEU D 228 23.67 -0.80 -18.65
C LEU D 228 24.47 -0.02 -19.68
N LEU D 229 25.75 -0.35 -19.84
CA LEU D 229 26.60 0.39 -20.77
C LEU D 229 26.10 0.23 -22.20
N ARG D 230 25.73 -0.99 -22.61
CA ARG D 230 25.15 -1.16 -23.93
C ARG D 230 23.93 -0.28 -24.09
N ALA D 231 23.09 -0.21 -23.06
CA ALA D 231 21.85 0.54 -23.17
C ALA D 231 22.10 2.04 -23.29
N LEU D 232 23.15 2.56 -22.64
CA LEU D 232 23.37 3.99 -22.54
C LEU D 232 24.48 4.50 -23.48
N GLY D 233 24.88 3.68 -24.46
CA GLY D 233 25.81 4.15 -25.48
C GLY D 233 27.26 4.23 -25.05
N ILE D 234 27.69 3.36 -24.13
CA ILE D 234 29.09 3.23 -23.76
C ILE D 234 29.57 1.88 -24.25
N ARG D 235 30.36 1.89 -25.33
CA ARG D 235 30.93 0.68 -25.89
C ARG D 235 32.26 0.30 -25.27
N LEU D 236 32.95 1.26 -24.67
CA LEU D 236 34.31 1.06 -24.19
C LEU D 236 34.50 1.83 -22.89
N VAL D 237 34.99 1.16 -21.87
CA VAL D 237 35.47 1.81 -20.65
C VAL D 237 36.97 1.61 -20.59
N SER D 238 37.71 2.70 -20.43
CA SER D 238 39.16 2.69 -20.37
C SER D 238 39.63 3.35 -19.08
N TRP D 239 40.84 2.98 -18.66
CA TRP D 239 41.39 3.46 -17.42
C TRP D 239 42.79 4.01 -17.65
N GLU D 240 43.15 5.03 -16.87
CA GLU D 240 44.55 5.39 -16.72
C GLU D 240 45.33 4.14 -16.36
N GLY D 241 46.41 3.90 -17.08
CA GLY D 241 47.15 2.67 -16.98
C GLY D 241 46.93 1.72 -18.14
N GLY D 242 45.89 1.97 -18.94
CA GLY D 242 45.70 1.27 -20.19
C GLY D 242 44.64 0.18 -20.20
N ARG D 243 44.11 -0.21 -19.03
CA ARG D 243 43.11 -1.27 -19.02
C ARG D 243 41.89 -0.84 -19.85
N LEU D 244 41.33 -1.80 -20.58
CA LEU D 244 40.20 -1.58 -21.47
C LEU D 244 39.10 -2.56 -21.12
N GLU D 245 37.87 -2.06 -21.04
CA GLU D 245 36.68 -2.89 -20.87
C GLU D 245 35.82 -2.70 -22.11
N TRP D 246 35.60 -3.78 -22.85
CA TRP D 246 34.85 -3.70 -24.10
C TRP D 246 33.40 -4.14 -23.89
N PHE D 247 32.48 -3.47 -24.60
CA PHE D 247 31.05 -3.74 -24.44
C PHE D 247 30.32 -3.59 -25.76
N GLY D 248 30.95 -4.02 -26.85
CA GLY D 248 30.39 -3.85 -28.17
C GLY D 248 30.51 -5.13 -28.98
N CYS D 249 30.66 -4.94 -30.29
CA CYS D 249 30.76 -6.08 -31.20
C CYS D 249 32.11 -6.75 -31.09
N ASN D 250 32.15 -8.00 -31.51
CA ASN D 250 33.38 -8.77 -31.56
C ASN D 250 33.29 -9.68 -32.78
N LYS D 251 34.15 -10.69 -32.84
CA LYS D 251 34.22 -11.56 -34.01
C LYS D 251 32.95 -12.38 -34.19
N GLU D 252 32.26 -12.73 -33.11
CA GLU D 252 31.12 -13.64 -33.21
C GLU D 252 29.78 -12.92 -33.32
N THR D 253 29.76 -11.60 -33.24
CA THR D 253 28.53 -10.84 -33.35
C THR D 253 28.47 -10.14 -34.70
N THR D 254 27.37 -9.42 -34.92
CA THR D 254 27.30 -8.47 -36.00
C THR D 254 28.01 -7.20 -35.58
N ARG D 255 28.30 -6.34 -36.56
CA ARG D 255 28.80 -5.01 -36.24
C ARG D 255 27.68 -4.19 -35.61
N CYS D 256 28.06 -3.05 -35.04
CA CYS D 256 27.13 -2.29 -34.22
C CYS D 256 26.13 -1.46 -35.03
N PHE D 257 26.28 -1.36 -36.34
CA PHE D 257 25.36 -0.54 -37.12
C PHE D 257 24.94 -1.25 -38.39
N GLY D 258 23.75 -0.93 -38.87
CA GLY D 258 23.22 -1.57 -40.06
C GLY D 258 23.83 -1.05 -41.34
N THR D 259 23.31 -1.55 -42.45
CA THR D 259 23.84 -1.14 -43.74
C THR D 259 23.69 0.37 -43.91
N VAL D 260 24.68 0.98 -44.57
CA VAL D 260 24.80 2.42 -44.60
C VAL D 260 24.10 2.95 -45.84
N VAL D 261 23.13 3.86 -45.64
CA VAL D 261 22.45 4.54 -46.74
C VAL D 261 23.05 5.93 -46.89
N GLY D 262 23.10 6.41 -48.13
CA GLY D 262 23.60 7.74 -48.42
C GLY D 262 25.03 8.00 -47.98
N ASP D 263 25.83 6.94 -47.84
CA ASP D 263 27.20 7.02 -47.33
C ASP D 263 27.27 7.67 -45.96
N THR D 264 26.15 7.69 -45.25
CA THR D 264 26.06 8.31 -43.93
C THR D 264 25.57 7.27 -42.93
N PRO D 265 26.45 6.71 -42.12
CA PRO D 265 26.02 5.68 -41.17
C PRO D 265 25.07 6.25 -40.12
N ALA D 266 24.29 5.34 -39.54
CA ALA D 266 23.29 5.71 -38.55
C ALA D 266 23.87 6.58 -37.44
N TYR D 267 25.07 6.24 -36.96
CA TYR D 267 25.58 6.89 -35.75
C TYR D 267 25.85 8.37 -35.98
N LEU D 268 26.10 8.79 -37.22
CA LEU D 268 26.30 10.22 -37.46
C LEU D 268 25.02 10.99 -37.19
N TYR D 269 23.86 10.44 -37.57
CA TYR D 269 22.61 11.14 -37.34
C TYR D 269 22.28 11.22 -35.85
N GLU D 270 22.81 10.29 -35.06
CA GLU D 270 22.77 10.37 -33.62
C GLU D 270 23.88 11.24 -33.05
N GLU D 271 24.47 12.09 -33.89
CA GLU D 271 25.59 12.95 -33.48
C GLU D 271 26.67 12.17 -32.74
N ARG D 272 26.93 10.95 -33.22
CA ARG D 272 27.98 10.11 -32.68
C ARG D 272 28.89 9.65 -33.82
N TRP D 273 30.08 9.21 -33.45
CA TRP D 273 31.03 8.70 -34.41
C TRP D 273 31.04 7.18 -34.40
N THR D 274 32.04 6.59 -35.03
CA THR D 274 32.06 5.15 -35.20
C THR D 274 32.30 4.49 -33.84
N PRO D 275 31.49 3.50 -33.47
CA PRO D 275 31.68 2.84 -32.17
C PRO D 275 33.09 2.30 -32.05
N PRO D 276 33.74 2.48 -30.91
CA PRO D 276 35.17 2.12 -30.81
C PRO D 276 35.45 0.65 -31.04
N CYS D 277 34.48 -0.23 -30.79
CA CYS D 277 34.65 -1.65 -31.06
C CYS D 277 34.64 -1.93 -32.55
N CYS D 278 33.87 -1.14 -33.31
CA CYS D 278 33.85 -1.29 -34.75
C CYS D 278 35.16 -0.80 -35.37
N LEU D 279 35.67 0.36 -34.92
CA LEU D 279 36.98 0.81 -35.34
C LEU D 279 38.03 -0.23 -35.04
N ARG D 280 37.91 -0.89 -33.90
CA ARG D 280 38.96 -1.83 -33.51
C ARG D 280 38.91 -3.08 -34.37
N ALA D 281 37.71 -3.54 -34.73
CA ALA D 281 37.61 -4.65 -35.67
C ALA D 281 38.18 -4.28 -37.04
N LEU D 282 37.91 -3.06 -37.49
CA LEU D 282 38.52 -2.59 -38.74
C LEU D 282 40.04 -2.55 -38.65
N ARG D 283 40.57 -2.11 -37.51
CA ARG D 283 42.02 -2.00 -37.37
C ARG D 283 42.67 -3.38 -37.41
N GLU D 284 42.00 -4.41 -36.90
CA GLU D 284 42.62 -5.74 -36.91
C GLU D 284 42.39 -6.44 -38.25
N THR D 285 41.26 -6.18 -38.90
CA THR D 285 41.08 -6.63 -40.27
C THR D 285 42.10 -5.98 -41.19
N ALA D 286 42.31 -4.68 -41.02
CA ALA D 286 43.34 -4.02 -41.80
C ALA D 286 44.70 -4.66 -41.54
N ARG D 287 45.05 -4.87 -40.27
CA ARG D 287 46.35 -5.46 -39.97
C ARG D 287 46.45 -6.87 -40.56
N TYR D 288 45.36 -7.63 -40.47
CA TYR D 288 45.40 -9.00 -40.96
C TYR D 288 45.54 -9.04 -42.48
N VAL D 289 44.70 -8.28 -43.19
CA VAL D 289 44.73 -8.27 -44.65
C VAL D 289 46.10 -7.82 -45.16
N VAL D 290 46.66 -6.77 -44.55
CA VAL D 290 48.00 -6.34 -44.95
C VAL D 290 48.99 -7.48 -44.75
N GLY D 291 48.82 -8.24 -43.66
CA GLY D 291 49.74 -9.31 -43.37
C GLY D 291 49.72 -10.40 -44.42
N VAL D 292 48.54 -10.81 -44.87
CA VAL D 292 48.54 -11.87 -45.87
C VAL D 292 48.87 -11.28 -47.24
N LEU D 293 48.49 -10.04 -47.51
CA LEU D 293 48.87 -9.40 -48.77
C LEU D 293 50.39 -9.34 -48.90
N GLU D 294 51.06 -8.79 -47.90
CA GLU D 294 52.51 -8.74 -47.91
C GLU D 294 53.11 -10.14 -47.98
N ALA D 295 52.54 -11.09 -47.23
CA ALA D 295 53.06 -12.45 -47.26
C ALA D 295 52.96 -13.05 -48.66
N ALA D 296 51.91 -12.70 -49.39
CA ALA D 296 51.73 -13.16 -50.76
C ALA D 296 52.56 -12.36 -51.76
N GLY D 297 53.25 -11.32 -51.33
CA GLY D 297 53.96 -10.47 -52.25
C GLY D 297 53.05 -9.65 -53.15
N VAL D 298 51.84 -9.36 -52.68
CA VAL D 298 50.94 -8.43 -53.38
C VAL D 298 51.30 -7.03 -52.94
N ARG D 299 51.53 -6.14 -53.91
CA ARG D 299 51.85 -4.76 -53.59
C ARG D 299 50.55 -3.99 -53.37
N TYR D 300 50.41 -3.46 -52.16
CA TYR D 300 49.23 -2.74 -51.71
C TYR D 300 49.64 -1.33 -51.31
N TRP D 301 48.63 -0.46 -51.19
CA TRP D 301 48.87 0.88 -50.66
C TRP D 301 47.56 1.42 -50.11
N LEU D 302 47.66 2.21 -49.04
CA LEU D 302 46.47 2.83 -48.46
C LEU D 302 45.76 3.70 -49.50
N GLU D 303 44.43 3.61 -49.52
CA GLU D 303 43.62 4.39 -50.45
C GLU D 303 42.52 5.12 -49.69
N GLY D 304 41.88 6.04 -50.39
CA GLY D 304 40.67 6.69 -49.88
C GLY D 304 40.82 7.23 -48.47
N GLY D 305 39.77 7.02 -47.67
CA GLY D 305 39.76 7.48 -46.30
C GLY D 305 40.81 6.86 -45.42
N SER D 306 41.31 5.67 -45.78
CA SER D 306 42.39 5.07 -45.01
C SER D 306 43.70 5.84 -45.17
N LEU D 307 44.03 6.19 -46.42
CA LEU D 307 45.21 7.03 -46.61
C LEU D 307 45.01 8.40 -45.96
N LEU D 308 43.82 8.97 -46.13
CA LEU D 308 43.51 10.27 -45.51
C LEU D 308 43.69 10.20 -44.00
N GLY D 309 43.02 9.26 -43.34
CA GLY D 309 43.18 9.12 -41.90
C GLY D 309 44.63 8.89 -41.49
N ALA D 310 45.36 8.12 -42.29
CA ALA D 310 46.74 7.85 -41.95
C ALA D 310 47.58 9.12 -42.07
N ALA D 311 47.37 9.89 -43.13
CA ALA D 311 48.14 11.11 -43.29
C ALA D 311 47.74 12.15 -42.25
N ARG D 312 46.45 12.17 -41.88
CA ARG D 312 45.93 13.17 -40.96
C ARG D 312 46.34 12.87 -39.52
N HIS D 313 46.11 11.63 -39.04
CA HIS D 313 46.50 11.32 -37.67
C HIS D 313 46.93 9.85 -37.49
N GLY D 314 47.35 9.17 -38.56
CA GLY D 314 47.85 7.81 -38.45
C GLY D 314 46.83 6.78 -37.99
N ASP D 315 45.54 7.02 -38.20
CA ASP D 315 44.53 6.05 -37.80
C ASP D 315 43.29 6.25 -38.65
N ILE D 316 42.30 5.37 -38.41
CA ILE D 316 41.05 5.45 -39.15
C ILE D 316 40.34 6.72 -38.75
N ILE D 317 39.84 7.44 -39.74
CA ILE D 317 39.00 8.62 -39.50
C ILE D 317 37.89 8.21 -38.54
N PRO D 318 37.71 8.92 -37.42
CA PRO D 318 36.87 8.41 -36.32
C PRO D 318 35.40 8.21 -36.68
N TRP D 319 34.91 8.66 -37.84
CA TRP D 319 33.56 8.34 -38.27
C TRP D 319 33.52 7.41 -39.47
N ASP D 320 34.67 7.04 -40.02
CA ASP D 320 34.71 6.11 -41.14
C ASP D 320 34.30 4.71 -40.68
N TYR D 321 33.94 3.88 -41.65
CA TYR D 321 33.45 2.54 -41.33
C TYR D 321 34.07 1.45 -42.19
N ASP D 322 35.05 1.76 -43.02
CA ASP D 322 35.76 0.74 -43.77
C ASP D 322 37.22 1.14 -43.91
N VAL D 323 38.02 0.21 -44.41
CA VAL D 323 39.41 0.44 -44.77
C VAL D 323 39.56 0.16 -46.25
N ASP D 324 40.31 1.01 -46.96
CA ASP D 324 40.46 0.90 -48.40
C ASP D 324 41.93 0.73 -48.76
N LEU D 325 42.24 -0.33 -49.49
CA LEU D 325 43.57 -0.54 -50.04
C LEU D 325 43.48 -0.69 -51.55
N GLY D 326 44.42 -0.06 -52.25
CA GLY D 326 44.63 -0.35 -53.65
C GLY D 326 45.74 -1.40 -53.81
N ILE D 327 45.58 -2.28 -54.78
CA ILE D 327 46.56 -3.31 -55.06
C ILE D 327 46.79 -3.35 -56.58
N TYR D 328 47.94 -3.89 -56.96
CA TYR D 328 48.23 -4.09 -58.37
C TYR D 328 47.46 -5.29 -58.89
N LEU D 329 46.73 -5.10 -60.00
CA LEU D 329 45.92 -6.18 -60.55
C LEU D 329 46.76 -7.41 -60.85
N GLU D 330 47.96 -7.21 -61.41
CA GLU D 330 48.75 -8.36 -61.86
C GLU D 330 49.35 -9.18 -60.70
N ASP D 331 49.12 -8.80 -59.43
CA ASP D 331 49.61 -9.58 -58.30
C ASP D 331 48.51 -10.34 -57.59
N VAL D 332 47.27 -10.01 -57.89
CA VAL D 332 46.09 -10.66 -57.34
C VAL D 332 46.26 -12.17 -57.26
N GLY D 333 46.80 -12.78 -58.31
CA GLY D 333 46.99 -14.22 -58.36
C GLY D 333 47.89 -14.78 -57.28
N ASN D 334 48.81 -13.96 -56.74
CA ASN D 334 49.80 -14.50 -55.83
C ASN D 334 49.23 -14.82 -54.46
N CYS D 335 48.05 -14.31 -54.15
CA CYS D 335 47.39 -14.51 -52.86
C CYS D 335 46.30 -15.56 -53.02
N GLU D 336 46.36 -16.60 -52.19
CA GLU D 336 45.41 -17.72 -52.30
C GLU D 336 43.97 -17.27 -52.09
N GLN D 337 43.71 -16.55 -50.99
CA GLN D 337 42.35 -16.14 -50.63
C GLN D 337 41.68 -15.43 -51.79
N LEU D 338 42.47 -14.68 -52.51
CA LEU D 338 41.92 -13.83 -53.52
C LEU D 338 41.65 -14.63 -54.80
N ARG D 339 42.52 -15.59 -55.12
CA ARG D 339 42.23 -16.56 -56.17
C ARG D 339 40.87 -17.20 -55.92
N GLY D 340 40.66 -17.67 -54.69
CA GLY D 340 39.39 -18.31 -54.37
C GLY D 340 38.23 -17.34 -54.44
N ALA D 341 38.44 -16.09 -54.00
CA ALA D 341 37.37 -15.11 -53.96
C ALA D 341 36.70 -14.93 -55.32
N GLU D 342 37.44 -15.17 -56.40
CA GLU D 342 36.87 -15.02 -57.73
C GLU D 342 35.92 -16.17 -58.07
N ALA D 343 36.15 -17.35 -57.49
CA ALA D 343 35.23 -18.45 -57.67
C ALA D 343 34.00 -18.30 -56.77
N GLY D 344 34.21 -18.01 -55.49
CA GLY D 344 33.12 -17.76 -54.58
C GLY D 344 33.64 -17.12 -53.32
N SER D 345 32.77 -17.03 -52.31
CA SER D 345 33.20 -16.49 -51.03
C SER D 345 34.18 -17.45 -50.36
N VAL D 346 35.13 -16.89 -49.62
CA VAL D 346 36.24 -17.65 -49.04
C VAL D 346 36.34 -17.28 -47.58
N VAL D 347 36.14 -18.27 -46.70
CA VAL D 347 36.35 -18.11 -45.27
C VAL D 347 37.67 -18.78 -44.93
N ASP D 348 38.71 -17.99 -44.69
CA ASP D 348 40.03 -18.59 -44.47
C ASP D 348 40.14 -19.07 -43.02
N GLU D 349 41.32 -19.63 -42.70
CA GLU D 349 41.53 -20.35 -41.45
C GLU D 349 41.47 -19.45 -40.23
N ARG D 350 41.29 -18.15 -40.42
CA ARG D 350 41.21 -17.20 -39.32
C ARG D 350 39.85 -16.51 -39.23
N GLY D 351 38.88 -16.90 -40.04
CA GLY D 351 37.54 -16.39 -39.95
C GLY D 351 37.21 -15.27 -40.92
N PHE D 352 38.21 -14.66 -41.55
CA PHE D 352 37.95 -13.57 -42.46
C PHE D 352 37.33 -14.07 -43.76
N VAL D 353 36.47 -13.24 -44.35
CA VAL D 353 35.64 -13.61 -45.49
C VAL D 353 36.07 -12.77 -46.68
N TRP D 354 36.56 -13.44 -47.74
CA TRP D 354 37.06 -12.77 -48.94
C TRP D 354 36.04 -12.95 -50.07
N GLU D 355 35.53 -11.84 -50.59
CA GLU D 355 34.53 -11.89 -51.65
C GLU D 355 34.89 -10.89 -52.74
N LYS D 356 34.34 -11.12 -53.93
CA LYS D 356 34.63 -10.29 -55.10
C LYS D 356 33.49 -9.36 -55.51
N ALA D 357 32.24 -9.69 -55.20
CA ALA D 357 31.09 -8.89 -55.63
C ALA D 357 31.09 -8.65 -57.15
N GLY D 360 30.44 -4.25 -58.95
CA GLY D 360 31.77 -3.84 -58.56
C GLY D 360 32.89 -4.69 -59.12
N ASP D 361 34.10 -4.12 -59.18
CA ASP D 361 35.29 -4.79 -59.70
C ASP D 361 36.40 -4.81 -58.66
N PHE D 362 36.02 -4.86 -57.40
CA PHE D 362 36.95 -4.78 -56.29
C PHE D 362 36.71 -5.96 -55.37
N PHE D 363 37.60 -6.12 -54.41
CA PHE D 363 37.46 -7.23 -53.50
C PHE D 363 37.21 -6.70 -52.10
N ARG D 364 36.58 -7.53 -51.29
CA ARG D 364 36.19 -7.11 -49.95
C ARG D 364 36.50 -8.22 -48.96
N VAL D 365 37.17 -7.86 -47.88
CA VAL D 365 37.49 -8.80 -46.82
C VAL D 365 36.72 -8.37 -45.57
N GLN D 366 35.91 -9.26 -45.03
CA GLN D 366 35.11 -8.95 -43.86
C GLN D 366 35.71 -9.59 -42.61
N TYR D 367 35.58 -8.87 -41.50
CA TYR D 367 36.17 -9.30 -40.23
C TYR D 367 35.81 -10.75 -39.91
N SER D 368 34.56 -11.14 -40.17
CA SER D 368 34.10 -12.50 -39.89
C SER D 368 32.79 -12.72 -40.62
N GLU D 369 32.31 -13.96 -40.58
CA GLU D 369 31.06 -14.30 -41.25
C GLU D 369 29.86 -13.57 -40.68
N SER D 370 29.94 -13.12 -39.42
CA SER D 370 28.84 -12.37 -38.79
C SER D 370 29.12 -10.88 -38.70
N ASN D 371 30.37 -10.47 -38.53
CA ASN D 371 30.72 -9.07 -38.33
C ASN D 371 31.23 -8.51 -39.66
N HIS D 372 30.41 -7.70 -40.31
CA HIS D 372 30.72 -7.21 -41.65
C HIS D 372 31.42 -5.86 -41.65
N LEU D 373 32.46 -5.71 -40.86
CA LEU D 373 33.40 -4.60 -41.00
C LEU D 373 34.48 -5.01 -42.01
N HIS D 374 34.63 -4.23 -43.08
CA HIS D 374 35.34 -4.75 -44.23
C HIS D 374 36.52 -3.89 -44.66
N VAL D 375 37.52 -4.57 -45.21
CA VAL D 375 38.58 -3.96 -46.00
C VAL D 375 38.25 -4.12 -47.47
N ASP D 376 38.31 -3.03 -48.22
CA ASP D 376 38.13 -3.07 -49.67
C ASP D 376 39.50 -3.09 -50.34
N LEU D 377 39.70 -4.01 -51.27
CA LEU D 377 40.89 -4.05 -52.11
C LEU D 377 40.52 -3.60 -53.51
N TRP D 378 41.11 -2.48 -53.95
CA TRP D 378 40.87 -1.98 -55.29
C TRP D 378 42.05 -2.30 -56.19
N PRO D 379 41.92 -3.20 -57.16
CA PRO D 379 43.04 -3.47 -58.08
C PRO D 379 43.11 -2.44 -59.19
N PHE D 380 44.29 -1.84 -59.35
CA PHE D 380 44.60 -0.98 -60.47
C PHE D 380 45.65 -1.67 -61.34
N TYR D 381 45.60 -1.38 -62.64
CA TYR D 381 46.66 -1.76 -63.54
C TYR D 381 47.23 -0.51 -64.19
N PRO D 382 48.49 -0.54 -64.61
CA PRO D 382 49.08 0.66 -65.22
C PRO D 382 48.86 0.69 -66.72
N ARG D 383 48.41 1.84 -67.24
CA ARG D 383 48.26 2.08 -68.67
C ARG D 383 48.95 3.38 -69.01
N ASN D 384 50.07 3.28 -69.72
CA ASN D 384 50.88 4.45 -70.09
C ASN D 384 51.33 5.21 -68.84
N GLY D 385 51.82 4.47 -67.85
CA GLY D 385 52.23 5.11 -66.62
C GLY D 385 51.11 5.73 -65.83
N VAL D 386 49.86 5.32 -66.04
CA VAL D 386 48.71 5.81 -65.29
C VAL D 386 47.95 4.62 -64.73
N MET D 387 47.76 4.60 -63.42
CA MET D 387 46.99 3.56 -62.76
C MET D 387 45.49 3.79 -63.00
N THR D 388 44.80 2.75 -63.47
CA THR D 388 43.39 2.86 -63.86
C THR D 388 42.67 1.56 -63.49
N LYS D 389 41.37 1.50 -63.76
CA LYS D 389 40.64 0.24 -63.83
C LYS D 389 39.48 0.42 -64.82
N ASP D 390 38.51 -0.49 -64.81
CA ASP D 390 37.45 -0.54 -65.80
C ASP D 390 36.07 -0.23 -65.27
N THR D 391 35.86 -0.24 -63.94
CA THR D 391 34.56 0.07 -63.37
C THR D 391 34.65 1.26 -62.41
N TRP D 392 33.69 2.17 -62.53
CA TRP D 392 33.66 3.42 -61.79
C TRP D 392 32.47 3.45 -60.83
N LEU D 393 32.64 4.14 -59.72
CA LEU D 393 31.53 4.54 -58.88
C LEU D 393 31.52 6.06 -58.76
N ASP D 394 30.31 6.62 -58.69
CA ASP D 394 30.16 8.08 -58.64
C ASP D 394 30.66 8.60 -57.30
N HIS D 395 31.98 8.83 -57.22
CA HIS D 395 32.58 9.61 -56.14
C HIS D 395 33.74 10.41 -56.72
N ARG D 396 33.87 11.65 -56.26
CA ARG D 396 34.98 12.53 -56.62
C ARG D 396 36.33 11.84 -56.55
N GLN D 397 36.52 10.98 -55.54
CA GLN D 397 37.82 10.42 -55.21
C GLN D 397 38.12 9.12 -55.96
N ASP D 398 37.17 8.62 -56.75
CA ASP D 398 37.33 7.38 -57.52
C ASP D 398 37.77 7.78 -58.93
N VAL D 399 39.09 7.87 -59.14
CA VAL D 399 39.67 8.41 -60.37
C VAL D 399 40.98 7.68 -60.65
N GLU D 400 41.54 7.93 -61.83
CA GLU D 400 42.87 7.46 -62.17
C GLU D 400 43.93 8.38 -61.56
N PHE D 401 45.15 7.87 -61.46
CA PHE D 401 46.25 8.66 -60.93
C PHE D 401 47.57 8.20 -61.54
N PRO D 402 48.55 9.09 -61.65
CA PRO D 402 49.84 8.69 -62.25
C PRO D 402 50.54 7.62 -61.43
N GLU D 403 51.19 6.68 -62.13
CA GLU D 403 51.81 5.55 -61.45
C GLU D 403 53.04 5.95 -60.65
N HIS D 404 53.71 7.06 -61.01
CA HIS D 404 54.88 7.47 -60.25
C HIS D 404 54.56 7.68 -58.77
N PHE D 405 53.31 7.92 -58.41
CA PHE D 405 52.96 8.02 -57.00
C PHE D 405 53.20 6.71 -56.26
N LEU D 406 53.28 5.58 -56.96
CA LEU D 406 53.56 4.30 -56.32
C LEU D 406 55.01 3.87 -56.45
N GLN D 407 55.85 4.68 -57.11
CA GLN D 407 57.25 4.33 -57.37
C GLN D 407 58.15 5.40 -56.79
N PRO D 408 58.54 5.28 -55.50
CA PRO D 408 58.22 4.15 -54.64
C PRO D 408 57.04 4.39 -53.70
N LEU D 409 56.74 3.37 -52.90
CA LEU D 409 55.82 3.48 -51.78
C LEU D 409 56.60 3.83 -50.51
N VAL D 410 55.91 4.46 -49.56
CA VAL D 410 56.59 4.96 -48.36
C VAL D 410 55.94 4.37 -47.10
N PRO D 411 56.71 4.13 -46.04
CA PRO D 411 56.10 3.67 -44.79
C PRO D 411 55.24 4.77 -44.18
N LEU D 412 54.07 4.38 -43.69
CA LEU D 412 53.18 5.36 -43.07
C LEU D 412 52.43 4.69 -41.94
N PRO D 413 52.58 5.17 -40.71
CA PRO D 413 51.82 4.60 -39.59
C PRO D 413 50.30 4.64 -39.84
N PHE D 414 49.63 3.53 -39.53
CA PHE D 414 48.19 3.47 -39.69
C PHE D 414 47.60 2.36 -38.82
N ALA D 415 46.58 2.72 -38.03
CA ALA D 415 45.78 1.74 -37.27
C ALA D 415 46.63 0.79 -36.44
N GLY D 416 47.76 1.29 -35.92
CA GLY D 416 48.62 0.53 -35.04
C GLY D 416 49.75 -0.23 -35.71
N PHE D 417 49.90 -0.14 -37.03
CA PHE D 417 51.00 -0.80 -37.72
C PHE D 417 51.56 0.14 -38.79
N VAL D 418 52.65 -0.25 -39.44
CA VAL D 418 53.27 0.57 -40.46
C VAL D 418 52.81 0.08 -41.83
N ALA D 419 52.09 0.93 -42.55
CA ALA D 419 51.50 0.58 -43.83
C ALA D 419 52.31 1.16 -44.97
N GLN D 420 51.93 0.77 -46.18
CA GLN D 420 52.49 1.35 -47.40
C GLN D 420 51.51 2.39 -47.94
N ALA D 421 52.04 3.56 -48.28
CA ALA D 421 51.29 4.66 -48.87
C ALA D 421 52.03 5.16 -50.09
N PRO D 422 51.33 5.84 -51.00
CA PRO D 422 52.03 6.44 -52.15
C PRO D 422 52.98 7.52 -51.67
N ASN D 423 54.09 7.68 -52.38
CA ASN D 423 55.02 8.76 -52.09
C ASN D 423 54.36 10.09 -52.39
N ASN D 424 54.78 11.12 -51.66
CA ASN D 424 54.16 12.44 -51.78
C ASN D 424 52.65 12.33 -51.56
N TYR D 425 52.24 11.53 -50.56
CA TYR D 425 50.84 11.18 -50.41
C TYR D 425 49.93 12.38 -50.12
N ARG D 426 50.47 13.47 -49.57
CA ARG D 426 49.64 14.67 -49.41
C ARG D 426 49.22 15.21 -50.78
N ARG D 427 50.17 15.29 -51.71
CA ARG D 427 49.81 15.65 -53.08
C ARG D 427 48.82 14.65 -53.67
N PHE D 428 49.02 13.36 -53.37
CA PHE D 428 48.11 12.32 -53.82
C PHE D 428 46.71 12.55 -53.27
N LEU D 429 46.63 12.84 -51.96
CA LEU D 429 45.34 13.08 -51.33
C LEU D 429 44.67 14.34 -51.89
N GLU D 430 45.45 15.39 -52.15
CA GLU D 430 44.88 16.57 -52.80
CA GLU D 430 44.88 16.57 -52.80
C GLU D 430 44.32 16.24 -54.17
N LEU D 431 44.94 15.30 -54.89
CA LEU D 431 44.49 14.95 -56.23
C LEU D 431 43.10 14.34 -56.19
N LYS D 432 42.87 13.40 -55.26
CA LYS D 432 41.60 12.69 -55.26
C LYS D 432 40.50 13.45 -54.54
N PHE D 433 40.83 14.20 -53.50
CA PHE D 433 39.81 14.84 -52.67
C PHE D 433 39.67 16.34 -52.91
N GLY D 434 40.72 17.00 -53.40
CA GLY D 434 40.72 18.44 -53.54
C GLY D 434 41.65 19.08 -52.53
N PRO D 435 41.98 20.36 -52.73
CA PRO D 435 42.96 21.01 -51.86
C PRO D 435 42.49 21.08 -50.42
N GLY D 436 43.45 21.01 -49.50
CA GLY D 436 43.19 21.20 -48.08
C GLY D 436 42.44 20.08 -47.41
N VAL D 437 42.39 18.90 -48.04
CA VAL D 437 41.55 17.81 -47.52
C VAL D 437 42.09 17.32 -46.18
N ILE D 438 43.40 17.28 -46.02
CA ILE D 438 43.97 16.75 -44.77
C ILE D 438 43.57 17.63 -43.59
N GLU D 439 43.60 18.94 -43.77
CA GLU D 439 43.37 19.90 -42.69
C GLU D 439 41.90 20.26 -42.53
N ASN D 440 41.02 19.85 -43.43
CA ASN D 440 39.61 20.23 -43.40
C ASN D 440 38.72 18.99 -43.39
N PRO D 441 38.62 18.29 -42.25
CA PRO D 441 37.79 17.08 -42.22
C PRO D 441 36.32 17.40 -42.48
N GLN D 442 35.63 16.44 -43.08
CA GLN D 442 34.24 16.60 -43.48
C GLN D 442 33.60 15.22 -43.64
N TYR D 443 32.28 15.16 -43.40
CA TYR D 443 31.54 13.91 -43.41
C TYR D 443 31.43 13.34 -44.84
N PRO D 444 31.10 12.04 -44.97
CA PRO D 444 31.14 11.44 -46.32
C PRO D 444 30.15 12.05 -47.30
N ASN D 445 29.11 12.72 -46.83
CA ASN D 445 28.05 13.25 -47.70
C ASN D 445 27.48 14.52 -47.06
N PRO D 446 28.18 15.65 -47.19
CA PRO D 446 27.68 16.92 -46.62
C PRO D 446 26.31 17.31 -47.12
N ALA D 447 25.91 16.80 -48.29
CA ALA D 447 24.57 17.11 -48.82
C ALA D 447 23.48 16.68 -47.85
N LEU D 448 23.63 15.53 -47.22
CA LEU D 448 22.65 15.05 -46.24
C LEU D 448 23.03 15.41 -44.80
N LEU D 449 24.29 15.26 -44.44
CA LEU D 449 24.73 15.55 -43.08
C LEU D 449 26.16 16.06 -43.10
N SER D 450 26.38 17.26 -42.56
CA SER D 450 27.67 17.93 -42.62
C SER D 450 28.25 18.13 -41.23
N LEU D 451 29.55 17.90 -41.11
CA LEU D 451 30.27 18.03 -39.84
C LEU D 451 30.30 19.48 -39.34
#